data_3A2G
# 
_entry.id   3A2G 
# 
_audit_conform.dict_name       mmcif_pdbx.dic 
_audit_conform.dict_version    5.397 
_audit_conform.dict_location   http://mmcif.pdb.org/dictionaries/ascii/mmcif_pdbx.dic 
# 
loop_
_database_2.database_id 
_database_2.database_code 
_database_2.pdbx_database_accession 
_database_2.pdbx_DOI 
PDB   3A2G         pdb_00003a2g 10.2210/pdb3a2g/pdb 
RCSB  RCSB028727   ?            ?                   
WWPDB D_1000028727 ?            ?                   
# 
loop_
_pdbx_audit_revision_history.ordinal 
_pdbx_audit_revision_history.data_content_type 
_pdbx_audit_revision_history.major_revision 
_pdbx_audit_revision_history.minor_revision 
_pdbx_audit_revision_history.revision_date 
1 'Structure model' 1 0 2010-03-02 
2 'Structure model' 1 1 2011-07-13 
3 'Structure model' 1 2 2021-11-10 
4 'Structure model' 1 3 2023-11-01 
5 'Structure model' 1 4 2024-10-30 
# 
_pdbx_audit_revision_details.ordinal             1 
_pdbx_audit_revision_details.revision_ordinal    1 
_pdbx_audit_revision_details.data_content_type   'Structure model' 
_pdbx_audit_revision_details.provider            repository 
_pdbx_audit_revision_details.type                'Initial release' 
_pdbx_audit_revision_details.description         ? 
_pdbx_audit_revision_details.details             ? 
# 
loop_
_pdbx_audit_revision_group.ordinal 
_pdbx_audit_revision_group.revision_ordinal 
_pdbx_audit_revision_group.data_content_type 
_pdbx_audit_revision_group.group 
1 2 'Structure model' 'Version format compliance' 
2 3 'Structure model' 'Database references'       
3 3 'Structure model' 'Derived calculations'      
4 4 'Structure model' 'Data collection'           
5 4 'Structure model' 'Refinement description'    
6 5 'Structure model' 'Structure summary'         
# 
loop_
_pdbx_audit_revision_category.ordinal 
_pdbx_audit_revision_category.revision_ordinal 
_pdbx_audit_revision_category.data_content_type 
_pdbx_audit_revision_category.category 
1  3 'Structure model' database_2                    
2  3 'Structure model' struct_conn                   
3  3 'Structure model' struct_conn_type              
4  3 'Structure model' struct_ref_seq_dif            
5  3 'Structure model' struct_site                   
6  4 'Structure model' chem_comp_atom                
7  4 'Structure model' chem_comp_bond                
8  4 'Structure model' pdbx_initial_refinement_model 
9  5 'Structure model' pdbx_entry_details            
10 5 'Structure model' pdbx_modification_feature     
# 
loop_
_pdbx_audit_revision_item.ordinal 
_pdbx_audit_revision_item.revision_ordinal 
_pdbx_audit_revision_item.data_content_type 
_pdbx_audit_revision_item.item 
1  3 'Structure model' '_database_2.pdbx_DOI'                 
2  3 'Structure model' '_database_2.pdbx_database_accession'  
3  3 'Structure model' '_struct_conn.conn_type_id'            
4  3 'Structure model' '_struct_conn.id'                      
5  3 'Structure model' '_struct_conn.pdbx_dist_value'         
6  3 'Structure model' '_struct_conn.pdbx_leaving_atom_flag'  
7  3 'Structure model' '_struct_conn.pdbx_ptnr1_label_alt_id' 
8  3 'Structure model' '_struct_conn.pdbx_ptnr2_label_alt_id' 
9  3 'Structure model' '_struct_conn.ptnr1_auth_comp_id'      
10 3 'Structure model' '_struct_conn.ptnr1_auth_seq_id'       
11 3 'Structure model' '_struct_conn.ptnr1_label_asym_id'     
12 3 'Structure model' '_struct_conn.ptnr1_label_atom_id'     
13 3 'Structure model' '_struct_conn.ptnr1_label_comp_id'     
14 3 'Structure model' '_struct_conn.ptnr1_label_seq_id'      
15 3 'Structure model' '_struct_conn.ptnr2_auth_comp_id'      
16 3 'Structure model' '_struct_conn.ptnr2_auth_seq_id'       
17 3 'Structure model' '_struct_conn.ptnr2_label_asym_id'     
18 3 'Structure model' '_struct_conn.ptnr2_label_atom_id'     
19 3 'Structure model' '_struct_conn.ptnr2_label_comp_id'     
20 3 'Structure model' '_struct_conn_type.id'                 
21 3 'Structure model' '_struct_ref_seq_dif.details'          
22 3 'Structure model' '_struct_site.pdbx_auth_asym_id'       
23 3 'Structure model' '_struct_site.pdbx_auth_comp_id'       
24 3 'Structure model' '_struct_site.pdbx_auth_seq_id'        
# 
_pdbx_database_status.status_code                     REL 
_pdbx_database_status.entry_id                        3A2G 
_pdbx_database_status.recvd_initial_deposition_date   2009-05-20 
_pdbx_database_status.deposit_site                    PDBJ 
_pdbx_database_status.process_site                    PDBJ 
_pdbx_database_status.status_code_sf                  REL 
_pdbx_database_status.status_code_mr                  ? 
_pdbx_database_status.SG_entry                        ? 
_pdbx_database_status.pdb_format_compatible           Y 
_pdbx_database_status.status_code_cs                  ? 
_pdbx_database_status.status_code_nmr_data            ? 
_pdbx_database_status.methods_development_category    ? 
# 
loop_
_audit_author.name 
_audit_author.pdbx_ordinal 
'Koshiyama, T.' 1 
'Hikage, T.'    2 
'Ueno, T.'      3 
# 
_citation.id                        primary 
_citation.title                     'Modification of porous protein crystals in development of biohybrid materials' 
_citation.journal_abbrev            Bioconjug.Chem. 
_citation.journal_volume            21 
_citation.page_first                264 
_citation.page_last                 269 
_citation.year                      2010 
_citation.journal_id_ASTM           BCCHES 
_citation.country                   US 
_citation.journal_id_ISSN           1043-1802 
_citation.journal_id_CSD            2063 
_citation.book_publisher            ? 
_citation.pdbx_database_id_PubMed   20099839 
_citation.pdbx_database_id_DOI      10.1021/bc9003052 
# 
loop_
_citation_author.citation_id 
_citation_author.name 
_citation_author.ordinal 
_citation_author.identifier_ORCID 
primary 'Koshiyama, T.' 1 ? 
primary 'Kawaba, N.'    2 ? 
primary 'Hikage, T.'    3 ? 
primary 'Shirai, M.'    4 ? 
primary 'Miura, Y.'     5 ? 
primary 'Huang, C.-Y.'  6 ? 
primary 'Tanaka, K.'    7 ? 
primary 'Watanabe, Y.'  8 ? 
primary 'Ueno, T.'      9 ? 
# 
loop_
_entity.id 
_entity.type 
_entity.src_method 
_entity.pdbx_description 
_entity.formula_weight 
_entity.pdbx_number_of_molecules 
_entity.pdbx_ec 
_entity.pdbx_mutation 
_entity.pdbx_fragment 
_entity.details 
1 polymer     man Myoglobin                         17340.111 1   ? K102C ? ? 
2 non-polymer syn 'PROTOPORPHYRIN IX CONTAINING FE' 616.487   1   ? ?     ? ? 
3 non-polymer syn 'SULFATE ION'                     96.063    3   ? ?     ? ? 
4 non-polymer syn GLYCEROL                          92.094    1   ? ?     ? ? 
5 non-polymer syn 1-methylpyrrolidine-2,5-dione     113.115   1   ? ?     ? ? 
6 water       nat water                             18.015    124 ? ?     ? ? 
# 
_entity_poly.entity_id                      1 
_entity_poly.type                           'polypeptide(L)' 
_entity_poly.nstd_linkage                   no 
_entity_poly.nstd_monomer                   no 
_entity_poly.pdbx_seq_one_letter_code       
;MVLSEGEWQLVLHVWAKVEADVAGHGQDILIRLFKSHPETLEKFDRFKHLKTEAEMKASEDLKKHGVTVLTALGAILKKK
GHHEAELKPLAQSHATKHKIPICYLEFISEAIIHVLHSRHPGDFGADAQGAMNKALELFRKDIAAKYKELGYQG
;
_entity_poly.pdbx_seq_one_letter_code_can   
;MVLSEGEWQLVLHVWAKVEADVAGHGQDILIRLFKSHPETLEKFDRFKHLKTEAEMKASEDLKKHGVTVLTALGAILKKK
GHHEAELKPLAQSHATKHKIPICYLEFISEAIIHVLHSRHPGDFGADAQGAMNKALELFRKDIAAKYKELGYQG
;
_entity_poly.pdbx_strand_id                 A 
_entity_poly.pdbx_target_identifier         ? 
# 
loop_
_pdbx_entity_nonpoly.entity_id 
_pdbx_entity_nonpoly.name 
_pdbx_entity_nonpoly.comp_id 
2 'PROTOPORPHYRIN IX CONTAINING FE' HEM 
3 'SULFATE ION'                     SO4 
4 GLYCEROL                          GOL 
5 1-methylpyrrolidine-2,5-dione     LCY 
6 water                             HOH 
# 
loop_
_entity_poly_seq.entity_id 
_entity_poly_seq.num 
_entity_poly_seq.mon_id 
_entity_poly_seq.hetero 
1 1   MET n 
1 2   VAL n 
1 3   LEU n 
1 4   SER n 
1 5   GLU n 
1 6   GLY n 
1 7   GLU n 
1 8   TRP n 
1 9   GLN n 
1 10  LEU n 
1 11  VAL n 
1 12  LEU n 
1 13  HIS n 
1 14  VAL n 
1 15  TRP n 
1 16  ALA n 
1 17  LYS n 
1 18  VAL n 
1 19  GLU n 
1 20  ALA n 
1 21  ASP n 
1 22  VAL n 
1 23  ALA n 
1 24  GLY n 
1 25  HIS n 
1 26  GLY n 
1 27  GLN n 
1 28  ASP n 
1 29  ILE n 
1 30  LEU n 
1 31  ILE n 
1 32  ARG n 
1 33  LEU n 
1 34  PHE n 
1 35  LYS n 
1 36  SER n 
1 37  HIS n 
1 38  PRO n 
1 39  GLU n 
1 40  THR n 
1 41  LEU n 
1 42  GLU n 
1 43  LYS n 
1 44  PHE n 
1 45  ASP n 
1 46  ARG n 
1 47  PHE n 
1 48  LYS n 
1 49  HIS n 
1 50  LEU n 
1 51  LYS n 
1 52  THR n 
1 53  GLU n 
1 54  ALA n 
1 55  GLU n 
1 56  MET n 
1 57  LYS n 
1 58  ALA n 
1 59  SER n 
1 60  GLU n 
1 61  ASP n 
1 62  LEU n 
1 63  LYS n 
1 64  LYS n 
1 65  HIS n 
1 66  GLY n 
1 67  VAL n 
1 68  THR n 
1 69  VAL n 
1 70  LEU n 
1 71  THR n 
1 72  ALA n 
1 73  LEU n 
1 74  GLY n 
1 75  ALA n 
1 76  ILE n 
1 77  LEU n 
1 78  LYS n 
1 79  LYS n 
1 80  LYS n 
1 81  GLY n 
1 82  HIS n 
1 83  HIS n 
1 84  GLU n 
1 85  ALA n 
1 86  GLU n 
1 87  LEU n 
1 88  LYS n 
1 89  PRO n 
1 90  LEU n 
1 91  ALA n 
1 92  GLN n 
1 93  SER n 
1 94  HIS n 
1 95  ALA n 
1 96  THR n 
1 97  LYS n 
1 98  HIS n 
1 99  LYS n 
1 100 ILE n 
1 101 PRO n 
1 102 ILE n 
1 103 CYS n 
1 104 TYR n 
1 105 LEU n 
1 106 GLU n 
1 107 PHE n 
1 108 ILE n 
1 109 SER n 
1 110 GLU n 
1 111 ALA n 
1 112 ILE n 
1 113 ILE n 
1 114 HIS n 
1 115 VAL n 
1 116 LEU n 
1 117 HIS n 
1 118 SER n 
1 119 ARG n 
1 120 HIS n 
1 121 PRO n 
1 122 GLY n 
1 123 ASP n 
1 124 PHE n 
1 125 GLY n 
1 126 ALA n 
1 127 ASP n 
1 128 ALA n 
1 129 GLN n 
1 130 GLY n 
1 131 ALA n 
1 132 MET n 
1 133 ASN n 
1 134 LYS n 
1 135 ALA n 
1 136 LEU n 
1 137 GLU n 
1 138 LEU n 
1 139 PHE n 
1 140 ARG n 
1 141 LYS n 
1 142 ASP n 
1 143 ILE n 
1 144 ALA n 
1 145 ALA n 
1 146 LYS n 
1 147 TYR n 
1 148 LYS n 
1 149 GLU n 
1 150 LEU n 
1 151 GLY n 
1 152 TYR n 
1 153 GLN n 
1 154 GLY n 
# 
_entity_src_gen.entity_id                          1 
_entity_src_gen.pdbx_src_id                        1 
_entity_src_gen.pdbx_alt_source_flag               sample 
_entity_src_gen.pdbx_seq_type                      ? 
_entity_src_gen.pdbx_beg_seq_num                   ? 
_entity_src_gen.pdbx_end_seq_num                   ? 
_entity_src_gen.gene_src_common_name               'Sperm whale' 
_entity_src_gen.gene_src_genus                     ? 
_entity_src_gen.pdbx_gene_src_gene                 MB 
_entity_src_gen.gene_src_species                   ? 
_entity_src_gen.gene_src_strain                    ? 
_entity_src_gen.gene_src_tissue                    ? 
_entity_src_gen.gene_src_tissue_fraction           ? 
_entity_src_gen.gene_src_details                   ? 
_entity_src_gen.pdbx_gene_src_fragment             ? 
_entity_src_gen.pdbx_gene_src_scientific_name      'Physeter catodon' 
_entity_src_gen.pdbx_gene_src_ncbi_taxonomy_id     9755 
_entity_src_gen.pdbx_gene_src_variant              ? 
_entity_src_gen.pdbx_gene_src_cell_line            ? 
_entity_src_gen.pdbx_gene_src_atcc                 ? 
_entity_src_gen.pdbx_gene_src_organ                ? 
_entity_src_gen.pdbx_gene_src_organelle            ? 
_entity_src_gen.pdbx_gene_src_cell                 ? 
_entity_src_gen.pdbx_gene_src_cellular_location    ? 
_entity_src_gen.host_org_common_name               ? 
_entity_src_gen.pdbx_host_org_scientific_name      'Escherichia coli' 
_entity_src_gen.pdbx_host_org_ncbi_taxonomy_id     562 
_entity_src_gen.host_org_genus                     ? 
_entity_src_gen.pdbx_host_org_gene                 ? 
_entity_src_gen.pdbx_host_org_organ                ? 
_entity_src_gen.host_org_species                   ? 
_entity_src_gen.pdbx_host_org_tissue               ? 
_entity_src_gen.pdbx_host_org_tissue_fraction      ? 
_entity_src_gen.pdbx_host_org_strain               TB-1 
_entity_src_gen.pdbx_host_org_variant              ? 
_entity_src_gen.pdbx_host_org_cell_line            ? 
_entity_src_gen.pdbx_host_org_atcc                 ? 
_entity_src_gen.pdbx_host_org_culture_collection   ? 
_entity_src_gen.pdbx_host_org_cell                 ? 
_entity_src_gen.pdbx_host_org_organelle            ? 
_entity_src_gen.pdbx_host_org_cellular_location    ? 
_entity_src_gen.pdbx_host_org_vector_type          PLASMID 
_entity_src_gen.pdbx_host_org_vector               ? 
_entity_src_gen.host_org_details                   ? 
_entity_src_gen.expression_system_id               ? 
_entity_src_gen.plasmid_name                       pUC19 
_entity_src_gen.plasmid_details                    ? 
_entity_src_gen.pdbx_description                   ? 
# 
loop_
_chem_comp.id 
_chem_comp.type 
_chem_comp.mon_nstd_flag 
_chem_comp.name 
_chem_comp.pdbx_synonyms 
_chem_comp.formula 
_chem_comp.formula_weight 
ALA 'L-peptide linking' y ALANINE                           ?                               'C3 H7 N O2'       89.093  
ARG 'L-peptide linking' y ARGININE                          ?                               'C6 H15 N4 O2 1'   175.209 
ASN 'L-peptide linking' y ASPARAGINE                        ?                               'C4 H8 N2 O3'      132.118 
ASP 'L-peptide linking' y 'ASPARTIC ACID'                   ?                               'C4 H7 N O4'       133.103 
CYS 'L-peptide linking' y CYSTEINE                          ?                               'C3 H7 N O2 S'     121.158 
GLN 'L-peptide linking' y GLUTAMINE                         ?                               'C5 H10 N2 O3'     146.144 
GLU 'L-peptide linking' y 'GLUTAMIC ACID'                   ?                               'C5 H9 N O4'       147.129 
GLY 'peptide linking'   y GLYCINE                           ?                               'C2 H5 N O2'       75.067  
GOL non-polymer         . GLYCEROL                          'GLYCERIN; PROPANE-1,2,3-TRIOL' 'C3 H8 O3'         92.094  
HEM non-polymer         . 'PROTOPORPHYRIN IX CONTAINING FE' HEME                            'C34 H32 Fe N4 O4' 616.487 
HIS 'L-peptide linking' y HISTIDINE                         ?                               'C6 H10 N3 O2 1'   156.162 
HOH non-polymer         . WATER                             ?                               'H2 O'             18.015  
ILE 'L-peptide linking' y ISOLEUCINE                        ?                               'C6 H13 N O2'      131.173 
LCY non-polymer         . 1-methylpyrrolidine-2,5-dione     ?                               'C5 H7 N O2'       113.115 
LEU 'L-peptide linking' y LEUCINE                           ?                               'C6 H13 N O2'      131.173 
LYS 'L-peptide linking' y LYSINE                            ?                               'C6 H15 N2 O2 1'   147.195 
MET 'L-peptide linking' y METHIONINE                        ?                               'C5 H11 N O2 S'    149.211 
PHE 'L-peptide linking' y PHENYLALANINE                     ?                               'C9 H11 N O2'      165.189 
PRO 'L-peptide linking' y PROLINE                           ?                               'C5 H9 N O2'       115.130 
SER 'L-peptide linking' y SERINE                            ?                               'C3 H7 N O3'       105.093 
SO4 non-polymer         . 'SULFATE ION'                     ?                               'O4 S -2'          96.063  
THR 'L-peptide linking' y THREONINE                         ?                               'C4 H9 N O3'       119.119 
TRP 'L-peptide linking' y TRYPTOPHAN                        ?                               'C11 H12 N2 O2'    204.225 
TYR 'L-peptide linking' y TYROSINE                          ?                               'C9 H11 N O3'      181.189 
VAL 'L-peptide linking' y VALINE                            ?                               'C5 H11 N O2'      117.146 
# 
loop_
_pdbx_poly_seq_scheme.asym_id 
_pdbx_poly_seq_scheme.entity_id 
_pdbx_poly_seq_scheme.seq_id 
_pdbx_poly_seq_scheme.mon_id 
_pdbx_poly_seq_scheme.ndb_seq_num 
_pdbx_poly_seq_scheme.pdb_seq_num 
_pdbx_poly_seq_scheme.auth_seq_num 
_pdbx_poly_seq_scheme.pdb_mon_id 
_pdbx_poly_seq_scheme.auth_mon_id 
_pdbx_poly_seq_scheme.pdb_strand_id 
_pdbx_poly_seq_scheme.pdb_ins_code 
_pdbx_poly_seq_scheme.hetero 
A 1 1   MET 1   0   0   MET MET A . n 
A 1 2   VAL 2   1   1   VAL VAL A . n 
A 1 3   LEU 3   2   2   LEU LEU A . n 
A 1 4   SER 4   3   3   SER SER A . n 
A 1 5   GLU 5   4   4   GLU GLU A . n 
A 1 6   GLY 6   5   5   GLY GLY A . n 
A 1 7   GLU 7   6   6   GLU GLU A . n 
A 1 8   TRP 8   7   7   TRP TRP A . n 
A 1 9   GLN 9   8   8   GLN GLN A . n 
A 1 10  LEU 10  9   9   LEU LEU A . n 
A 1 11  VAL 11  10  10  VAL VAL A . n 
A 1 12  LEU 12  11  11  LEU LEU A . n 
A 1 13  HIS 13  12  12  HIS HIS A . n 
A 1 14  VAL 14  13  13  VAL VAL A . n 
A 1 15  TRP 15  14  14  TRP TRP A . n 
A 1 16  ALA 16  15  15  ALA ALA A . n 
A 1 17  LYS 17  16  16  LYS LYS A . n 
A 1 18  VAL 18  17  17  VAL VAL A . n 
A 1 19  GLU 19  18  18  GLU GLU A . n 
A 1 20  ALA 20  19  19  ALA ALA A . n 
A 1 21  ASP 21  20  20  ASP ASP A . n 
A 1 22  VAL 22  21  21  VAL VAL A . n 
A 1 23  ALA 23  22  22  ALA ALA A . n 
A 1 24  GLY 24  23  23  GLY GLY A . n 
A 1 25  HIS 25  24  24  HIS HIS A . n 
A 1 26  GLY 26  25  25  GLY GLY A . n 
A 1 27  GLN 27  26  26  GLN GLN A . n 
A 1 28  ASP 28  27  27  ASP ASP A . n 
A 1 29  ILE 29  28  28  ILE ILE A . n 
A 1 30  LEU 30  29  29  LEU LEU A . n 
A 1 31  ILE 31  30  30  ILE ILE A . n 
A 1 32  ARG 32  31  31  ARG ARG A . n 
A 1 33  LEU 33  32  32  LEU LEU A . n 
A 1 34  PHE 34  33  33  PHE PHE A . n 
A 1 35  LYS 35  34  34  LYS LYS A . n 
A 1 36  SER 36  35  35  SER SER A . n 
A 1 37  HIS 37  36  36  HIS HIS A . n 
A 1 38  PRO 38  37  37  PRO PRO A . n 
A 1 39  GLU 39  38  38  GLU GLU A . n 
A 1 40  THR 40  39  39  THR THR A . n 
A 1 41  LEU 41  40  40  LEU LEU A . n 
A 1 42  GLU 42  41  41  GLU GLU A . n 
A 1 43  LYS 43  42  42  LYS LYS A . n 
A 1 44  PHE 44  43  43  PHE PHE A . n 
A 1 45  ASP 45  44  44  ASP ASP A . n 
A 1 46  ARG 46  45  45  ARG ARG A . n 
A 1 47  PHE 47  46  46  PHE PHE A . n 
A 1 48  LYS 48  47  47  LYS LYS A . n 
A 1 49  HIS 49  48  48  HIS HIS A . n 
A 1 50  LEU 50  49  49  LEU LEU A . n 
A 1 51  LYS 51  50  50  LYS LYS A . n 
A 1 52  THR 52  51  51  THR THR A . n 
A 1 53  GLU 53  52  52  GLU GLU A . n 
A 1 54  ALA 54  53  53  ALA ALA A . n 
A 1 55  GLU 55  54  54  GLU GLU A . n 
A 1 56  MET 56  55  55  MET MET A . n 
A 1 57  LYS 57  56  56  LYS LYS A . n 
A 1 58  ALA 58  57  57  ALA ALA A . n 
A 1 59  SER 59  58  58  SER SER A . n 
A 1 60  GLU 60  59  59  GLU GLU A . n 
A 1 61  ASP 61  60  60  ASP ASP A . n 
A 1 62  LEU 62  61  61  LEU LEU A . n 
A 1 63  LYS 63  62  62  LYS LYS A . n 
A 1 64  LYS 64  63  63  LYS ALA A . n 
A 1 65  HIS 65  64  64  HIS HIS A . n 
A 1 66  GLY 66  65  65  GLY GLY A . n 
A 1 67  VAL 67  66  66  VAL VAL A . n 
A 1 68  THR 68  67  67  THR THR A . n 
A 1 69  VAL 69  68  68  VAL VAL A . n 
A 1 70  LEU 70  69  69  LEU LEU A . n 
A 1 71  THR 71  70  70  THR THR A . n 
A 1 72  ALA 72  71  71  ALA ALA A . n 
A 1 73  LEU 73  72  72  LEU LEU A . n 
A 1 74  GLY 74  73  73  GLY GLY A . n 
A 1 75  ALA 75  74  74  ALA ALA A . n 
A 1 76  ILE 76  75  75  ILE ILE A . n 
A 1 77  LEU 77  76  76  LEU LEU A . n 
A 1 78  LYS 78  77  77  LYS LYS A . n 
A 1 79  LYS 79  78  78  LYS LYS A . n 
A 1 80  LYS 80  79  79  LYS LYS A . n 
A 1 81  GLY 81  80  80  GLY GLY A . n 
A 1 82  HIS 82  81  81  HIS HIS A . n 
A 1 83  HIS 83  82  82  HIS HIS A . n 
A 1 84  GLU 84  83  83  GLU GLU A . n 
A 1 85  ALA 85  84  84  ALA ALA A . n 
A 1 86  GLU 86  85  85  GLU GLU A . n 
A 1 87  LEU 87  86  86  LEU LEU A . n 
A 1 88  LYS 88  87  87  LYS LYS A . n 
A 1 89  PRO 89  88  88  PRO PRO A . n 
A 1 90  LEU 90  89  89  LEU LEU A . n 
A 1 91  ALA 91  90  90  ALA ALA A . n 
A 1 92  GLN 92  91  91  GLN GLN A . n 
A 1 93  SER 93  92  92  SER SER A . n 
A 1 94  HIS 94  93  93  HIS HIS A . n 
A 1 95  ALA 95  94  94  ALA ALA A . n 
A 1 96  THR 96  95  95  THR THR A . n 
A 1 97  LYS 97  96  96  LYS LYS A . n 
A 1 98  HIS 98  97  97  HIS HIS A . n 
A 1 99  LYS 99  98  98  LYS ALA A . n 
A 1 100 ILE 100 99  99  ILE ILE A . n 
A 1 101 PRO 101 100 100 PRO PRO A . n 
A 1 102 ILE 102 101 101 ILE ILE A . n 
A 1 103 CYS 103 102 102 CYS LCY A . n 
A 1 104 TYR 104 103 103 TYR TYR A . n 
A 1 105 LEU 105 104 104 LEU LEU A . n 
A 1 106 GLU 106 105 105 GLU GLU A . n 
A 1 107 PHE 107 106 106 PHE PHE A . n 
A 1 108 ILE 108 107 107 ILE ILE A . n 
A 1 109 SER 109 108 108 SER SER A . n 
A 1 110 GLU 110 109 109 GLU GLU A . n 
A 1 111 ALA 111 110 110 ALA ALA A . n 
A 1 112 ILE 112 111 111 ILE ILE A . n 
A 1 113 ILE 113 112 112 ILE ILE A . n 
A 1 114 HIS 114 113 113 HIS HIS A . n 
A 1 115 VAL 115 114 114 VAL VAL A . n 
A 1 116 LEU 116 115 115 LEU LEU A . n 
A 1 117 HIS 117 116 116 HIS HIS A . n 
A 1 118 SER 118 117 117 SER SER A . n 
A 1 119 ARG 119 118 118 ARG ARG A . n 
A 1 120 HIS 120 119 119 HIS HIS A . n 
A 1 121 PRO 121 120 120 PRO PRO A . n 
A 1 122 GLY 122 121 121 GLY GLY A . n 
A 1 123 ASP 123 122 122 ASP ASN A . n 
A 1 124 PHE 124 123 123 PHE PHE A . n 
A 1 125 GLY 125 124 124 GLY GLY A . n 
A 1 126 ALA 126 125 125 ALA ALA A . n 
A 1 127 ASP 127 126 126 ASP ASP A . n 
A 1 128 ALA 128 127 127 ALA ALA A . n 
A 1 129 GLN 129 128 128 GLN GLN A . n 
A 1 130 GLY 130 129 129 GLY GLY A . n 
A 1 131 ALA 131 130 130 ALA ALA A . n 
A 1 132 MET 132 131 131 MET MET A . n 
A 1 133 ASN 133 132 132 ASN ASN A . n 
A 1 134 LYS 134 133 133 LYS LYS A . n 
A 1 135 ALA 135 134 134 ALA ALA A . n 
A 1 136 LEU 136 135 135 LEU LEU A . n 
A 1 137 GLU 137 136 136 GLU GLU A . n 
A 1 138 LEU 138 137 137 LEU LEU A . n 
A 1 139 PHE 139 138 138 PHE PHE A . n 
A 1 140 ARG 140 139 139 ARG ARG A . n 
A 1 141 LYS 141 140 140 LYS LYS A . n 
A 1 142 ASP 142 141 141 ASP ASP A . n 
A 1 143 ILE 143 142 142 ILE ILE A . n 
A 1 144 ALA 144 143 143 ALA ALA A . n 
A 1 145 ALA 145 144 144 ALA ALA A . n 
A 1 146 LYS 146 145 145 LYS LYS A . n 
A 1 147 TYR 147 146 146 TYR TYR A . n 
A 1 148 LYS 148 147 147 LYS ALA A . n 
A 1 149 GLU 149 148 148 GLU GLU A . n 
A 1 150 LEU 150 149 149 LEU LEU A . n 
A 1 151 GLY 151 150 150 GLY GLY A . n 
A 1 152 TYR 152 151 151 TYR TYR A . n 
A 1 153 GLN 153 152 152 GLN ALA A . n 
A 1 154 GLY 154 153 153 GLY GLY A . n 
# 
loop_
_pdbx_nonpoly_scheme.asym_id 
_pdbx_nonpoly_scheme.entity_id 
_pdbx_nonpoly_scheme.mon_id 
_pdbx_nonpoly_scheme.ndb_seq_num 
_pdbx_nonpoly_scheme.pdb_seq_num 
_pdbx_nonpoly_scheme.auth_seq_num 
_pdbx_nonpoly_scheme.pdb_mon_id 
_pdbx_nonpoly_scheme.auth_mon_id 
_pdbx_nonpoly_scheme.pdb_strand_id 
_pdbx_nonpoly_scheme.pdb_ins_code 
B 2 HEM 1   154 154 HEM HEM A . 
C 3 SO4 1   155 1   SO4 SO4 A . 
D 3 SO4 1   156 2   SO4 SO4 A . 
E 3 SO4 1   157 3   SO4 SO4 A . 
F 4 GOL 1   158 1   GOL GOL A . 
G 5 LCY 1   200 102 LCY LCY A . 
H 6 HOH 1   159 1   HOH HOH A . 
H 6 HOH 2   160 2   HOH HOH A . 
H 6 HOH 3   161 3   HOH HOH A . 
H 6 HOH 4   162 4   HOH HOH A . 
H 6 HOH 5   163 5   HOH HOH A . 
H 6 HOH 6   164 6   HOH HOH A . 
H 6 HOH 7   165 7   HOH HOH A . 
H 6 HOH 8   166 8   HOH HOH A . 
H 6 HOH 9   167 9   HOH HOH A . 
H 6 HOH 10  168 10  HOH HOH A . 
H 6 HOH 11  169 11  HOH HOH A . 
H 6 HOH 12  170 12  HOH HOH A . 
H 6 HOH 13  171 13  HOH HOH A . 
H 6 HOH 14  172 14  HOH HOH A . 
H 6 HOH 15  173 15  HOH HOH A . 
H 6 HOH 16  174 16  HOH HOH A . 
H 6 HOH 17  175 17  HOH HOH A . 
H 6 HOH 18  176 18  HOH HOH A . 
H 6 HOH 19  177 19  HOH HOH A . 
H 6 HOH 20  178 20  HOH HOH A . 
H 6 HOH 21  179 21  HOH HOH A . 
H 6 HOH 22  180 22  HOH HOH A . 
H 6 HOH 23  181 23  HOH HOH A . 
H 6 HOH 24  182 24  HOH HOH A . 
H 6 HOH 25  183 25  HOH HOH A . 
H 6 HOH 26  184 26  HOH HOH A . 
H 6 HOH 27  185 27  HOH HOH A . 
H 6 HOH 28  186 28  HOH HOH A . 
H 6 HOH 29  187 29  HOH HOH A . 
H 6 HOH 30  188 30  HOH HOH A . 
H 6 HOH 31  189 31  HOH HOH A . 
H 6 HOH 32  190 32  HOH HOH A . 
H 6 HOH 33  191 33  HOH HOH A . 
H 6 HOH 34  192 34  HOH HOH A . 
H 6 HOH 35  193 35  HOH HOH A . 
H 6 HOH 36  194 36  HOH HOH A . 
H 6 HOH 37  195 37  HOH HOH A . 
H 6 HOH 38  196 38  HOH HOH A . 
H 6 HOH 39  197 39  HOH HOH A . 
H 6 HOH 40  198 40  HOH HOH A . 
H 6 HOH 41  199 41  HOH HOH A . 
H 6 HOH 42  201 42  HOH HOH A . 
H 6 HOH 43  202 43  HOH HOH A . 
H 6 HOH 44  203 44  HOH HOH A . 
H 6 HOH 45  204 45  HOH HOH A . 
H 6 HOH 46  205 46  HOH HOH A . 
H 6 HOH 47  206 47  HOH HOH A . 
H 6 HOH 48  207 48  HOH HOH A . 
H 6 HOH 49  208 49  HOH HOH A . 
H 6 HOH 50  209 50  HOH HOH A . 
H 6 HOH 51  210 51  HOH HOH A . 
H 6 HOH 52  211 52  HOH HOH A . 
H 6 HOH 53  212 53  HOH HOH A . 
H 6 HOH 54  213 54  HOH HOH A . 
H 6 HOH 55  214 55  HOH HOH A . 
H 6 HOH 56  215 56  HOH HOH A . 
H 6 HOH 57  216 57  HOH HOH A . 
H 6 HOH 58  217 58  HOH HOH A . 
H 6 HOH 59  218 59  HOH HOH A . 
H 6 HOH 60  219 60  HOH HOH A . 
H 6 HOH 61  220 61  HOH HOH A . 
H 6 HOH 62  221 62  HOH HOH A . 
H 6 HOH 63  222 63  HOH HOH A . 
H 6 HOH 64  223 64  HOH HOH A . 
H 6 HOH 65  224 65  HOH HOH A . 
H 6 HOH 66  225 66  HOH HOH A . 
H 6 HOH 67  226 67  HOH HOH A . 
H 6 HOH 68  227 68  HOH HOH A . 
H 6 HOH 69  228 69  HOH HOH A . 
H 6 HOH 70  229 70  HOH HOH A . 
H 6 HOH 71  230 71  HOH HOH A . 
H 6 HOH 72  231 72  HOH HOH A . 
H 6 HOH 73  232 73  HOH HOH A . 
H 6 HOH 74  233 74  HOH HOH A . 
H 6 HOH 75  234 75  HOH HOH A . 
H 6 HOH 76  235 76  HOH HOH A . 
H 6 HOH 77  236 77  HOH HOH A . 
H 6 HOH 78  237 78  HOH HOH A . 
H 6 HOH 79  238 79  HOH HOH A . 
H 6 HOH 80  239 80  HOH HOH A . 
H 6 HOH 81  240 81  HOH HOH A . 
H 6 HOH 82  241 82  HOH HOH A . 
H 6 HOH 83  242 83  HOH HOH A . 
H 6 HOH 84  243 84  HOH HOH A . 
H 6 HOH 85  244 85  HOH HOH A . 
H 6 HOH 86  245 86  HOH HOH A . 
H 6 HOH 87  246 87  HOH HOH A . 
H 6 HOH 88  247 88  HOH HOH A . 
H 6 HOH 89  248 89  HOH HOH A . 
H 6 HOH 90  249 90  HOH HOH A . 
H 6 HOH 91  250 91  HOH HOH A . 
H 6 HOH 92  251 92  HOH HOH A . 
H 6 HOH 93  252 93  HOH HOH A . 
H 6 HOH 94  253 94  HOH HOH A . 
H 6 HOH 95  254 95  HOH HOH A . 
H 6 HOH 96  255 96  HOH HOH A . 
H 6 HOH 97  256 97  HOH HOH A . 
H 6 HOH 98  257 98  HOH HOH A . 
H 6 HOH 99  258 99  HOH HOH A . 
H 6 HOH 100 259 100 HOH HOH A . 
H 6 HOH 101 260 101 HOH HOH A . 
H 6 HOH 102 261 102 HOH HOH A . 
H 6 HOH 103 262 103 HOH HOH A . 
H 6 HOH 104 263 104 HOH HOH A . 
H 6 HOH 105 264 105 HOH HOH A . 
H 6 HOH 106 265 106 HOH HOH A . 
H 6 HOH 107 266 107 HOH HOH A . 
H 6 HOH 108 267 108 HOH HOH A . 
H 6 HOH 109 268 109 HOH HOH A . 
H 6 HOH 110 269 110 HOH HOH A . 
H 6 HOH 111 270 111 HOH HOH A . 
H 6 HOH 112 271 112 HOH HOH A . 
H 6 HOH 113 272 113 HOH HOH A . 
H 6 HOH 114 273 114 HOH HOH A . 
H 6 HOH 115 274 115 HOH HOH A . 
H 6 HOH 116 275 116 HOH HOH A . 
H 6 HOH 117 276 117 HOH HOH A . 
H 6 HOH 118 277 118 HOH HOH A . 
H 6 HOH 119 278 119 HOH HOH A . 
H 6 HOH 120 279 120 HOH HOH A . 
H 6 HOH 121 280 121 HOH HOH A . 
H 6 HOH 122 281 122 HOH HOH A . 
H 6 HOH 123 282 123 HOH HOH A . 
H 6 HOH 124 283 124 HOH HOH A . 
# 
loop_
_pdbx_unobs_or_zero_occ_atoms.id 
_pdbx_unobs_or_zero_occ_atoms.PDB_model_num 
_pdbx_unobs_or_zero_occ_atoms.polymer_flag 
_pdbx_unobs_or_zero_occ_atoms.occupancy_flag 
_pdbx_unobs_or_zero_occ_atoms.auth_asym_id 
_pdbx_unobs_or_zero_occ_atoms.auth_comp_id 
_pdbx_unobs_or_zero_occ_atoms.auth_seq_id 
_pdbx_unobs_or_zero_occ_atoms.PDB_ins_code 
_pdbx_unobs_or_zero_occ_atoms.auth_atom_id 
_pdbx_unobs_or_zero_occ_atoms.label_alt_id 
_pdbx_unobs_or_zero_occ_atoms.label_asym_id 
_pdbx_unobs_or_zero_occ_atoms.label_comp_id 
_pdbx_unobs_or_zero_occ_atoms.label_seq_id 
_pdbx_unobs_or_zero_occ_atoms.label_atom_id 
1  1 Y 1 A LYS 63  ? CG  ? A LYS 64  CG  
2  1 Y 1 A LYS 63  ? CD  ? A LYS 64  CD  
3  1 Y 1 A LYS 63  ? CE  ? A LYS 64  CE  
4  1 Y 1 A LYS 63  ? NZ  ? A LYS 64  NZ  
5  1 Y 1 A LYS 98  ? CG  ? A LYS 99  CG  
6  1 Y 1 A LYS 98  ? CD  ? A LYS 99  CD  
7  1 Y 1 A LYS 98  ? CE  ? A LYS 99  CE  
8  1 Y 1 A LYS 98  ? NZ  ? A LYS 99  NZ  
9  1 Y 1 A LYS 147 ? CG  ? A LYS 148 CG  
10 1 Y 1 A LYS 147 ? CD  ? A LYS 148 CD  
11 1 Y 1 A LYS 147 ? CE  ? A LYS 148 CE  
12 1 Y 1 A LYS 147 ? NZ  ? A LYS 148 NZ  
13 1 Y 1 A GLN 152 ? CG  ? A GLN 153 CG  
14 1 Y 1 A GLN 152 ? CD  ? A GLN 153 CD  
15 1 Y 1 A GLN 152 ? OE1 ? A GLN 153 OE1 
16 1 Y 1 A GLN 152 ? NE2 ? A GLN 153 NE2 
# 
loop_
_software.name 
_software.classification 
_software.version 
_software.citation_id 
_software.pdbx_ordinal 
REFMAC    refinement        5.2.0019 ? 1 
HKL-2000  'data collection' .        ? 2 
SCALEPACK 'data scaling'    .        ? 3 
MOLREP    phasing           .        ? 4 
# 
_cell.entry_id           3A2G 
_cell.length_a           90.409 
_cell.length_b           90.409 
_cell.length_c           45.320 
_cell.angle_alpha        90.00 
_cell.angle_beta         90.00 
_cell.angle_gamma        120.00 
_cell.Z_PDB              6 
_cell.pdbx_unique_axis   ? 
_cell.length_a_esd       ? 
_cell.length_b_esd       ? 
_cell.length_c_esd       ? 
_cell.angle_alpha_esd    ? 
_cell.angle_beta_esd     ? 
_cell.angle_gamma_esd    ? 
# 
_symmetry.entry_id                         3A2G 
_symmetry.space_group_name_H-M             'P 6' 
_symmetry.pdbx_full_space_group_name_H-M   ? 
_symmetry.cell_setting                     ? 
_symmetry.Int_Tables_number                168 
_symmetry.space_group_name_Hall            ? 
# 
_exptl.entry_id          3A2G 
_exptl.method            'X-RAY DIFFRACTION' 
_exptl.crystals_number   1 
# 
_exptl_crystal.id                    1 
_exptl_crystal.density_meas          ? 
_exptl_crystal.density_Matthews      3.08 
_exptl_crystal.density_percent_sol   60.11 
_exptl_crystal.description           ? 
_exptl_crystal.F_000                 ? 
_exptl_crystal.preparation           ? 
# 
_exptl_crystal_grow.crystal_id      1 
_exptl_crystal_grow.method          'VAPOR DIFFUSION, SITTING DROP' 
_exptl_crystal_grow.temp            277 
_exptl_crystal_grow.temp_details    ? 
_exptl_crystal_grow.pH              9.0 
_exptl_crystal_grow.pdbx_details    
'2.6M ammonium sulfate in 20mM Tris-HCl, pH9.0, VAPOR DIFFUSION, SITTING DROP, temperature 277K' 
_exptl_crystal_grow.pdbx_pH_range   . 
# 
_diffrn.id                     1 
_diffrn.ambient_temp           100 
_diffrn.ambient_temp_details   ? 
_diffrn.crystal_id             1 
# 
_diffrn_detector.diffrn_id              1 
_diffrn_detector.detector               CCD 
_diffrn_detector.type                   'RIGAKU JUPITER 210' 
_diffrn_detector.pdbx_collection_date   2009-02-12 
_diffrn_detector.details                ? 
# 
_diffrn_radiation.diffrn_id                        1 
_diffrn_radiation.wavelength_id                    1 
_diffrn_radiation.pdbx_monochromatic_or_laue_m_l   M 
_diffrn_radiation.monochromator                    ? 
_diffrn_radiation.pdbx_diffrn_protocol             'SINGLE WAVELENGTH' 
_diffrn_radiation.pdbx_scattering_type             x-ray 
# 
_diffrn_radiation_wavelength.id           1 
_diffrn_radiation_wavelength.wavelength   1 
_diffrn_radiation_wavelength.wt           1.0 
# 
_diffrn_source.diffrn_id                   1 
_diffrn_source.source                      SYNCHROTRON 
_diffrn_source.type                        'SPRING-8 BEAMLINE BL38B1' 
_diffrn_source.pdbx_synchrotron_site       SPring-8 
_diffrn_source.pdbx_synchrotron_beamline   BL38B1 
_diffrn_source.pdbx_wavelength             ? 
_diffrn_source.pdbx_wavelength_list        1 
# 
_reflns.entry_id                     3A2G 
_reflns.observed_criterion_sigma_F   ? 
_reflns.observed_criterion_sigma_I   ? 
_reflns.d_resolution_high            1.75 
_reflns.d_resolution_low             30.00 
_reflns.number_all                   ? 
_reflns.number_obs                   21588 
_reflns.percent_possible_obs         100.0 
_reflns.pdbx_Rmerge_I_obs            0.092 
_reflns.pdbx_Rsym_value              ? 
_reflns.pdbx_netI_over_sigmaI        30.0 
_reflns.B_iso_Wilson_estimate        ? 
_reflns.pdbx_redundancy              5.5 
_reflns.R_free_details               ? 
_reflns.limit_h_max                  ? 
_reflns.limit_h_min                  ? 
_reflns.limit_k_max                  ? 
_reflns.limit_k_min                  ? 
_reflns.limit_l_max                  ? 
_reflns.limit_l_min                  ? 
_reflns.observed_criterion_F_max     ? 
_reflns.observed_criterion_F_min     ? 
_reflns.pdbx_chi_squared             ? 
_reflns.pdbx_scaling_rejects         ? 
_reflns.pdbx_diffrn_id               1 
_reflns.pdbx_ordinal                 1 
# 
_reflns_shell.d_res_high             1.75 
_reflns_shell.d_res_low              1.81 
_reflns_shell.percent_possible_all   99.9 
_reflns_shell.Rmerge_I_obs           0.304 
_reflns_shell.pdbx_Rsym_value        ? 
_reflns_shell.meanI_over_sigI_obs    5.4 
_reflns_shell.pdbx_redundancy        5.4 
_reflns_shell.percent_possible_obs   ? 
_reflns_shell.number_unique_all      ? 
_reflns_shell.number_measured_all    ? 
_reflns_shell.number_measured_obs    ? 
_reflns_shell.number_unique_obs      ? 
_reflns_shell.pdbx_chi_squared       ? 
_reflns_shell.pdbx_diffrn_id         ? 
_reflns_shell.pdbx_ordinal           1 
# 
_refine.entry_id                                 3A2G 
_refine.ls_number_reflns_obs                     20470 
_refine.ls_number_reflns_all                     ? 
_refine.pdbx_ls_sigma_I                          ? 
_refine.pdbx_ls_sigma_F                          ? 
_refine.pdbx_data_cutoff_high_absF               ? 
_refine.pdbx_data_cutoff_low_absF                ? 
_refine.pdbx_data_cutoff_high_rms_absF           ? 
_refine.ls_d_res_low                             22.61 
_refine.ls_d_res_high                            1.75 
_refine.ls_percent_reflns_obs                    99.86 
_refine.ls_R_factor_obs                          0.17869 
_refine.ls_R_factor_all                          ? 
_refine.ls_R_factor_R_work                       0.17771 
_refine.ls_R_factor_R_free                       0.19746 
_refine.ls_R_factor_R_free_error                 ? 
_refine.ls_R_factor_R_free_error_details         ? 
_refine.ls_percent_reflns_R_free                 5.1 
_refine.ls_number_reflns_R_free                  1103 
_refine.ls_number_parameters                     ? 
_refine.ls_number_restraints                     ? 
_refine.occupancy_min                            ? 
_refine.occupancy_max                            ? 
_refine.correlation_coeff_Fo_to_Fc               0.950 
_refine.correlation_coeff_Fo_to_Fc_free          0.938 
_refine.B_iso_mean                               12.602 
_refine.aniso_B[1][1]                            0.00 
_refine.aniso_B[2][2]                            0.00 
_refine.aniso_B[3][3]                            0.00 
_refine.aniso_B[1][2]                            0.00 
_refine.aniso_B[1][3]                            0.00 
_refine.aniso_B[2][3]                            0.00 
_refine.solvent_model_details                    MASK 
_refine.solvent_model_param_ksol                 ? 
_refine.solvent_model_param_bsol                 ? 
_refine.pdbx_solvent_vdw_probe_radii             1.20 
_refine.pdbx_solvent_ion_probe_radii             0.80 
_refine.pdbx_solvent_shrinkage_radii             0.80 
_refine.pdbx_ls_cross_valid_method               THROUGHOUT 
_refine.details                                  'HYDROGENS HAVE BEEN ADDED IN THE RIDING POSITIONS' 
_refine.pdbx_starting_model                      'PDB ENTRY 2MBW' 
_refine.pdbx_method_to_determine_struct          'MOLECULAR REPLACEMENT' 
_refine.pdbx_isotropic_thermal_model             ? 
_refine.pdbx_stereochemistry_target_values       'MAXIMUM LIKELIHOOD' 
_refine.pdbx_stereochem_target_val_spec_case     ? 
_refine.pdbx_R_Free_selection_details            RANDOM 
_refine.pdbx_overall_ESU_R                       0.098 
_refine.pdbx_overall_ESU_R_Free                  0.092 
_refine.overall_SU_ML                            0.052 
_refine.overall_SU_B                             1.534 
_refine.ls_redundancy_reflns_obs                 ? 
_refine.B_iso_min                                ? 
_refine.B_iso_max                                ? 
_refine.overall_SU_R_Cruickshank_DPI             ? 
_refine.overall_SU_R_free                        ? 
_refine.ls_wR_factor_R_free                      ? 
_refine.ls_wR_factor_R_work                      ? 
_refine.overall_FOM_free_R_set                   ? 
_refine.overall_FOM_work_R_set                   ? 
_refine.pdbx_refine_id                           'X-RAY DIFFRACTION' 
_refine.pdbx_overall_phase_error                 ? 
_refine.pdbx_diffrn_id                           1 
_refine.pdbx_TLS_residual_ADP_flag               ? 
_refine.pdbx_overall_SU_R_free_Cruickshank_DPI   ? 
_refine.pdbx_overall_SU_R_Blow_DPI               ? 
_refine.pdbx_overall_SU_R_free_Blow_DPI          ? 
# 
_refine_hist.pdbx_refine_id                   'X-RAY DIFFRACTION' 
_refine_hist.cycle_id                         LAST 
_refine_hist.pdbx_number_atoms_protein        1208 
_refine_hist.pdbx_number_atoms_nucleic_acid   0 
_refine_hist.pdbx_number_atoms_ligand         80 
_refine_hist.number_atoms_solvent             124 
_refine_hist.number_atoms_total               1412 
_refine_hist.d_res_high                       1.75 
_refine_hist.d_res_low                        22.61 
# 
loop_
_refine_ls_restr.type 
_refine_ls_restr.dev_ideal 
_refine_ls_restr.dev_ideal_target 
_refine_ls_restr.weight 
_refine_ls_restr.number 
_refine_ls_restr.pdbx_refine_id 
_refine_ls_restr.pdbx_restraint_function 
r_bond_refined_d         0.011  0.021  ? 1323 'X-RAY DIFFRACTION' ? 
r_angle_refined_deg      1.348  2.083  ? 1803 'X-RAY DIFFRACTION' ? 
r_dihedral_angle_1_deg   4.572  5.000  ? 155  'X-RAY DIFFRACTION' ? 
r_dihedral_angle_2_deg   34.396 24.151 ? 53   'X-RAY DIFFRACTION' ? 
r_dihedral_angle_3_deg   13.360 15.000 ? 221  'X-RAY DIFFRACTION' ? 
r_dihedral_angle_4_deg   14.308 15.000 ? 4    'X-RAY DIFFRACTION' ? 
r_chiral_restr           0.083  0.200  ? 186  'X-RAY DIFFRACTION' ? 
r_gen_planes_refined     0.005  0.020  ? 986  'X-RAY DIFFRACTION' ? 
r_nbd_refined            0.198  0.200  ? 669  'X-RAY DIFFRACTION' ? 
r_nbtor_refined          0.306  0.200  ? 888  'X-RAY DIFFRACTION' ? 
r_xyhbond_nbd_refined    0.099  0.200  ? 116  'X-RAY DIFFRACTION' ? 
r_symmetry_vdw_refined   0.206  0.200  ? 34   'X-RAY DIFFRACTION' ? 
r_symmetry_hbond_refined 0.079  0.200  ? 13   'X-RAY DIFFRACTION' ? 
r_mcbond_it              0.591  1.500  ? 782  'X-RAY DIFFRACTION' ? 
r_mcangle_it             0.972  2.000  ? 1217 'X-RAY DIFFRACTION' ? 
r_scbond_it              1.887  3.000  ? 600  'X-RAY DIFFRACTION' ? 
r_scangle_it             2.937  4.500  ? 583  'X-RAY DIFFRACTION' ? 
# 
_refine_ls_shell.pdbx_total_number_of_bins_used   20 
_refine_ls_shell.d_res_high                       1.747 
_refine_ls_shell.d_res_low                        1.793 
_refine_ls_shell.number_reflns_R_work             1467 
_refine_ls_shell.R_factor_R_work                  0.189 
_refine_ls_shell.percent_reflns_obs               98.22 
_refine_ls_shell.R_factor_R_free                  0.22 
_refine_ls_shell.R_factor_R_free_error            ? 
_refine_ls_shell.percent_reflns_R_free            ? 
_refine_ls_shell.number_reflns_R_free             82 
_refine_ls_shell.number_reflns_all                ? 
_refine_ls_shell.R_factor_all                     ? 
_refine_ls_shell.number_reflns_obs                ? 
_refine_ls_shell.redundancy_reflns_obs            ? 
_refine_ls_shell.pdbx_refine_id                   'X-RAY DIFFRACTION' 
# 
_struct.entry_id                  3A2G 
_struct.title                     'Crystal Structure of K102C-Myoglobin conjugated with Fluorescein' 
_struct.pdbx_model_details        ? 
_struct.pdbx_CASP_flag            ? 
_struct.pdbx_model_type_details   ? 
# 
_struct_keywords.entry_id        3A2G 
_struct_keywords.pdbx_keywords   'OXYGEN TRANSPORT' 
_struct_keywords.text            'Oxygen Storage/Transport, OXYGEN TRANSPORT, Heme, Iron, Metal-binding, Muscle protein, Transport' 
# 
loop_
_struct_asym.id 
_struct_asym.pdbx_blank_PDB_chainid_flag 
_struct_asym.pdbx_modified 
_struct_asym.entity_id 
_struct_asym.details 
A N N 1 ? 
B N N 2 ? 
C N N 3 ? 
D N N 3 ? 
E N N 3 ? 
F N N 4 ? 
G N N 5 ? 
H N N 6 ? 
# 
_struct_ref.id                         1 
_struct_ref.db_name                    UNP 
_struct_ref.db_code                    MYG_PHYCA 
_struct_ref.pdbx_db_accession          P02185 
_struct_ref.entity_id                  1 
_struct_ref.pdbx_seq_one_letter_code   
;MVLSEGEWQLVLHVWAKVEADVAGHGQDILIRLFKSHPETLEKFDRFKHLKTEAEMKASEDLKKHGVTVLTALGAILKKK
GHHEAELKPLAQSHATKHKIPIKYLEFISEAIIHVLHSRHPGDFGADAQGAMNKALELFRKDIAAKYKELGYQG
;
_struct_ref.pdbx_align_begin           1 
_struct_ref.pdbx_db_isoform            ? 
# 
_struct_ref_seq.align_id                      1 
_struct_ref_seq.ref_id                        1 
_struct_ref_seq.pdbx_PDB_id_code              3A2G 
_struct_ref_seq.pdbx_strand_id                A 
_struct_ref_seq.seq_align_beg                 1 
_struct_ref_seq.pdbx_seq_align_beg_ins_code   ? 
_struct_ref_seq.seq_align_end                 154 
_struct_ref_seq.pdbx_seq_align_end_ins_code   ? 
_struct_ref_seq.pdbx_db_accession             P02185 
_struct_ref_seq.db_align_beg                  1 
_struct_ref_seq.pdbx_db_align_beg_ins_code    ? 
_struct_ref_seq.db_align_end                  154 
_struct_ref_seq.pdbx_db_align_end_ins_code    ? 
_struct_ref_seq.pdbx_auth_seq_align_beg       0 
_struct_ref_seq.pdbx_auth_seq_align_end       153 
# 
_struct_ref_seq_dif.align_id                     1 
_struct_ref_seq_dif.pdbx_pdb_id_code             3A2G 
_struct_ref_seq_dif.mon_id                       CYS 
_struct_ref_seq_dif.pdbx_pdb_strand_id           A 
_struct_ref_seq_dif.seq_num                      103 
_struct_ref_seq_dif.pdbx_pdb_ins_code            ? 
_struct_ref_seq_dif.pdbx_seq_db_name             UNP 
_struct_ref_seq_dif.pdbx_seq_db_accession_code   P02185 
_struct_ref_seq_dif.db_mon_id                    LYS 
_struct_ref_seq_dif.pdbx_seq_db_seq_num          103 
_struct_ref_seq_dif.details                      'engineered mutation' 
_struct_ref_seq_dif.pdbx_auth_seq_num            102 
_struct_ref_seq_dif.pdbx_ordinal                 1 
# 
_pdbx_struct_assembly.id                   1 
_pdbx_struct_assembly.details              author_and_software_defined_assembly 
_pdbx_struct_assembly.method_details       PISA 
_pdbx_struct_assembly.oligomeric_details   monomeric 
_pdbx_struct_assembly.oligomeric_count     1 
# 
_pdbx_struct_assembly_gen.assembly_id       1 
_pdbx_struct_assembly_gen.oper_expression   1 
_pdbx_struct_assembly_gen.asym_id_list      A,B,C,D,E,F,G,H 
# 
_pdbx_struct_oper_list.id                   1 
_pdbx_struct_oper_list.type                 'identity operation' 
_pdbx_struct_oper_list.name                 1_555 
_pdbx_struct_oper_list.symmetry_operation   x,y,z 
_pdbx_struct_oper_list.matrix[1][1]         1.0000000000 
_pdbx_struct_oper_list.matrix[1][2]         0.0000000000 
_pdbx_struct_oper_list.matrix[1][3]         0.0000000000 
_pdbx_struct_oper_list.vector[1]            0.0000000000 
_pdbx_struct_oper_list.matrix[2][1]         0.0000000000 
_pdbx_struct_oper_list.matrix[2][2]         1.0000000000 
_pdbx_struct_oper_list.matrix[2][3]         0.0000000000 
_pdbx_struct_oper_list.vector[2]            0.0000000000 
_pdbx_struct_oper_list.matrix[3][1]         0.0000000000 
_pdbx_struct_oper_list.matrix[3][2]         0.0000000000 
_pdbx_struct_oper_list.matrix[3][3]         1.0000000000 
_pdbx_struct_oper_list.vector[3]            0.0000000000 
# 
_struct_biol.id        1 
_struct_biol.details   ? 
# 
loop_
_struct_conf.conf_type_id 
_struct_conf.id 
_struct_conf.pdbx_PDB_helix_id 
_struct_conf.beg_label_comp_id 
_struct_conf.beg_label_asym_id 
_struct_conf.beg_label_seq_id 
_struct_conf.pdbx_beg_PDB_ins_code 
_struct_conf.end_label_comp_id 
_struct_conf.end_label_asym_id 
_struct_conf.end_label_seq_id 
_struct_conf.pdbx_end_PDB_ins_code 
_struct_conf.beg_auth_comp_id 
_struct_conf.beg_auth_asym_id 
_struct_conf.beg_auth_seq_id 
_struct_conf.end_auth_comp_id 
_struct_conf.end_auth_asym_id 
_struct_conf.end_auth_seq_id 
_struct_conf.pdbx_PDB_helix_class 
_struct_conf.details 
_struct_conf.pdbx_PDB_helix_length 
HELX_P HELX_P1 1 SER A 4   ? GLU A 19  ? SER A 3   GLU A 18  1 ? 16 
HELX_P HELX_P2 2 ASP A 21  ? HIS A 37  ? ASP A 20  HIS A 36  1 ? 17 
HELX_P HELX_P3 3 PRO A 38  ? PHE A 44  ? PRO A 37  PHE A 43  5 ? 7  
HELX_P HELX_P4 4 THR A 52  ? SER A 59  ? THR A 51  SER A 58  1 ? 8  
HELX_P HELX_P5 5 SER A 59  ? LYS A 79  ? SER A 58  LYS A 78  1 ? 21 
HELX_P HELX_P6 6 HIS A 83  ? LYS A 97  ? HIS A 82  LYS A 96  1 ? 15 
HELX_P HELX_P7 7 PRO A 101 ? HIS A 120 ? PRO A 100 HIS A 119 1 ? 20 
HELX_P HELX_P8 8 GLY A 125 ? GLY A 151 ? GLY A 124 GLY A 150 1 ? 27 
# 
_struct_conf_type.id          HELX_P 
_struct_conf_type.criteria    ? 
_struct_conf_type.reference   ? 
# 
loop_
_struct_conn.id 
_struct_conn.conn_type_id 
_struct_conn.pdbx_leaving_atom_flag 
_struct_conn.pdbx_PDB_id 
_struct_conn.ptnr1_label_asym_id 
_struct_conn.ptnr1_label_comp_id 
_struct_conn.ptnr1_label_seq_id 
_struct_conn.ptnr1_label_atom_id 
_struct_conn.pdbx_ptnr1_label_alt_id 
_struct_conn.pdbx_ptnr1_PDB_ins_code 
_struct_conn.pdbx_ptnr1_standard_comp_id 
_struct_conn.ptnr1_symmetry 
_struct_conn.ptnr2_label_asym_id 
_struct_conn.ptnr2_label_comp_id 
_struct_conn.ptnr2_label_seq_id 
_struct_conn.ptnr2_label_atom_id 
_struct_conn.pdbx_ptnr2_label_alt_id 
_struct_conn.pdbx_ptnr2_PDB_ins_code 
_struct_conn.ptnr1_auth_asym_id 
_struct_conn.ptnr1_auth_comp_id 
_struct_conn.ptnr1_auth_seq_id 
_struct_conn.ptnr2_auth_asym_id 
_struct_conn.ptnr2_auth_comp_id 
_struct_conn.ptnr2_auth_seq_id 
_struct_conn.ptnr2_symmetry 
_struct_conn.pdbx_ptnr3_label_atom_id 
_struct_conn.pdbx_ptnr3_label_seq_id 
_struct_conn.pdbx_ptnr3_label_comp_id 
_struct_conn.pdbx_ptnr3_label_asym_id 
_struct_conn.pdbx_ptnr3_label_alt_id 
_struct_conn.pdbx_ptnr3_PDB_ins_code 
_struct_conn.details 
_struct_conn.pdbx_dist_value 
_struct_conn.pdbx_value_order 
_struct_conn.pdbx_role 
covale1 covale none ? A CYS 103 SG  A ? ? 1_555 G LCY . C1 A ? A CYS 102 A LCY 200 1_555 ? ? ? ? ? ? ? 1.776 ? ? 
covale2 covale none ? A CYS 103 SG  B ? ? 1_555 G LCY . C1 B ? A CYS 102 A LCY 200 1_555 ? ? ? ? ? ? ? 1.781 ? ? 
metalc1 metalc ?    ? A HIS 94  NE2 ? ? ? 1_555 B HEM . FE ? ? A HIS 93  A HEM 154 1_555 ? ? ? ? ? ? ? 2.067 ? ? 
metalc2 metalc ?    ? B HEM .   FE  ? ? ? 1_555 H HOH . O  ? ? A HEM 154 A HOH 255 1_555 ? ? ? ? ? ? ? 2.148 ? ? 
# 
loop_
_struct_conn_type.id 
_struct_conn_type.criteria 
_struct_conn_type.reference 
covale ? ? 
metalc ? ? 
# 
loop_
_pdbx_struct_conn_angle.id 
_pdbx_struct_conn_angle.ptnr1_label_atom_id 
_pdbx_struct_conn_angle.ptnr1_label_alt_id 
_pdbx_struct_conn_angle.ptnr1_label_asym_id 
_pdbx_struct_conn_angle.ptnr1_label_comp_id 
_pdbx_struct_conn_angle.ptnr1_label_seq_id 
_pdbx_struct_conn_angle.ptnr1_auth_atom_id 
_pdbx_struct_conn_angle.ptnr1_auth_asym_id 
_pdbx_struct_conn_angle.ptnr1_auth_comp_id 
_pdbx_struct_conn_angle.ptnr1_auth_seq_id 
_pdbx_struct_conn_angle.ptnr1_PDB_ins_code 
_pdbx_struct_conn_angle.ptnr1_symmetry 
_pdbx_struct_conn_angle.ptnr2_label_atom_id 
_pdbx_struct_conn_angle.ptnr2_label_alt_id 
_pdbx_struct_conn_angle.ptnr2_label_asym_id 
_pdbx_struct_conn_angle.ptnr2_label_comp_id 
_pdbx_struct_conn_angle.ptnr2_label_seq_id 
_pdbx_struct_conn_angle.ptnr2_auth_atom_id 
_pdbx_struct_conn_angle.ptnr2_auth_asym_id 
_pdbx_struct_conn_angle.ptnr2_auth_comp_id 
_pdbx_struct_conn_angle.ptnr2_auth_seq_id 
_pdbx_struct_conn_angle.ptnr2_PDB_ins_code 
_pdbx_struct_conn_angle.ptnr2_symmetry 
_pdbx_struct_conn_angle.ptnr3_label_atom_id 
_pdbx_struct_conn_angle.ptnr3_label_alt_id 
_pdbx_struct_conn_angle.ptnr3_label_asym_id 
_pdbx_struct_conn_angle.ptnr3_label_comp_id 
_pdbx_struct_conn_angle.ptnr3_label_seq_id 
_pdbx_struct_conn_angle.ptnr3_auth_atom_id 
_pdbx_struct_conn_angle.ptnr3_auth_asym_id 
_pdbx_struct_conn_angle.ptnr3_auth_comp_id 
_pdbx_struct_conn_angle.ptnr3_auth_seq_id 
_pdbx_struct_conn_angle.ptnr3_PDB_ins_code 
_pdbx_struct_conn_angle.ptnr3_symmetry 
_pdbx_struct_conn_angle.value 
_pdbx_struct_conn_angle.value_esd 
1  NE2 ? A HIS 94 ? A HIS 93  ? 1_555 FE ? B HEM . ? A HEM 154 ? 1_555 NA ? B HEM . ? A HEM 154 ? 1_555 90.3  ? 
2  NE2 ? A HIS 94 ? A HIS 93  ? 1_555 FE ? B HEM . ? A HEM 154 ? 1_555 NB ? B HEM . ? A HEM 154 ? 1_555 93.4  ? 
3  NA  ? B HEM .  ? A HEM 154 ? 1_555 FE ? B HEM . ? A HEM 154 ? 1_555 NB ? B HEM . ? A HEM 154 ? 1_555 89.3  ? 
4  NE2 ? A HIS 94 ? A HIS 93  ? 1_555 FE ? B HEM . ? A HEM 154 ? 1_555 NC ? B HEM . ? A HEM 154 ? 1_555 94.1  ? 
5  NA  ? B HEM .  ? A HEM 154 ? 1_555 FE ? B HEM . ? A HEM 154 ? 1_555 NC ? B HEM . ? A HEM 154 ? 1_555 175.4 ? 
6  NB  ? B HEM .  ? A HEM 154 ? 1_555 FE ? B HEM . ? A HEM 154 ? 1_555 NC ? B HEM . ? A HEM 154 ? 1_555 89.0  ? 
7  NE2 ? A HIS 94 ? A HIS 93  ? 1_555 FE ? B HEM . ? A HEM 154 ? 1_555 ND ? B HEM . ? A HEM 154 ? 1_555 91.3  ? 
8  NA  ? B HEM .  ? A HEM 154 ? 1_555 FE ? B HEM . ? A HEM 154 ? 1_555 ND ? B HEM . ? A HEM 154 ? 1_555 90.8  ? 
9  NB  ? B HEM .  ? A HEM 154 ? 1_555 FE ? B HEM . ? A HEM 154 ? 1_555 ND ? B HEM . ? A HEM 154 ? 1_555 175.2 ? 
10 NC  ? B HEM .  ? A HEM 154 ? 1_555 FE ? B HEM . ? A HEM 154 ? 1_555 ND ? B HEM . ? A HEM 154 ? 1_555 90.5  ? 
11 NE2 ? A HIS 94 ? A HIS 93  ? 1_555 FE ? B HEM . ? A HEM 154 ? 1_555 O  ? H HOH . ? A HOH 255 ? 1_555 177.9 ? 
12 NA  ? B HEM .  ? A HEM 154 ? 1_555 FE ? B HEM . ? A HEM 154 ? 1_555 O  ? H HOH . ? A HOH 255 ? 1_555 91.7  ? 
13 NB  ? B HEM .  ? A HEM 154 ? 1_555 FE ? B HEM . ? A HEM 154 ? 1_555 O  ? H HOH . ? A HOH 255 ? 1_555 87.0  ? 
14 NC  ? B HEM .  ? A HEM 154 ? 1_555 FE ? B HEM . ? A HEM 154 ? 1_555 O  ? H HOH . ? A HOH 255 ? 1_555 83.9  ? 
15 ND  ? B HEM .  ? A HEM 154 ? 1_555 FE ? B HEM . ? A HEM 154 ? 1_555 O  ? H HOH . ? A HOH 255 ? 1_555 88.3  ? 
# 
loop_
_pdbx_modification_feature.ordinal 
_pdbx_modification_feature.label_comp_id 
_pdbx_modification_feature.label_asym_id 
_pdbx_modification_feature.label_seq_id 
_pdbx_modification_feature.label_alt_id 
_pdbx_modification_feature.modified_residue_label_comp_id 
_pdbx_modification_feature.modified_residue_label_asym_id 
_pdbx_modification_feature.modified_residue_label_seq_id 
_pdbx_modification_feature.modified_residue_label_alt_id 
_pdbx_modification_feature.auth_comp_id 
_pdbx_modification_feature.auth_asym_id 
_pdbx_modification_feature.auth_seq_id 
_pdbx_modification_feature.PDB_ins_code 
_pdbx_modification_feature.symmetry 
_pdbx_modification_feature.modified_residue_auth_comp_id 
_pdbx_modification_feature.modified_residue_auth_asym_id 
_pdbx_modification_feature.modified_residue_auth_seq_id 
_pdbx_modification_feature.modified_residue_PDB_ins_code 
_pdbx_modification_feature.modified_residue_symmetry 
_pdbx_modification_feature.comp_id_linking_atom 
_pdbx_modification_feature.modified_residue_id_linking_atom 
_pdbx_modification_feature.modified_residue_id 
_pdbx_modification_feature.ref_pcm_id 
_pdbx_modification_feature.ref_comp_id 
_pdbx_modification_feature.type 
_pdbx_modification_feature.category 
1 LCY G . A CYS A 103 A LCY A 200 ? 1_555 CYS A 102 ? 1_555 C1 SG CYS 1 LCY None 'Covalent chemical modification' 
2 LCY G . B CYS A 103 B LCY A 200 ? 1_555 CYS A 102 ? 1_555 C1 SG CYS 1 LCY None 'Covalent chemical modification' 
# 
loop_
_struct_site.id 
_struct_site.pdbx_evidence_code 
_struct_site.pdbx_auth_asym_id 
_struct_site.pdbx_auth_comp_id 
_struct_site.pdbx_auth_seq_id 
_struct_site.pdbx_auth_ins_code 
_struct_site.pdbx_num_residues 
_struct_site.details 
AC1 Software A HEM 154 ? 19 'BINDING SITE FOR RESIDUE HEM A 154' 
AC2 Software A SO4 155 ? 4  'BINDING SITE FOR RESIDUE SO4 A 155' 
AC3 Software A SO4 156 ? 7  'BINDING SITE FOR RESIDUE SO4 A 156' 
AC4 Software A SO4 157 ? 7  'BINDING SITE FOR RESIDUE SO4 A 157' 
AC5 Software A GOL 158 ? 9  'BINDING SITE FOR RESIDUE GOL A 158' 
AC6 Software A LCY 200 ? 5  'BINDING SITE FOR RESIDUE LCY A 200' 
# 
loop_
_struct_site_gen.id 
_struct_site_gen.site_id 
_struct_site_gen.pdbx_num_res 
_struct_site_gen.label_comp_id 
_struct_site_gen.label_asym_id 
_struct_site_gen.label_seq_id 
_struct_site_gen.pdbx_auth_ins_code 
_struct_site_gen.auth_comp_id 
_struct_site_gen.auth_asym_id 
_struct_site_gen.auth_seq_id 
_struct_site_gen.label_atom_id 
_struct_site_gen.label_alt_id 
_struct_site_gen.symmetry 
_struct_site_gen.details 
1  AC1 19 LYS A 43  ? LYS A 42  . ? 1_555 ? 
2  AC1 19 PHE A 44  ? PHE A 43  . ? 1_555 ? 
3  AC1 19 ARG A 46  ? ARG A 45  . ? 1_555 ? 
4  AC1 19 HIS A 65  ? HIS A 64  . ? 1_555 ? 
5  AC1 19 THR A 68  ? THR A 67  . ? 1_555 ? 
6  AC1 19 ALA A 72  ? ALA A 71  . ? 1_555 ? 
7  AC1 19 LEU A 90  ? LEU A 89  . ? 1_555 ? 
8  AC1 19 SER A 93  ? SER A 92  . ? 1_555 ? 
9  AC1 19 HIS A 94  ? HIS A 93  . ? 1_555 ? 
10 AC1 19 HIS A 98  ? HIS A 97  . ? 1_555 ? 
11 AC1 19 ILE A 100 ? ILE A 99  . ? 1_555 ? 
12 AC1 19 TYR A 104 ? TYR A 103 . ? 1_555 ? 
13 AC1 19 LEU A 105 ? LEU A 104 . ? 1_555 ? 
14 AC1 19 HOH H .   ? HOH A 178 . ? 1_555 ? 
15 AC1 19 HOH H .   ? HOH A 192 . ? 1_555 ? 
16 AC1 19 HOH H .   ? HOH A 202 . ? 1_555 ? 
17 AC1 19 HOH H .   ? HOH A 236 . ? 1_555 ? 
18 AC1 19 HOH H .   ? HOH A 254 . ? 1_555 ? 
19 AC1 19 HOH H .   ? HOH A 255 . ? 1_555 ? 
20 AC2 4  ARG A 46  ? ARG A 45  . ? 1_555 ? 
21 AC2 4  HIS A 65  ? HIS A 64  . ? 1_555 ? 
22 AC2 4  THR A 68  ? THR A 67  . ? 1_555 ? 
23 AC2 4  HOH H .   ? HOH A 254 . ? 1_555 ? 
24 AC3 7  LYS A 88  ? LYS A 87  . ? 4_665 ? 
25 AC3 7  GLY A 125 ? GLY A 124 . ? 2_665 ? 
26 AC3 7  ALA A 126 ? ALA A 125 . ? 2_665 ? 
27 AC3 7  ASP A 127 ? ASP A 126 . ? 2_665 ? 
28 AC3 7  GOL F .   ? GOL A 158 . ? 2_665 ? 
29 AC3 7  HOH H .   ? HOH A 260 . ? 4_665 ? 
30 AC3 7  HOH H .   ? HOH A 266 . ? 1_555 ? 
31 AC4 7  SER A 4   ? SER A 3   . ? 1_556 ? 
32 AC4 7  GLU A 5   ? GLU A 4   . ? 1_556 ? 
33 AC4 7  THR A 52  ? THR A 51  . ? 1_555 ? 
34 AC4 7  GLU A 53  ? GLU A 52  . ? 1_555 ? 
35 AC4 7  ALA A 54  ? ALA A 53  . ? 1_555 ? 
36 AC4 7  HOH H .   ? HOH A 185 . ? 1_556 ? 
37 AC4 7  HOH H .   ? HOH A 232 . ? 1_555 ? 
38 AC5 9  GLY A 122 ? GLY A 121 . ? 1_555 ? 
39 AC5 9  ASP A 123 ? ASP A 122 . ? 1_555 ? 
40 AC5 9  PHE A 124 ? PHE A 123 . ? 1_555 ? 
41 AC5 9  GLY A 125 ? GLY A 124 . ? 1_555 ? 
42 AC5 9  ASP A 127 ? ASP A 126 . ? 1_555 ? 
43 AC5 9  ALA A 128 ? ALA A 127 . ? 1_555 ? 
44 AC5 9  SO4 D .   ? SO4 A 156 . ? 3_565 ? 
45 AC5 9  HOH H .   ? HOH A 244 . ? 3_565 ? 
46 AC5 9  HOH H .   ? HOH A 245 . ? 3_565 ? 
47 AC6 5  PRO A 101 ? PRO A 100 . ? 1_555 ? 
48 AC6 5  CYS A 103 ? CYS A 102 . ? 1_555 ? 
49 AC6 5  TYR A 104 ? TYR A 103 . ? 1_555 ? 
50 AC6 5  PHE A 107 ? PHE A 106 . ? 1_555 ? 
51 AC6 5  HOH H .   ? HOH A 219 . ? 1_555 ? 
# 
_pdbx_entry_details.entry_id                   3A2G 
_pdbx_entry_details.compound_details           ? 
_pdbx_entry_details.source_details             ? 
_pdbx_entry_details.nonpolymer_details         ? 
_pdbx_entry_details.sequence_details           ? 
_pdbx_entry_details.has_ligand_of_interest     ? 
_pdbx_entry_details.has_protein_modification   Y 
# 
_pdbx_validate_rmsd_angle.id                         1 
_pdbx_validate_rmsd_angle.PDB_model_num              1 
_pdbx_validate_rmsd_angle.auth_atom_id_1             NE 
_pdbx_validate_rmsd_angle.auth_asym_id_1             A 
_pdbx_validate_rmsd_angle.auth_comp_id_1             ARG 
_pdbx_validate_rmsd_angle.auth_seq_id_1              118 
_pdbx_validate_rmsd_angle.PDB_ins_code_1             ? 
_pdbx_validate_rmsd_angle.label_alt_id_1             ? 
_pdbx_validate_rmsd_angle.auth_atom_id_2             CZ 
_pdbx_validate_rmsd_angle.auth_asym_id_2             A 
_pdbx_validate_rmsd_angle.auth_comp_id_2             ARG 
_pdbx_validate_rmsd_angle.auth_seq_id_2              118 
_pdbx_validate_rmsd_angle.PDB_ins_code_2             ? 
_pdbx_validate_rmsd_angle.label_alt_id_2             ? 
_pdbx_validate_rmsd_angle.auth_atom_id_3             NH2 
_pdbx_validate_rmsd_angle.auth_asym_id_3             A 
_pdbx_validate_rmsd_angle.auth_comp_id_3             ARG 
_pdbx_validate_rmsd_angle.auth_seq_id_3              118 
_pdbx_validate_rmsd_angle.PDB_ins_code_3             ? 
_pdbx_validate_rmsd_angle.label_alt_id_3             ? 
_pdbx_validate_rmsd_angle.angle_value                123.88 
_pdbx_validate_rmsd_angle.angle_target_value         120.30 
_pdbx_validate_rmsd_angle.angle_deviation            3.58 
_pdbx_validate_rmsd_angle.angle_standard_deviation   0.50 
_pdbx_validate_rmsd_angle.linker_flag                N 
# 
loop_
_pdbx_validate_torsion.id 
_pdbx_validate_torsion.PDB_model_num 
_pdbx_validate_torsion.auth_comp_id 
_pdbx_validate_torsion.auth_asym_id 
_pdbx_validate_torsion.auth_seq_id 
_pdbx_validate_torsion.PDB_ins_code 
_pdbx_validate_torsion.label_alt_id 
_pdbx_validate_torsion.phi 
_pdbx_validate_torsion.psi 
1 1 ASP A 20 ? ? -162.89 73.72 
2 1 HIS A 81 ? ? -90.93  59.04 
# 
loop_
_chem_comp_atom.comp_id 
_chem_comp_atom.atom_id 
_chem_comp_atom.type_symbol 
_chem_comp_atom.pdbx_aromatic_flag 
_chem_comp_atom.pdbx_stereo_config 
_chem_comp_atom.pdbx_ordinal 
ALA N    N  N N 1   
ALA CA   C  N S 2   
ALA C    C  N N 3   
ALA O    O  N N 4   
ALA CB   C  N N 5   
ALA OXT  O  N N 6   
ALA H    H  N N 7   
ALA H2   H  N N 8   
ALA HA   H  N N 9   
ALA HB1  H  N N 10  
ALA HB2  H  N N 11  
ALA HB3  H  N N 12  
ALA HXT  H  N N 13  
ARG N    N  N N 14  
ARG CA   C  N S 15  
ARG C    C  N N 16  
ARG O    O  N N 17  
ARG CB   C  N N 18  
ARG CG   C  N N 19  
ARG CD   C  N N 20  
ARG NE   N  N N 21  
ARG CZ   C  N N 22  
ARG NH1  N  N N 23  
ARG NH2  N  N N 24  
ARG OXT  O  N N 25  
ARG H    H  N N 26  
ARG H2   H  N N 27  
ARG HA   H  N N 28  
ARG HB2  H  N N 29  
ARG HB3  H  N N 30  
ARG HG2  H  N N 31  
ARG HG3  H  N N 32  
ARG HD2  H  N N 33  
ARG HD3  H  N N 34  
ARG HE   H  N N 35  
ARG HH11 H  N N 36  
ARG HH12 H  N N 37  
ARG HH21 H  N N 38  
ARG HH22 H  N N 39  
ARG HXT  H  N N 40  
ASN N    N  N N 41  
ASN CA   C  N S 42  
ASN C    C  N N 43  
ASN O    O  N N 44  
ASN CB   C  N N 45  
ASN CG   C  N N 46  
ASN OD1  O  N N 47  
ASN ND2  N  N N 48  
ASN OXT  O  N N 49  
ASN H    H  N N 50  
ASN H2   H  N N 51  
ASN HA   H  N N 52  
ASN HB2  H  N N 53  
ASN HB3  H  N N 54  
ASN HD21 H  N N 55  
ASN HD22 H  N N 56  
ASN HXT  H  N N 57  
ASP N    N  N N 58  
ASP CA   C  N S 59  
ASP C    C  N N 60  
ASP O    O  N N 61  
ASP CB   C  N N 62  
ASP CG   C  N N 63  
ASP OD1  O  N N 64  
ASP OD2  O  N N 65  
ASP OXT  O  N N 66  
ASP H    H  N N 67  
ASP H2   H  N N 68  
ASP HA   H  N N 69  
ASP HB2  H  N N 70  
ASP HB3  H  N N 71  
ASP HD2  H  N N 72  
ASP HXT  H  N N 73  
CYS N    N  N N 74  
CYS CA   C  N R 75  
CYS C    C  N N 76  
CYS O    O  N N 77  
CYS CB   C  N N 78  
CYS SG   S  N N 79  
CYS OXT  O  N N 80  
CYS H    H  N N 81  
CYS H2   H  N N 82  
CYS HA   H  N N 83  
CYS HB2  H  N N 84  
CYS HB3  H  N N 85  
CYS HG   H  N N 86  
CYS HXT  H  N N 87  
GLN N    N  N N 88  
GLN CA   C  N S 89  
GLN C    C  N N 90  
GLN O    O  N N 91  
GLN CB   C  N N 92  
GLN CG   C  N N 93  
GLN CD   C  N N 94  
GLN OE1  O  N N 95  
GLN NE2  N  N N 96  
GLN OXT  O  N N 97  
GLN H    H  N N 98  
GLN H2   H  N N 99  
GLN HA   H  N N 100 
GLN HB2  H  N N 101 
GLN HB3  H  N N 102 
GLN HG2  H  N N 103 
GLN HG3  H  N N 104 
GLN HE21 H  N N 105 
GLN HE22 H  N N 106 
GLN HXT  H  N N 107 
GLU N    N  N N 108 
GLU CA   C  N S 109 
GLU C    C  N N 110 
GLU O    O  N N 111 
GLU CB   C  N N 112 
GLU CG   C  N N 113 
GLU CD   C  N N 114 
GLU OE1  O  N N 115 
GLU OE2  O  N N 116 
GLU OXT  O  N N 117 
GLU H    H  N N 118 
GLU H2   H  N N 119 
GLU HA   H  N N 120 
GLU HB2  H  N N 121 
GLU HB3  H  N N 122 
GLU HG2  H  N N 123 
GLU HG3  H  N N 124 
GLU HE2  H  N N 125 
GLU HXT  H  N N 126 
GLY N    N  N N 127 
GLY CA   C  N N 128 
GLY C    C  N N 129 
GLY O    O  N N 130 
GLY OXT  O  N N 131 
GLY H    H  N N 132 
GLY H2   H  N N 133 
GLY HA2  H  N N 134 
GLY HA3  H  N N 135 
GLY HXT  H  N N 136 
GOL C1   C  N N 137 
GOL O1   O  N N 138 
GOL C2   C  N N 139 
GOL O2   O  N N 140 
GOL C3   C  N N 141 
GOL O3   O  N N 142 
GOL H11  H  N N 143 
GOL H12  H  N N 144 
GOL HO1  H  N N 145 
GOL H2   H  N N 146 
GOL HO2  H  N N 147 
GOL H31  H  N N 148 
GOL H32  H  N N 149 
GOL HO3  H  N N 150 
HEM CHA  C  N N 151 
HEM CHB  C  N N 152 
HEM CHC  C  N N 153 
HEM CHD  C  N N 154 
HEM C1A  C  Y N 155 
HEM C2A  C  Y N 156 
HEM C3A  C  Y N 157 
HEM C4A  C  Y N 158 
HEM CMA  C  N N 159 
HEM CAA  C  N N 160 
HEM CBA  C  N N 161 
HEM CGA  C  N N 162 
HEM O1A  O  N N 163 
HEM O2A  O  N N 164 
HEM C1B  C  N N 165 
HEM C2B  C  N N 166 
HEM C3B  C  N N 167 
HEM C4B  C  N N 168 
HEM CMB  C  N N 169 
HEM CAB  C  N N 170 
HEM CBB  C  N N 171 
HEM C1C  C  Y N 172 
HEM C2C  C  Y N 173 
HEM C3C  C  Y N 174 
HEM C4C  C  Y N 175 
HEM CMC  C  N N 176 
HEM CAC  C  N N 177 
HEM CBC  C  N N 178 
HEM C1D  C  N N 179 
HEM C2D  C  N N 180 
HEM C3D  C  N N 181 
HEM C4D  C  N N 182 
HEM CMD  C  N N 183 
HEM CAD  C  N N 184 
HEM CBD  C  N N 185 
HEM CGD  C  N N 186 
HEM O1D  O  N N 187 
HEM O2D  O  N N 188 
HEM NA   N  Y N 189 
HEM NB   N  N N 190 
HEM NC   N  Y N 191 
HEM ND   N  N N 192 
HEM FE   FE N N 193 
HEM HHB  H  N N 194 
HEM HHC  H  N N 195 
HEM HHD  H  N N 196 
HEM HMA  H  N N 197 
HEM HMAA H  N N 198 
HEM HMAB H  N N 199 
HEM HAA  H  N N 200 
HEM HAAA H  N N 201 
HEM HBA  H  N N 202 
HEM HBAA H  N N 203 
HEM HMB  H  N N 204 
HEM HMBA H  N N 205 
HEM HMBB H  N N 206 
HEM HAB  H  N N 207 
HEM HBB  H  N N 208 
HEM HBBA H  N N 209 
HEM HMC  H  N N 210 
HEM HMCA H  N N 211 
HEM HMCB H  N N 212 
HEM HAC  H  N N 213 
HEM HBC  H  N N 214 
HEM HBCA H  N N 215 
HEM HMD  H  N N 216 
HEM HMDA H  N N 217 
HEM HMDB H  N N 218 
HEM HAD  H  N N 219 
HEM HADA H  N N 220 
HEM HBD  H  N N 221 
HEM HBDA H  N N 222 
HEM H2A  H  N N 223 
HEM H2D  H  N N 224 
HEM HHA  H  N N 225 
HIS N    N  N N 226 
HIS CA   C  N S 227 
HIS C    C  N N 228 
HIS O    O  N N 229 
HIS CB   C  N N 230 
HIS CG   C  Y N 231 
HIS ND1  N  Y N 232 
HIS CD2  C  Y N 233 
HIS CE1  C  Y N 234 
HIS NE2  N  Y N 235 
HIS OXT  O  N N 236 
HIS H    H  N N 237 
HIS H2   H  N N 238 
HIS HA   H  N N 239 
HIS HB2  H  N N 240 
HIS HB3  H  N N 241 
HIS HD1  H  N N 242 
HIS HD2  H  N N 243 
HIS HE1  H  N N 244 
HIS HE2  H  N N 245 
HIS HXT  H  N N 246 
HOH O    O  N N 247 
HOH H1   H  N N 248 
HOH H2   H  N N 249 
ILE N    N  N N 250 
ILE CA   C  N S 251 
ILE C    C  N N 252 
ILE O    O  N N 253 
ILE CB   C  N S 254 
ILE CG1  C  N N 255 
ILE CG2  C  N N 256 
ILE CD1  C  N N 257 
ILE OXT  O  N N 258 
ILE H    H  N N 259 
ILE H2   H  N N 260 
ILE HA   H  N N 261 
ILE HB   H  N N 262 
ILE HG12 H  N N 263 
ILE HG13 H  N N 264 
ILE HG21 H  N N 265 
ILE HG22 H  N N 266 
ILE HG23 H  N N 267 
ILE HD11 H  N N 268 
ILE HD12 H  N N 269 
ILE HD13 H  N N 270 
ILE HXT  H  N N 271 
LCY C1   C  N N 272 
LCY C2   C  N N 273 
LCY C3   C  N N 274 
LCY O2   O  N N 275 
LCY N1   N  N N 276 
LCY C4   C  N N 277 
LCY O1   O  N N 278 
LCY C5   C  N N 279 
LCY H1   H  N N 280 
LCY H1A  H  N N 281 
LCY H2   H  N N 282 
LCY H2A  H  N N 283 
LCY H5   H  N N 284 
LCY H5A  H  N N 285 
LCY H5B  H  N N 286 
LEU N    N  N N 287 
LEU CA   C  N S 288 
LEU C    C  N N 289 
LEU O    O  N N 290 
LEU CB   C  N N 291 
LEU CG   C  N N 292 
LEU CD1  C  N N 293 
LEU CD2  C  N N 294 
LEU OXT  O  N N 295 
LEU H    H  N N 296 
LEU H2   H  N N 297 
LEU HA   H  N N 298 
LEU HB2  H  N N 299 
LEU HB3  H  N N 300 
LEU HG   H  N N 301 
LEU HD11 H  N N 302 
LEU HD12 H  N N 303 
LEU HD13 H  N N 304 
LEU HD21 H  N N 305 
LEU HD22 H  N N 306 
LEU HD23 H  N N 307 
LEU HXT  H  N N 308 
LYS N    N  N N 309 
LYS CA   C  N S 310 
LYS C    C  N N 311 
LYS O    O  N N 312 
LYS CB   C  N N 313 
LYS CG   C  N N 314 
LYS CD   C  N N 315 
LYS CE   C  N N 316 
LYS NZ   N  N N 317 
LYS OXT  O  N N 318 
LYS H    H  N N 319 
LYS H2   H  N N 320 
LYS HA   H  N N 321 
LYS HB2  H  N N 322 
LYS HB3  H  N N 323 
LYS HG2  H  N N 324 
LYS HG3  H  N N 325 
LYS HD2  H  N N 326 
LYS HD3  H  N N 327 
LYS HE2  H  N N 328 
LYS HE3  H  N N 329 
LYS HZ1  H  N N 330 
LYS HZ2  H  N N 331 
LYS HZ3  H  N N 332 
LYS HXT  H  N N 333 
MET N    N  N N 334 
MET CA   C  N S 335 
MET C    C  N N 336 
MET O    O  N N 337 
MET CB   C  N N 338 
MET CG   C  N N 339 
MET SD   S  N N 340 
MET CE   C  N N 341 
MET OXT  O  N N 342 
MET H    H  N N 343 
MET H2   H  N N 344 
MET HA   H  N N 345 
MET HB2  H  N N 346 
MET HB3  H  N N 347 
MET HG2  H  N N 348 
MET HG3  H  N N 349 
MET HE1  H  N N 350 
MET HE2  H  N N 351 
MET HE3  H  N N 352 
MET HXT  H  N N 353 
PHE N    N  N N 354 
PHE CA   C  N S 355 
PHE C    C  N N 356 
PHE O    O  N N 357 
PHE CB   C  N N 358 
PHE CG   C  Y N 359 
PHE CD1  C  Y N 360 
PHE CD2  C  Y N 361 
PHE CE1  C  Y N 362 
PHE CE2  C  Y N 363 
PHE CZ   C  Y N 364 
PHE OXT  O  N N 365 
PHE H    H  N N 366 
PHE H2   H  N N 367 
PHE HA   H  N N 368 
PHE HB2  H  N N 369 
PHE HB3  H  N N 370 
PHE HD1  H  N N 371 
PHE HD2  H  N N 372 
PHE HE1  H  N N 373 
PHE HE2  H  N N 374 
PHE HZ   H  N N 375 
PHE HXT  H  N N 376 
PRO N    N  N N 377 
PRO CA   C  N S 378 
PRO C    C  N N 379 
PRO O    O  N N 380 
PRO CB   C  N N 381 
PRO CG   C  N N 382 
PRO CD   C  N N 383 
PRO OXT  O  N N 384 
PRO H    H  N N 385 
PRO HA   H  N N 386 
PRO HB2  H  N N 387 
PRO HB3  H  N N 388 
PRO HG2  H  N N 389 
PRO HG3  H  N N 390 
PRO HD2  H  N N 391 
PRO HD3  H  N N 392 
PRO HXT  H  N N 393 
SER N    N  N N 394 
SER CA   C  N S 395 
SER C    C  N N 396 
SER O    O  N N 397 
SER CB   C  N N 398 
SER OG   O  N N 399 
SER OXT  O  N N 400 
SER H    H  N N 401 
SER H2   H  N N 402 
SER HA   H  N N 403 
SER HB2  H  N N 404 
SER HB3  H  N N 405 
SER HG   H  N N 406 
SER HXT  H  N N 407 
SO4 S    S  N N 408 
SO4 O1   O  N N 409 
SO4 O2   O  N N 410 
SO4 O3   O  N N 411 
SO4 O4   O  N N 412 
THR N    N  N N 413 
THR CA   C  N S 414 
THR C    C  N N 415 
THR O    O  N N 416 
THR CB   C  N R 417 
THR OG1  O  N N 418 
THR CG2  C  N N 419 
THR OXT  O  N N 420 
THR H    H  N N 421 
THR H2   H  N N 422 
THR HA   H  N N 423 
THR HB   H  N N 424 
THR HG1  H  N N 425 
THR HG21 H  N N 426 
THR HG22 H  N N 427 
THR HG23 H  N N 428 
THR HXT  H  N N 429 
TRP N    N  N N 430 
TRP CA   C  N S 431 
TRP C    C  N N 432 
TRP O    O  N N 433 
TRP CB   C  N N 434 
TRP CG   C  Y N 435 
TRP CD1  C  Y N 436 
TRP CD2  C  Y N 437 
TRP NE1  N  Y N 438 
TRP CE2  C  Y N 439 
TRP CE3  C  Y N 440 
TRP CZ2  C  Y N 441 
TRP CZ3  C  Y N 442 
TRP CH2  C  Y N 443 
TRP OXT  O  N N 444 
TRP H    H  N N 445 
TRP H2   H  N N 446 
TRP HA   H  N N 447 
TRP HB2  H  N N 448 
TRP HB3  H  N N 449 
TRP HD1  H  N N 450 
TRP HE1  H  N N 451 
TRP HE3  H  N N 452 
TRP HZ2  H  N N 453 
TRP HZ3  H  N N 454 
TRP HH2  H  N N 455 
TRP HXT  H  N N 456 
TYR N    N  N N 457 
TYR CA   C  N S 458 
TYR C    C  N N 459 
TYR O    O  N N 460 
TYR CB   C  N N 461 
TYR CG   C  Y N 462 
TYR CD1  C  Y N 463 
TYR CD2  C  Y N 464 
TYR CE1  C  Y N 465 
TYR CE2  C  Y N 466 
TYR CZ   C  Y N 467 
TYR OH   O  N N 468 
TYR OXT  O  N N 469 
TYR H    H  N N 470 
TYR H2   H  N N 471 
TYR HA   H  N N 472 
TYR HB2  H  N N 473 
TYR HB3  H  N N 474 
TYR HD1  H  N N 475 
TYR HD2  H  N N 476 
TYR HE1  H  N N 477 
TYR HE2  H  N N 478 
TYR HH   H  N N 479 
TYR HXT  H  N N 480 
VAL N    N  N N 481 
VAL CA   C  N S 482 
VAL C    C  N N 483 
VAL O    O  N N 484 
VAL CB   C  N N 485 
VAL CG1  C  N N 486 
VAL CG2  C  N N 487 
VAL OXT  O  N N 488 
VAL H    H  N N 489 
VAL H2   H  N N 490 
VAL HA   H  N N 491 
VAL HB   H  N N 492 
VAL HG11 H  N N 493 
VAL HG12 H  N N 494 
VAL HG13 H  N N 495 
VAL HG21 H  N N 496 
VAL HG22 H  N N 497 
VAL HG23 H  N N 498 
VAL HXT  H  N N 499 
# 
loop_
_chem_comp_bond.comp_id 
_chem_comp_bond.atom_id_1 
_chem_comp_bond.atom_id_2 
_chem_comp_bond.value_order 
_chem_comp_bond.pdbx_aromatic_flag 
_chem_comp_bond.pdbx_stereo_config 
_chem_comp_bond.pdbx_ordinal 
ALA N   CA   sing N N 1   
ALA N   H    sing N N 2   
ALA N   H2   sing N N 3   
ALA CA  C    sing N N 4   
ALA CA  CB   sing N N 5   
ALA CA  HA   sing N N 6   
ALA C   O    doub N N 7   
ALA C   OXT  sing N N 8   
ALA CB  HB1  sing N N 9   
ALA CB  HB2  sing N N 10  
ALA CB  HB3  sing N N 11  
ALA OXT HXT  sing N N 12  
ARG N   CA   sing N N 13  
ARG N   H    sing N N 14  
ARG N   H2   sing N N 15  
ARG CA  C    sing N N 16  
ARG CA  CB   sing N N 17  
ARG CA  HA   sing N N 18  
ARG C   O    doub N N 19  
ARG C   OXT  sing N N 20  
ARG CB  CG   sing N N 21  
ARG CB  HB2  sing N N 22  
ARG CB  HB3  sing N N 23  
ARG CG  CD   sing N N 24  
ARG CG  HG2  sing N N 25  
ARG CG  HG3  sing N N 26  
ARG CD  NE   sing N N 27  
ARG CD  HD2  sing N N 28  
ARG CD  HD3  sing N N 29  
ARG NE  CZ   sing N N 30  
ARG NE  HE   sing N N 31  
ARG CZ  NH1  sing N N 32  
ARG CZ  NH2  doub N N 33  
ARG NH1 HH11 sing N N 34  
ARG NH1 HH12 sing N N 35  
ARG NH2 HH21 sing N N 36  
ARG NH2 HH22 sing N N 37  
ARG OXT HXT  sing N N 38  
ASN N   CA   sing N N 39  
ASN N   H    sing N N 40  
ASN N   H2   sing N N 41  
ASN CA  C    sing N N 42  
ASN CA  CB   sing N N 43  
ASN CA  HA   sing N N 44  
ASN C   O    doub N N 45  
ASN C   OXT  sing N N 46  
ASN CB  CG   sing N N 47  
ASN CB  HB2  sing N N 48  
ASN CB  HB3  sing N N 49  
ASN CG  OD1  doub N N 50  
ASN CG  ND2  sing N N 51  
ASN ND2 HD21 sing N N 52  
ASN ND2 HD22 sing N N 53  
ASN OXT HXT  sing N N 54  
ASP N   CA   sing N N 55  
ASP N   H    sing N N 56  
ASP N   H2   sing N N 57  
ASP CA  C    sing N N 58  
ASP CA  CB   sing N N 59  
ASP CA  HA   sing N N 60  
ASP C   O    doub N N 61  
ASP C   OXT  sing N N 62  
ASP CB  CG   sing N N 63  
ASP CB  HB2  sing N N 64  
ASP CB  HB3  sing N N 65  
ASP CG  OD1  doub N N 66  
ASP CG  OD2  sing N N 67  
ASP OD2 HD2  sing N N 68  
ASP OXT HXT  sing N N 69  
CYS N   CA   sing N N 70  
CYS N   H    sing N N 71  
CYS N   H2   sing N N 72  
CYS CA  C    sing N N 73  
CYS CA  CB   sing N N 74  
CYS CA  HA   sing N N 75  
CYS C   O    doub N N 76  
CYS C   OXT  sing N N 77  
CYS CB  SG   sing N N 78  
CYS CB  HB2  sing N N 79  
CYS CB  HB3  sing N N 80  
CYS SG  HG   sing N N 81  
CYS OXT HXT  sing N N 82  
GLN N   CA   sing N N 83  
GLN N   H    sing N N 84  
GLN N   H2   sing N N 85  
GLN CA  C    sing N N 86  
GLN CA  CB   sing N N 87  
GLN CA  HA   sing N N 88  
GLN C   O    doub N N 89  
GLN C   OXT  sing N N 90  
GLN CB  CG   sing N N 91  
GLN CB  HB2  sing N N 92  
GLN CB  HB3  sing N N 93  
GLN CG  CD   sing N N 94  
GLN CG  HG2  sing N N 95  
GLN CG  HG3  sing N N 96  
GLN CD  OE1  doub N N 97  
GLN CD  NE2  sing N N 98  
GLN NE2 HE21 sing N N 99  
GLN NE2 HE22 sing N N 100 
GLN OXT HXT  sing N N 101 
GLU N   CA   sing N N 102 
GLU N   H    sing N N 103 
GLU N   H2   sing N N 104 
GLU CA  C    sing N N 105 
GLU CA  CB   sing N N 106 
GLU CA  HA   sing N N 107 
GLU C   O    doub N N 108 
GLU C   OXT  sing N N 109 
GLU CB  CG   sing N N 110 
GLU CB  HB2  sing N N 111 
GLU CB  HB3  sing N N 112 
GLU CG  CD   sing N N 113 
GLU CG  HG2  sing N N 114 
GLU CG  HG3  sing N N 115 
GLU CD  OE1  doub N N 116 
GLU CD  OE2  sing N N 117 
GLU OE2 HE2  sing N N 118 
GLU OXT HXT  sing N N 119 
GLY N   CA   sing N N 120 
GLY N   H    sing N N 121 
GLY N   H2   sing N N 122 
GLY CA  C    sing N N 123 
GLY CA  HA2  sing N N 124 
GLY CA  HA3  sing N N 125 
GLY C   O    doub N N 126 
GLY C   OXT  sing N N 127 
GLY OXT HXT  sing N N 128 
GOL C1  O1   sing N N 129 
GOL C1  C2   sing N N 130 
GOL C1  H11  sing N N 131 
GOL C1  H12  sing N N 132 
GOL O1  HO1  sing N N 133 
GOL C2  O2   sing N N 134 
GOL C2  C3   sing N N 135 
GOL C2  H2   sing N N 136 
GOL O2  HO2  sing N N 137 
GOL C3  O3   sing N N 138 
GOL C3  H31  sing N N 139 
GOL C3  H32  sing N N 140 
GOL O3  HO3  sing N N 141 
HEM CHA C1A  sing N N 142 
HEM CHA C4D  doub N N 143 
HEM CHA HHA  sing N N 144 
HEM CHB C4A  sing N N 145 
HEM CHB C1B  doub N N 146 
HEM CHB HHB  sing N N 147 
HEM CHC C4B  sing N N 148 
HEM CHC C1C  doub N N 149 
HEM CHC HHC  sing N N 150 
HEM CHD C4C  doub N N 151 
HEM CHD C1D  sing N N 152 
HEM CHD HHD  sing N N 153 
HEM C1A C2A  doub Y N 154 
HEM C1A NA   sing Y N 155 
HEM C2A C3A  sing Y N 156 
HEM C2A CAA  sing N N 157 
HEM C3A C4A  doub Y N 158 
HEM C3A CMA  sing N N 159 
HEM C4A NA   sing Y N 160 
HEM CMA HMA  sing N N 161 
HEM CMA HMAA sing N N 162 
HEM CMA HMAB sing N N 163 
HEM CAA CBA  sing N N 164 
HEM CAA HAA  sing N N 165 
HEM CAA HAAA sing N N 166 
HEM CBA CGA  sing N N 167 
HEM CBA HBA  sing N N 168 
HEM CBA HBAA sing N N 169 
HEM CGA O1A  doub N N 170 
HEM CGA O2A  sing N N 171 
HEM C1B C2B  sing N N 172 
HEM C1B NB   sing N N 173 
HEM C2B C3B  doub N N 174 
HEM C2B CMB  sing N N 175 
HEM C3B C4B  sing N N 176 
HEM C3B CAB  sing N N 177 
HEM C4B NB   doub N N 178 
HEM CMB HMB  sing N N 179 
HEM CMB HMBA sing N N 180 
HEM CMB HMBB sing N N 181 
HEM CAB CBB  doub N N 182 
HEM CAB HAB  sing N N 183 
HEM CBB HBB  sing N N 184 
HEM CBB HBBA sing N N 185 
HEM C1C C2C  sing Y N 186 
HEM C1C NC   sing Y N 187 
HEM C2C C3C  doub Y N 188 
HEM C2C CMC  sing N N 189 
HEM C3C C4C  sing Y N 190 
HEM C3C CAC  sing N N 191 
HEM C4C NC   sing Y N 192 
HEM CMC HMC  sing N N 193 
HEM CMC HMCA sing N N 194 
HEM CMC HMCB sing N N 195 
HEM CAC CBC  doub N N 196 
HEM CAC HAC  sing N N 197 
HEM CBC HBC  sing N N 198 
HEM CBC HBCA sing N N 199 
HEM C1D C2D  sing N N 200 
HEM C1D ND   doub N N 201 
HEM C2D C3D  doub N N 202 
HEM C2D CMD  sing N N 203 
HEM C3D C4D  sing N N 204 
HEM C3D CAD  sing N N 205 
HEM C4D ND   sing N N 206 
HEM CMD HMD  sing N N 207 
HEM CMD HMDA sing N N 208 
HEM CMD HMDB sing N N 209 
HEM CAD CBD  sing N N 210 
HEM CAD HAD  sing N N 211 
HEM CAD HADA sing N N 212 
HEM CBD CGD  sing N N 213 
HEM CBD HBD  sing N N 214 
HEM CBD HBDA sing N N 215 
HEM CGD O1D  doub N N 216 
HEM CGD O2D  sing N N 217 
HEM O2A H2A  sing N N 218 
HEM O2D H2D  sing N N 219 
HEM FE  NA   sing N N 220 
HEM FE  NB   sing N N 221 
HEM FE  NC   sing N N 222 
HEM FE  ND   sing N N 223 
HIS N   CA   sing N N 224 
HIS N   H    sing N N 225 
HIS N   H2   sing N N 226 
HIS CA  C    sing N N 227 
HIS CA  CB   sing N N 228 
HIS CA  HA   sing N N 229 
HIS C   O    doub N N 230 
HIS C   OXT  sing N N 231 
HIS CB  CG   sing N N 232 
HIS CB  HB2  sing N N 233 
HIS CB  HB3  sing N N 234 
HIS CG  ND1  sing Y N 235 
HIS CG  CD2  doub Y N 236 
HIS ND1 CE1  doub Y N 237 
HIS ND1 HD1  sing N N 238 
HIS CD2 NE2  sing Y N 239 
HIS CD2 HD2  sing N N 240 
HIS CE1 NE2  sing Y N 241 
HIS CE1 HE1  sing N N 242 
HIS NE2 HE2  sing N N 243 
HIS OXT HXT  sing N N 244 
HOH O   H1   sing N N 245 
HOH O   H2   sing N N 246 
ILE N   CA   sing N N 247 
ILE N   H    sing N N 248 
ILE N   H2   sing N N 249 
ILE CA  C    sing N N 250 
ILE CA  CB   sing N N 251 
ILE CA  HA   sing N N 252 
ILE C   O    doub N N 253 
ILE C   OXT  sing N N 254 
ILE CB  CG1  sing N N 255 
ILE CB  CG2  sing N N 256 
ILE CB  HB   sing N N 257 
ILE CG1 CD1  sing N N 258 
ILE CG1 HG12 sing N N 259 
ILE CG1 HG13 sing N N 260 
ILE CG2 HG21 sing N N 261 
ILE CG2 HG22 sing N N 262 
ILE CG2 HG23 sing N N 263 
ILE CD1 HD11 sing N N 264 
ILE CD1 HD12 sing N N 265 
ILE CD1 HD13 sing N N 266 
ILE OXT HXT  sing N N 267 
LCY C1  C2   sing N N 268 
LCY C1  C4   sing N N 269 
LCY C2  C3   sing N N 270 
LCY C3  O2   doub N N 271 
LCY C3  N1   sing N N 272 
LCY N1  C4   sing N N 273 
LCY N1  C5   sing N N 274 
LCY C4  O1   doub N N 275 
LCY C1  H1   sing N N 276 
LCY C1  H1A  sing N N 277 
LCY C2  H2   sing N N 278 
LCY C2  H2A  sing N N 279 
LCY C5  H5   sing N N 280 
LCY C5  H5A  sing N N 281 
LCY C5  H5B  sing N N 282 
LEU N   CA   sing N N 283 
LEU N   H    sing N N 284 
LEU N   H2   sing N N 285 
LEU CA  C    sing N N 286 
LEU CA  CB   sing N N 287 
LEU CA  HA   sing N N 288 
LEU C   O    doub N N 289 
LEU C   OXT  sing N N 290 
LEU CB  CG   sing N N 291 
LEU CB  HB2  sing N N 292 
LEU CB  HB3  sing N N 293 
LEU CG  CD1  sing N N 294 
LEU CG  CD2  sing N N 295 
LEU CG  HG   sing N N 296 
LEU CD1 HD11 sing N N 297 
LEU CD1 HD12 sing N N 298 
LEU CD1 HD13 sing N N 299 
LEU CD2 HD21 sing N N 300 
LEU CD2 HD22 sing N N 301 
LEU CD2 HD23 sing N N 302 
LEU OXT HXT  sing N N 303 
LYS N   CA   sing N N 304 
LYS N   H    sing N N 305 
LYS N   H2   sing N N 306 
LYS CA  C    sing N N 307 
LYS CA  CB   sing N N 308 
LYS CA  HA   sing N N 309 
LYS C   O    doub N N 310 
LYS C   OXT  sing N N 311 
LYS CB  CG   sing N N 312 
LYS CB  HB2  sing N N 313 
LYS CB  HB3  sing N N 314 
LYS CG  CD   sing N N 315 
LYS CG  HG2  sing N N 316 
LYS CG  HG3  sing N N 317 
LYS CD  CE   sing N N 318 
LYS CD  HD2  sing N N 319 
LYS CD  HD3  sing N N 320 
LYS CE  NZ   sing N N 321 
LYS CE  HE2  sing N N 322 
LYS CE  HE3  sing N N 323 
LYS NZ  HZ1  sing N N 324 
LYS NZ  HZ2  sing N N 325 
LYS NZ  HZ3  sing N N 326 
LYS OXT HXT  sing N N 327 
MET N   CA   sing N N 328 
MET N   H    sing N N 329 
MET N   H2   sing N N 330 
MET CA  C    sing N N 331 
MET CA  CB   sing N N 332 
MET CA  HA   sing N N 333 
MET C   O    doub N N 334 
MET C   OXT  sing N N 335 
MET CB  CG   sing N N 336 
MET CB  HB2  sing N N 337 
MET CB  HB3  sing N N 338 
MET CG  SD   sing N N 339 
MET CG  HG2  sing N N 340 
MET CG  HG3  sing N N 341 
MET SD  CE   sing N N 342 
MET CE  HE1  sing N N 343 
MET CE  HE2  sing N N 344 
MET CE  HE3  sing N N 345 
MET OXT HXT  sing N N 346 
PHE N   CA   sing N N 347 
PHE N   H    sing N N 348 
PHE N   H2   sing N N 349 
PHE CA  C    sing N N 350 
PHE CA  CB   sing N N 351 
PHE CA  HA   sing N N 352 
PHE C   O    doub N N 353 
PHE C   OXT  sing N N 354 
PHE CB  CG   sing N N 355 
PHE CB  HB2  sing N N 356 
PHE CB  HB3  sing N N 357 
PHE CG  CD1  doub Y N 358 
PHE CG  CD2  sing Y N 359 
PHE CD1 CE1  sing Y N 360 
PHE CD1 HD1  sing N N 361 
PHE CD2 CE2  doub Y N 362 
PHE CD2 HD2  sing N N 363 
PHE CE1 CZ   doub Y N 364 
PHE CE1 HE1  sing N N 365 
PHE CE2 CZ   sing Y N 366 
PHE CE2 HE2  sing N N 367 
PHE CZ  HZ   sing N N 368 
PHE OXT HXT  sing N N 369 
PRO N   CA   sing N N 370 
PRO N   CD   sing N N 371 
PRO N   H    sing N N 372 
PRO CA  C    sing N N 373 
PRO CA  CB   sing N N 374 
PRO CA  HA   sing N N 375 
PRO C   O    doub N N 376 
PRO C   OXT  sing N N 377 
PRO CB  CG   sing N N 378 
PRO CB  HB2  sing N N 379 
PRO CB  HB3  sing N N 380 
PRO CG  CD   sing N N 381 
PRO CG  HG2  sing N N 382 
PRO CG  HG3  sing N N 383 
PRO CD  HD2  sing N N 384 
PRO CD  HD3  sing N N 385 
PRO OXT HXT  sing N N 386 
SER N   CA   sing N N 387 
SER N   H    sing N N 388 
SER N   H2   sing N N 389 
SER CA  C    sing N N 390 
SER CA  CB   sing N N 391 
SER CA  HA   sing N N 392 
SER C   O    doub N N 393 
SER C   OXT  sing N N 394 
SER CB  OG   sing N N 395 
SER CB  HB2  sing N N 396 
SER CB  HB3  sing N N 397 
SER OG  HG   sing N N 398 
SER OXT HXT  sing N N 399 
SO4 S   O1   doub N N 400 
SO4 S   O2   doub N N 401 
SO4 S   O3   sing N N 402 
SO4 S   O4   sing N N 403 
THR N   CA   sing N N 404 
THR N   H    sing N N 405 
THR N   H2   sing N N 406 
THR CA  C    sing N N 407 
THR CA  CB   sing N N 408 
THR CA  HA   sing N N 409 
THR C   O    doub N N 410 
THR C   OXT  sing N N 411 
THR CB  OG1  sing N N 412 
THR CB  CG2  sing N N 413 
THR CB  HB   sing N N 414 
THR OG1 HG1  sing N N 415 
THR CG2 HG21 sing N N 416 
THR CG2 HG22 sing N N 417 
THR CG2 HG23 sing N N 418 
THR OXT HXT  sing N N 419 
TRP N   CA   sing N N 420 
TRP N   H    sing N N 421 
TRP N   H2   sing N N 422 
TRP CA  C    sing N N 423 
TRP CA  CB   sing N N 424 
TRP CA  HA   sing N N 425 
TRP C   O    doub N N 426 
TRP C   OXT  sing N N 427 
TRP CB  CG   sing N N 428 
TRP CB  HB2  sing N N 429 
TRP CB  HB3  sing N N 430 
TRP CG  CD1  doub Y N 431 
TRP CG  CD2  sing Y N 432 
TRP CD1 NE1  sing Y N 433 
TRP CD1 HD1  sing N N 434 
TRP CD2 CE2  doub Y N 435 
TRP CD2 CE3  sing Y N 436 
TRP NE1 CE2  sing Y N 437 
TRP NE1 HE1  sing N N 438 
TRP CE2 CZ2  sing Y N 439 
TRP CE3 CZ3  doub Y N 440 
TRP CE3 HE3  sing N N 441 
TRP CZ2 CH2  doub Y N 442 
TRP CZ2 HZ2  sing N N 443 
TRP CZ3 CH2  sing Y N 444 
TRP CZ3 HZ3  sing N N 445 
TRP CH2 HH2  sing N N 446 
TRP OXT HXT  sing N N 447 
TYR N   CA   sing N N 448 
TYR N   H    sing N N 449 
TYR N   H2   sing N N 450 
TYR CA  C    sing N N 451 
TYR CA  CB   sing N N 452 
TYR CA  HA   sing N N 453 
TYR C   O    doub N N 454 
TYR C   OXT  sing N N 455 
TYR CB  CG   sing N N 456 
TYR CB  HB2  sing N N 457 
TYR CB  HB3  sing N N 458 
TYR CG  CD1  doub Y N 459 
TYR CG  CD2  sing Y N 460 
TYR CD1 CE1  sing Y N 461 
TYR CD1 HD1  sing N N 462 
TYR CD2 CE2  doub Y N 463 
TYR CD2 HD2  sing N N 464 
TYR CE1 CZ   doub Y N 465 
TYR CE1 HE1  sing N N 466 
TYR CE2 CZ   sing Y N 467 
TYR CE2 HE2  sing N N 468 
TYR CZ  OH   sing N N 469 
TYR OH  HH   sing N N 470 
TYR OXT HXT  sing N N 471 
VAL N   CA   sing N N 472 
VAL N   H    sing N N 473 
VAL N   H2   sing N N 474 
VAL CA  C    sing N N 475 
VAL CA  CB   sing N N 476 
VAL CA  HA   sing N N 477 
VAL C   O    doub N N 478 
VAL C   OXT  sing N N 479 
VAL CB  CG1  sing N N 480 
VAL CB  CG2  sing N N 481 
VAL CB  HB   sing N N 482 
VAL CG1 HG11 sing N N 483 
VAL CG1 HG12 sing N N 484 
VAL CG1 HG13 sing N N 485 
VAL CG2 HG21 sing N N 486 
VAL CG2 HG22 sing N N 487 
VAL CG2 HG23 sing N N 488 
VAL OXT HXT  sing N N 489 
# 
_pdbx_initial_refinement_model.id               1 
_pdbx_initial_refinement_model.entity_id_list   ? 
_pdbx_initial_refinement_model.type             'experimental model' 
_pdbx_initial_refinement_model.source_name      PDB 
_pdbx_initial_refinement_model.accession_code   2MBW 
_pdbx_initial_refinement_model.details          'PDB ENTRY 2MBW' 
# 
_atom_sites.entry_id                    3A2G 
_atom_sites.fract_transf_matrix[1][1]   0.00593122 
_atom_sites.fract_transf_matrix[1][2]   0.00821749 
_atom_sites.fract_transf_matrix[1][3]   0.00777304 
_atom_sites.fract_transf_matrix[2][1]   -0.00114978 
_atom_sites.fract_transf_matrix[2][2]   -0.00122128 
_atom_sites.fract_transf_matrix[2][3]   0.01266138 
_atom_sites.fract_transf_matrix[3][1]   0.01773336 
_atom_sites.fract_transf_matrix[3][2]   -0.01312530 
_atom_sites.fract_transf_matrix[3][3]   0.00034434 
_atom_sites.fract_transf_vector[1]      0.293691 
_atom_sites.fract_transf_vector[2]      0.432732 
_atom_sites.fract_transf_vector[3]      -0.016856 
# 
loop_
_atom_type.symbol 
C  
FE 
N  
O  
S  
# 
loop_
_atom_site.group_PDB 
_atom_site.id 
_atom_site.type_symbol 
_atom_site.label_atom_id 
_atom_site.label_alt_id 
_atom_site.label_comp_id 
_atom_site.label_asym_id 
_atom_site.label_entity_id 
_atom_site.label_seq_id 
_atom_site.pdbx_PDB_ins_code 
_atom_site.Cartn_x 
_atom_site.Cartn_y 
_atom_site.Cartn_z 
_atom_site.occupancy 
_atom_site.B_iso_or_equiv 
_atom_site.pdbx_formal_charge 
_atom_site.auth_seq_id 
_atom_site.auth_comp_id 
_atom_site.auth_asym_id 
_atom_site.auth_atom_id 
_atom_site.pdbx_PDB_model_num 
ATOM   1    N  N   . MET A 1 1   ? -13.940 9.407   -9.606  0.50 19.55 ? 0   MET A N   1 
ATOM   2    C  CA  . MET A 1 1   ? -14.609 8.296   -8.864  0.50 19.36 ? 0   MET A CA  1 
ATOM   3    C  C   . MET A 1 1   ? -14.758 8.657   -7.395  0.50 19.00 ? 0   MET A C   1 
ATOM   4    O  O   . MET A 1 1   ? -13.891 9.330   -6.818  0.50 18.88 ? 0   MET A O   1 
ATOM   5    C  CB  . MET A 1 1   ? -13.805 7.003   -8.992  0.50 19.42 ? 0   MET A CB  1 
ATOM   6    C  CG  . MET A 1 1   ? -12.421 7.102   -8.378  0.50 19.41 ? 0   MET A CG  1 
ATOM   7    S  SD  . MET A 1 1   ? -11.398 5.651   -8.570  0.50 19.23 ? 0   MET A SD  1 
ATOM   8    C  CE  . MET A 1 1   ? -12.201 4.470   -7.466  0.50 15.11 ? 0   MET A CE  1 
ATOM   9    N  N   . VAL A 1 2   ? -15.853 8.201   -6.790  1.00 18.79 ? 1   VAL A N   1 
ATOM   10   C  CA  . VAL A 1 2   ? -16.155 8.523   -5.390  1.00 17.69 ? 1   VAL A CA  1 
ATOM   11   C  C   . VAL A 1 2   ? -16.733 7.306   -4.625  1.00 16.05 ? 1   VAL A C   1 
ATOM   12   O  O   . VAL A 1 2   ? -17.714 6.690   -5.049  1.00 16.64 ? 1   VAL A O   1 
ATOM   13   C  CB  . VAL A 1 2   ? -17.122 9.759   -5.271  1.00 18.58 ? 1   VAL A CB  1 
ATOM   14   C  CG1 . VAL A 1 2   ? -17.528 10.007  -3.847  1.00 17.88 ? 1   VAL A CG1 1 
ATOM   15   C  CG2 . VAL A 1 2   ? -16.486 11.029  -5.854  1.00 20.60 ? 1   VAL A CG2 1 
ATOM   16   N  N   . LEU A 1 3   ? -16.124 6.971   -3.492  1.00 13.93 ? 2   LEU A N   1 
ATOM   17   C  CA  . LEU A 1 3   ? -16.644 5.886   -2.664  1.00 12.34 ? 2   LEU A CA  1 
ATOM   18   C  C   . LEU A 1 3   ? -17.829 6.383   -1.850  1.00 11.83 ? 2   LEU A C   1 
ATOM   19   O  O   . LEU A 1 3   ? -17.894 7.556   -1.488  1.00 11.77 ? 2   LEU A O   1 
ATOM   20   C  CB  . LEU A 1 3   ? -15.566 5.353   -1.712  1.00 12.40 ? 2   LEU A CB  1 
ATOM   21   C  CG  . LEU A 1 3   ? -14.569 4.345   -2.283  1.00 11.33 ? 2   LEU A CG  1 
ATOM   22   C  CD1 . LEU A 1 3   ? -13.581 5.006   -3.249  1.00 13.07 ? 2   LEU A CD1 1 
ATOM   23   C  CD2 . LEU A 1 3   ? -13.850 3.621   -1.139  1.00 11.80 ? 2   LEU A CD2 1 
ATOM   24   N  N   . SER A 1 4   ? -18.760 5.485   -1.549  1.00 11.49 ? 3   SER A N   1 
ATOM   25   C  CA  . SER A 1 4   ? -19.857 5.827   -0.659  1.00 11.00 ? 3   SER A CA  1 
ATOM   26   C  C   . SER A 1 4   ? -19.354 5.753   0.786   1.00 10.68 ? 3   SER A C   1 
ATOM   27   O  O   . SER A 1 4   ? -18.305 5.148   1.052   1.00 9.96  ? 3   SER A O   1 
ATOM   28   C  CB  . SER A 1 4   ? -21.000 4.832   -0.846  1.00 11.53 ? 3   SER A CB  1 
ATOM   29   O  OG  . SER A 1 4   ? -20.600 3.545   -0.385  1.00 10.89 ? 3   SER A OG  1 
ATOM   30   N  N   . GLU A 1 5   ? -20.080 6.363   1.717   1.00 10.59 ? 4   GLU A N   1 
ATOM   31   C  CA  . GLU A 1 5   ? -19.750 6.203   3.135   1.00 10.60 ? 4   GLU A CA  1 
ATOM   32   C  C   . GLU A 1 5   ? -19.751 4.724   3.549   1.00 10.59 ? 4   GLU A C   1 
ATOM   33   O  O   . GLU A 1 5   ? -18.876 4.291   4.299   1.00 10.31 ? 4   GLU A O   1 
ATOM   34   C  CB  . GLU A 1 5   ? -20.724 7.000   4.011   1.00 11.06 ? 4   GLU A CB  1 
ATOM   35   C  CG  . GLU A 1 5   ? -20.568 6.795   5.525   1.00 12.51 ? 4   GLU A CG  1 
ATOM   36   C  CD  . GLU A 1 5   ? -19.249 7.278   6.114   1.00 13.45 ? 4   GLU A CD  1 
ATOM   37   O  OE1 . GLU A 1 5   ? -18.441 7.930   5.413   1.00 13.95 ? 4   GLU A OE1 1 
ATOM   38   O  OE2 . GLU A 1 5   ? -19.033 7.031   7.330   1.00 15.09 ? 4   GLU A OE2 1 
ATOM   39   N  N   . GLY A 1 6   ? -20.732 3.961   3.057   1.00 10.94 ? 5   GLY A N   1 
ATOM   40   C  CA  . GLY A 1 6   ? -20.792 2.525   3.346   1.00 10.86 ? 5   GLY A CA  1 
ATOM   41   C  C   . GLY A 1 6   ? -19.505 1.815   2.942   1.00 10.59 ? 5   GLY A C   1 
ATOM   42   O  O   . GLY A 1 6   ? -19.007 0.951   3.670   1.00 10.50 ? 5   GLY A O   1 
ATOM   43   N  N   . GLU A 1 7   ? -18.979 2.173   1.772   1.00 10.75 ? 6   GLU A N   1 
ATOM   44   C  CA  . GLU A 1 7   ? -17.724 1.606   1.268   1.00 10.45 ? 6   GLU A CA  1 
ATOM   45   C  C   . GLU A 1 7   ? -16.544 2.009   2.153   1.00 10.28 ? 6   GLU A C   1 
ATOM   46   O  O   . GLU A 1 7   ? -15.726 1.157   2.530   1.00 9.29  ? 6   GLU A O   1 
ATOM   47   C  CB  . GLU A 1 7   ? -17.489 1.989   -0.201  1.00 10.42 ? 6   GLU A CB  1 
ATOM   48   C  CG  . GLU A 1 7   ? -18.456 1.245   -1.172  1.00 11.13 ? 6   GLU A CG  1 
ATOM   49   C  CD  . GLU A 1 7   ? -18.486 1.796   -2.596  1.00 12.14 ? 6   GLU A CD  1 
ATOM   50   O  OE1 . GLU A 1 7   ? -18.119 2.971   -2.840  1.00 10.97 ? 6   GLU A OE1 1 
ATOM   51   O  OE2 . GLU A 1 7   ? -18.917 1.034   -3.498  1.00 14.93 ? 6   GLU A OE2 1 
ATOM   52   N  N   . TRP A 1 8   ? -16.450 3.296   2.490   1.00 9.90  ? 7   TRP A N   1 
ATOM   53   C  CA  . TRP A 1 8   ? -15.406 3.733   3.420   1.00 9.86  ? 7   TRP A CA  1 
ATOM   54   C  C   . TRP A 1 8   ? -15.477 2.961   4.743   1.00 9.70  ? 7   TRP A C   1 
ATOM   55   O  O   . TRP A 1 8   ? -14.444 2.595   5.297   1.00 9.17  ? 7   TRP A O   1 
ATOM   56   C  CB  . TRP A 1 8   ? -15.449 5.252   3.681   1.00 9.78  ? 7   TRP A CB  1 
ATOM   57   C  CG  . TRP A 1 8   ? -14.959 6.067   2.511   1.00 9.47  ? 7   TRP A CG  1 
ATOM   58   C  CD1 . TRP A 1 8   ? -15.675 6.983   1.774   1.00 8.37  ? 7   TRP A CD1 1 
ATOM   59   C  CD2 . TRP A 1 8   ? -13.650 6.028   1.941   1.00 8.88  ? 7   TRP A CD2 1 
ATOM   60   N  NE1 . TRP A 1 8   ? -14.885 7.522   0.786   1.00 8.07  ? 7   TRP A NE1 1 
ATOM   61   C  CE2 . TRP A 1 8   ? -13.641 6.935   0.851   1.00 7.98  ? 7   TRP A CE2 1 
ATOM   62   C  CE3 . TRP A 1 8   ? -12.482 5.295   2.232   1.00 8.38  ? 7   TRP A CE3 1 
ATOM   63   C  CZ2 . TRP A 1 8   ? -12.509 7.144   0.061   1.00 9.49  ? 7   TRP A CZ2 1 
ATOM   64   C  CZ3 . TRP A 1 8   ? -11.354 5.500   1.439   1.00 8.75  ? 7   TRP A CZ3 1 
ATOM   65   C  CH2 . TRP A 1 8   ? -11.369 6.423   0.375   1.00 9.07  ? 7   TRP A CH2 1 
ATOM   66   N  N   . GLN A 1 9   ? -16.683 2.698   5.249   1.00 9.50  ? 8   GLN A N   1 
ATOM   67   C  CA  . GLN A 1 9   ? -16.771 1.965   6.507   1.00 10.14 ? 8   GLN A CA  1 
ATOM   68   C  C   . GLN A 1 9   ? -16.226 0.533   6.397   1.00 9.53  ? 8   GLN A C   1 
ATOM   69   O  O   . GLN A 1 9   ? -15.628 0.033   7.346   1.00 10.31 ? 8   GLN A O   1 
ATOM   70   C  CB  . GLN A 1 9   ? -18.192 1.989   7.074   1.00 10.74 ? 8   GLN A CB  1 
ATOM   71   C  CG  . GLN A 1 9   ? -18.593 3.391   7.577   1.00 13.41 ? 8   GLN A CG  1 
ATOM   72   C  CD  . GLN A 1 9   ? -17.708 3.893   8.713   1.00 19.45 ? 8   GLN A CD  1 
ATOM   73   O  OE1 . GLN A 1 9   ? -17.379 5.083   8.794   1.00 23.09 ? 8   GLN A OE1 1 
ATOM   74   N  NE2 . GLN A 1 9   ? -17.322 2.985   9.605   1.00 21.61 ? 8   GLN A NE2 1 
ATOM   75   N  N   . LEU A 1 10  ? -16.442 -0.122  5.260   1.00 8.78  ? 9   LEU A N   1 
ATOM   76   C  CA  . LEU A 1 10  ? -15.861 -1.457  5.064   1.00 8.89  ? 9   LEU A CA  1 
ATOM   77   C  C   . LEU A 1 10  ? -14.349 -1.377  5.020   1.00 8.62  ? 9   LEU A C   1 
ATOM   78   O  O   . LEU A 1 10  ? -13.649 -2.270  5.528   1.00 8.95  ? 9   LEU A O   1 
ATOM   79   C  CB  . LEU A 1 10  ? -16.395 -2.119  3.788   1.00 8.96  ? 9   LEU A CB  1 
ATOM   80   C  CG  . LEU A 1 10  ? -17.886 -2.467  3.803   1.00 10.77 ? 9   LEU A CG  1 
ATOM   81   C  CD1 . LEU A 1 10  ? -18.297 -2.897  2.374   1.00 11.28 ? 9   LEU A CD1 1 
ATOM   82   C  CD2 . LEU A 1 10  ? -18.204 -3.565  4.811   1.00 14.32 ? 9   LEU A CD2 1 
ATOM   83   N  N   . VAL A 1 11  ? -13.831 -0.312  4.408   1.00 8.13  ? 10  VAL A N   1 
ATOM   84   C  CA  . VAL A 1 11  ? -12.383 -0.089  4.353   1.00 8.34  ? 10  VAL A CA  1 
ATOM   85   C  C   . VAL A 1 11  ? -11.827 0.110   5.757   1.00 8.96  ? 10  VAL A C   1 
ATOM   86   O  O   . VAL A 1 11  ? -10.838 -0.517  6.151   1.00 8.70  ? 10  VAL A O   1 
ATOM   87   C  CB  . VAL A 1 11  ? -12.042 1.143   3.436   1.00 7.72  ? 10  VAL A CB  1 
ATOM   88   C  CG1 . VAL A 1 11  ? -10.565 1.555   3.563   1.00 9.00  ? 10  VAL A CG1 1 
ATOM   89   C  CG2 . VAL A 1 11  ? -12.368 0.797   1.977   1.00 8.58  ? 10  VAL A CG2 1 
ATOM   90   N  N   . LEU A 1 12  ? -12.475 0.973   6.526   1.00 9.40  ? 11  LEU A N   1 
ATOM   91   C  CA  . LEU A 1 12  ? -11.957 1.323   7.856   1.00 10.42 ? 11  LEU A CA  1 
ATOM   92   C  C   . LEU A 1 12  ? -12.152 0.181   8.858   1.00 10.67 ? 11  LEU A C   1 
ATOM   93   O  O   . LEU A 1 12  ? -11.353 0.016   9.794   1.00 11.69 ? 11  LEU A O   1 
ATOM   94   C  CB  . LEU A 1 12  ? -12.589 2.644   8.326   1.00 10.63 ? 11  LEU A CB  1 
ATOM   95   C  CG  . LEU A 1 12  ? -12.255 3.837   7.425   1.00 12.46 ? 11  LEU A CG  1 
ATOM   96   C  CD1 . LEU A 1 12  ? -13.030 5.092   7.835   1.00 14.75 ? 11  LEU A CD1 1 
ATOM   97   C  CD2 . LEU A 1 12  ? -10.752 4.093   7.382   1.00 15.00 ? 11  LEU A CD2 1 
ATOM   98   N  N   . HIS A 1 13  ? -13.161 -0.658  8.630   1.00 10.51 ? 12  HIS A N   1 
ATOM   99   C  CA  . HIS A 1 13  ? -13.388 -1.781  9.539   1.00 11.05 ? 12  HIS A CA  1 
ATOM   100  C  C   . HIS A 1 13  ? -12.317 -2.845  9.389   1.00 10.19 ? 12  HIS A C   1 
ATOM   101  O  O   . HIS A 1 13  ? -11.881 -3.402  10.384  1.00 11.24 ? 12  HIS A O   1 
ATOM   102  C  CB  . HIS A 1 13  ? -14.781 -2.373  9.405   1.00 11.46 ? 12  HIS A CB  1 
ATOM   103  C  CG  . HIS A 1 13  ? -15.776 -1.737  10.321  0.50 12.66 ? 12  HIS A CG  1 
ATOM   104  N  ND1 . HIS A 1 13  ? -16.217 -0.443  10.152  0.50 14.89 ? 12  HIS A ND1 1 
ATOM   105  C  CD2 . HIS A 1 13  ? -16.400 -2.207  11.427  0.50 15.27 ? 12  HIS A CD2 1 
ATOM   106  C  CE1 . HIS A 1 13  ? -17.076 -0.143  11.111  0.50 14.88 ? 12  HIS A CE1 1 
ATOM   107  N  NE2 . HIS A 1 13  ? -17.208 -1.198  11.895  0.50 16.04 ? 12  HIS A NE2 1 
ATOM   108  N  N   . VAL A 1 14  ? -11.854 -3.097  8.166   1.00 9.46  ? 13  VAL A N   1 
ATOM   109  C  CA  . VAL A 1 14  ? -10.710 -4.025  8.047   1.00 8.39  ? 13  VAL A CA  1 
ATOM   110  C  C   . VAL A 1 14  ? -9.402  -3.366  8.503   1.00 8.43  ? 13  VAL A C   1 
ATOM   111  O  O   . VAL A 1 14  ? -8.536  -4.028  9.080   1.00 7.53  ? 13  VAL A O   1 
ATOM   112  C  CB  . VAL A 1 14  ? -10.587 -4.727  6.655   1.00 7.64  ? 13  VAL A CB  1 
ATOM   113  C  CG1 . VAL A 1 14  ? -10.057 -3.765  5.563   1.00 7.63  ? 13  VAL A CG1 1 
ATOM   114  C  CG2 . VAL A 1 14  ? -9.672  -5.966  6.764   1.00 7.89  ? 13  VAL A CG2 1 
ATOM   115  N  N   . TRP A 1 15  ? -9.255  -2.070  8.253   1.00 8.21  ? 14  TRP A N   1 
ATOM   116  C  CA  . TRP A 1 15  ? -8.055  -1.356  8.718   1.00 8.45  ? 14  TRP A CA  1 
ATOM   117  C  C   . TRP A 1 15  ? -7.912  -1.382  10.238  1.00 8.06  ? 14  TRP A C   1 
ATOM   118  O  O   . TRP A 1 15  ? -6.793  -1.491  10.765  1.00 7.68  ? 14  TRP A O   1 
ATOM   119  C  CB  . TRP A 1 15  ? -7.972  0.078   8.171   1.00 9.28  ? 14  TRP A CB  1 
ATOM   120  C  CG  . TRP A 1 15  ? -6.547  0.462   7.988   1.00 8.84  ? 14  TRP A CG  1 
ATOM   121  C  CD1 . TRP A 1 15  ? -5.786  1.278   8.798   1.00 10.31 ? 14  TRP A CD1 1 
ATOM   122  C  CD2 . TRP A 1 15  ? -5.670  -0.018  6.960   1.00 9.44  ? 14  TRP A CD2 1 
ATOM   123  N  NE1 . TRP A 1 15  ? -4.495  1.337   8.319   1.00 8.98  ? 14  TRP A NE1 1 
ATOM   124  C  CE2 . TRP A 1 15  ? -4.397  0.563   7.189   1.00 9.88  ? 14  TRP A CE2 1 
ATOM   125  C  CE3 . TRP A 1 15  ? -5.844  -0.871  5.855   1.00 9.46  ? 14  TRP A CE3 1 
ATOM   126  C  CZ2 . TRP A 1 15  ? -3.299  0.318   6.348   1.00 10.38 ? 14  TRP A CZ2 1 
ATOM   127  C  CZ3 . TRP A 1 15  ? -4.731  -1.128  5.013   1.00 10.96 ? 14  TRP A CZ3 1 
ATOM   128  C  CH2 . TRP A 1 15  ? -3.483  -0.523  5.269   1.00 10.35 ? 14  TRP A CH2 1 
ATOM   129  N  N   . ALA A 1 16  ? -9.048  -1.326  10.943  1.00 8.23  ? 15  ALA A N   1 
ATOM   130  C  CA  . ALA A 1 16  ? -9.061  -1.486  12.401  1.00 8.87  ? 15  ALA A CA  1 
ATOM   131  C  C   . ALA A 1 16  ? -8.364  -2.782  12.837  1.00 8.94  ? 15  ALA A C   1 
ATOM   132  O  O   . ALA A 1 16  ? -7.741  -2.826  13.907  1.00 9.23  ? 15  ALA A O   1 
ATOM   133  C  CB  . ALA A 1 16  ? -10.510 -1.476  12.920  1.00 9.27  ? 15  ALA A CB  1 
ATOM   134  N  N   . LYS A 1 17  ? -8.496  -3.840  12.032  1.00 8.21  ? 16  LYS A N   1 
ATOM   135  C  CA  . LYS A 1 17  ? -7.851  -5.120  12.359  1.00 7.60  ? 16  LYS A CA  1 
ATOM   136  C  C   . LYS A 1 17  ? -6.356  -5.094  12.044  1.00 7.73  ? 16  LYS A C   1 
ATOM   137  O  O   . LYS A 1 17  ? -5.551  -5.620  12.814  1.00 7.63  ? 16  LYS A O   1 
ATOM   138  C  CB  . LYS A 1 17  ? -8.520  -6.301  11.624  1.00 7.92  ? 16  LYS A CB  1 
ATOM   139  C  CG  . LYS A 1 17  ? -10.051 -6.371  11.820  1.00 9.07  ? 16  LYS A CG  1 
ATOM   140  C  CD  . LYS A 1 17  ? -10.402 -6.468  13.321  1.00 12.22 ? 16  LYS A CD  1 
ATOM   141  C  CE  . LYS A 1 17  ? -11.861 -6.179  13.583  1.00 17.00 ? 16  LYS A CE  1 
ATOM   142  N  NZ  . LYS A 1 17  ? -12.143 -5.802  15.011  1.00 20.39 ? 16  LYS A NZ  1 
ATOM   143  N  N   . VAL A 1 18  ? -5.992  -4.524  10.888  1.00 7.22  ? 17  VAL A N   1 
ATOM   144  C  CA  . VAL A 1 18  ? -4.588  -4.253  10.573  1.00 7.58  ? 17  VAL A CA  1 
ATOM   145  C  C   . VAL A 1 18  ? -3.901  -3.572  11.754  1.00 6.83  ? 17  VAL A C   1 
ATOM   146  O  O   . VAL A 1 18  ? -2.769  -3.923  12.118  1.00 7.53  ? 17  VAL A O   1 
ATOM   147  C  CB  . VAL A 1 18  ? -4.450  -3.380  9.306   1.00 7.35  ? 17  VAL A CB  1 
ATOM   148  C  CG1 . VAL A 1 18  ? -2.988  -2.901  9.092   1.00 8.51  ? 17  VAL A CG1 1 
ATOM   149  C  CG2 . VAL A 1 18  ? -5.021  -4.145  8.089   1.00 8.02  ? 17  VAL A CG2 1 
ATOM   150  N  N   . GLU A 1 19  ? -4.600  -2.616  12.352  1.00 6.66  ? 18  GLU A N   1 
ATOM   151  C  CA  . GLU A 1 19  ? -4.035  -1.821  13.443  1.00 6.21  ? 18  GLU A CA  1 
ATOM   152  C  C   . GLU A 1 19  ? -3.850  -2.557  14.775  1.00 6.77  ? 18  GLU A C   1 
ATOM   153  O  O   . GLU A 1 19  ? -3.240  -2.028  15.703  1.00 6.49  ? 18  GLU A O   1 
ATOM   154  C  CB  . GLU A 1 19  ? -4.865  -0.542  13.611  1.00 6.28  ? 18  GLU A CB  1 
ATOM   155  C  CG  . GLU A 1 19  ? -4.589  0.431   12.457  1.00 6.64  ? 18  GLU A CG  1 
ATOM   156  C  CD  . GLU A 1 19  ? -5.410  1.687   12.582  1.00 8.68  ? 18  GLU A CD  1 
ATOM   157  O  OE1 . GLU A 1 19  ? -6.472  1.626   13.225  1.00 8.96  ? 18  GLU A OE1 1 
ATOM   158  O  OE2 . GLU A 1 19  ? -4.982  2.732   12.046  1.00 9.80  ? 18  GLU A OE2 1 
ATOM   159  N  N   . ALA A 1 20  ? -4.346  -3.791  14.878  1.00 6.87  ? 19  ALA A N   1 
ATOM   160  C  CA  . ALA A 1 20  ? -4.021  -4.610  16.040  1.00 7.12  ? 19  ALA A CA  1 
ATOM   161  C  C   . ALA A 1 20  ? -2.526  -4.922  16.048  1.00 7.42  ? 19  ALA A C   1 
ATOM   162  O  O   . ALA A 1 20  ? -1.932  -5.108  17.105  1.00 6.89  ? 19  ALA A O   1 
ATOM   163  C  CB  . ALA A 1 20  ? -4.834  -5.907  16.052  1.00 7.42  ? 19  ALA A CB  1 
ATOM   164  N  N   . ASP A 1 21  ? -1.921  -4.934  14.863  1.00 7.38  ? 20  ASP A N   1 
ATOM   165  C  CA  . ASP A 1 21  ? -0.509  -5.307  14.720  1.00 7.49  ? 20  ASP A CA  1 
ATOM   166  C  C   . ASP A 1 21  ? -0.022  -4.818  13.361  1.00 7.47  ? 20  ASP A C   1 
ATOM   167  O  O   . ASP A 1 21  ? 0.195   -5.605  12.433  1.00 7.42  ? 20  ASP A O   1 
ATOM   168  C  CB  . ASP A 1 21  ? -0.352  -6.833  14.846  1.00 8.52  ? 20  ASP A CB  1 
ATOM   169  C  CG  . ASP A 1 21  ? 1.086   -7.324  14.585  1.00 8.57  ? 20  ASP A CG  1 
ATOM   170  O  OD1 . ASP A 1 21  ? 2.061   -6.537  14.661  1.00 8.28  ? 20  ASP A OD1 1 
ATOM   171  O  OD2 . ASP A 1 21  ? 1.229   -8.529  14.282  1.00 13.74 ? 20  ASP A OD2 1 
ATOM   172  N  N   . VAL A 1 22  ? 0.174   -3.509  13.242  1.00 6.22  ? 21  VAL A N   1 
ATOM   173  C  CA  . VAL A 1 22  ? 0.538   -2.978  11.921  1.00 6.82  ? 21  VAL A CA  1 
ATOM   174  C  C   . VAL A 1 22  ? 1.907   -3.546  11.466  1.00 6.87  ? 21  VAL A C   1 
ATOM   175  O  O   . VAL A 1 22  ? 2.077   -3.833  10.287  1.00 7.89  ? 21  VAL A O   1 
ATOM   176  C  CB  . VAL A 1 22  ? 0.433   -1.426  11.842  1.00 6.88  ? 21  VAL A CB  1 
ATOM   177  C  CG1 . VAL A 1 22  ? 1.467   -0.751  12.747  1.00 7.33  ? 21  VAL A CG1 1 
ATOM   178  C  CG2 . VAL A 1 22  ? 0.556   -0.941  10.392  1.00 6.66  ? 21  VAL A CG2 1 
ATOM   179  N  N   . ALA A 1 23  ? 2.824   -3.780  12.406  1.00 6.82  ? 22  ALA A N   1 
ATOM   180  C  CA  . ALA A 1 23  ? 4.168   -4.298  12.065  1.00 7.75  ? 22  ALA A CA  1 
ATOM   181  C  C   . ALA A 1 23  ? 4.077   -5.664  11.369  1.00 7.88  ? 22  ALA A C   1 
ATOM   182  O  O   . ALA A 1 23  ? 4.699   -5.860  10.319  1.00 8.32  ? 22  ALA A O   1 
ATOM   183  C  CB  . ALA A 1 23  ? 5.031   -4.398  13.313  1.00 8.78  ? 22  ALA A CB  1 
ATOM   184  N  N   . GLY A 1 24  ? 3.291   -6.579  11.944  1.00 7.59  ? 23  GLY A N   1 
ATOM   185  C  CA  . GLY A 1 24  ? 3.060   -7.908  11.350  1.00 7.61  ? 23  GLY A CA  1 
ATOM   186  C  C   . GLY A 1 24  ? 2.462   -7.832  9.959   1.00 7.17  ? 23  GLY A C   1 
ATOM   187  O  O   . GLY A 1 24  ? 2.896   -8.523  9.043   1.00 7.45  ? 23  GLY A O   1 
ATOM   188  N  N   . HIS A 1 25  ? 1.453   -6.971  9.793   1.00 6.95  ? 24  HIS A N   1 
ATOM   189  C  CA  . HIS A 1 25  ? 0.780   -6.850  8.503   1.00 6.61  ? 24  HIS A CA  1 
ATOM   190  C  C   . HIS A 1 25  ? 1.718   -6.244  7.472   1.00 6.59  ? 24  HIS A C   1 
ATOM   191  O  O   . HIS A 1 25  ? 1.671   -6.623  6.296   1.00 6.95  ? 24  HIS A O   1 
ATOM   192  C  CB  . HIS A 1 25  ? -0.489  -5.967  8.608   1.00 6.11  ? 24  HIS A CB  1 
ATOM   193  C  CG  . HIS A 1 25  ? -1.625  -6.630  9.320   1.00 7.57  ? 24  HIS A CG  1 
ATOM   194  N  ND1 . HIS A 1 25  ? -1.669  -6.756  10.690  1.00 6.80  ? 24  HIS A ND1 1 
ATOM   195  C  CD2 . HIS A 1 25  ? -2.750  -7.223  8.849   1.00 8.21  ? 24  HIS A CD2 1 
ATOM   196  C  CE1 . HIS A 1 25  ? -2.768  -7.405  11.038  1.00 7.11  ? 24  HIS A CE1 1 
ATOM   197  N  NE2 . HIS A 1 25  ? -3.446  -7.695  9.940   1.00 7.39  ? 24  HIS A NE2 1 
ATOM   198  N  N   . GLY A 1 26  ? 2.563   -5.302  7.899   1.00 6.23  ? 25  GLY A N   1 
ATOM   199  C  CA  . GLY A 1 26  ? 3.504   -4.655  6.983   1.00 6.80  ? 25  GLY A CA  1 
ATOM   200  C  C   . GLY A 1 26  ? 4.555   -5.641  6.491   1.00 7.30  ? 25  GLY A C   1 
ATOM   201  O  O   . GLY A 1 26  ? 4.906   -5.632  5.322   1.00 7.63  ? 25  GLY A O   1 
ATOM   202  N  N   . GLN A 1 27  ? 5.042   -6.509  7.372   1.00 8.21  ? 26  GLN A N   1 
ATOM   203  C  CA  . GLN A 1 27  ? 5.989   -7.538  6.944   1.00 8.29  ? 26  GLN A CA  1 
ATOM   204  C  C   . GLN A 1 27  ? 5.360   -8.436  5.892   1.00 9.03  ? 26  GLN A C   1 
ATOM   205  O  O   . GLN A 1 27  ? 5.937   -8.671  4.833   1.00 8.94  ? 26  GLN A O   1 
ATOM   206  C  CB  . GLN A 1 27  ? 6.442   -8.397  8.130   1.00 9.14  ? 26  GLN A CB  1 
ATOM   207  C  CG  . GLN A 1 27  ? 7.352   -7.655  9.099   1.00 10.46 ? 26  GLN A CG  1 
ATOM   208  C  CD  . GLN A 1 27  ? 7.617   -8.486  10.320  1.00 13.38 ? 26  GLN A CD  1 
ATOM   209  O  OE1 . GLN A 1 27  ? 6.685   -8.838  11.048  1.00 11.95 ? 26  GLN A OE1 1 
ATOM   210  N  NE2 . GLN A 1 27  ? 8.887   -8.835  10.548  1.00 12.81 ? 26  GLN A NE2 1 
ATOM   211  N  N   . ASP A 1 28  ? 4.170   -8.938  6.188   1.00 8.67  ? 27  ASP A N   1 
ATOM   212  C  CA  . ASP A 1 28  ? 3.454   -9.811  5.269   1.00 9.37  ? 27  ASP A CA  1 
ATOM   213  C  C   . ASP A 1 28  ? 3.270   -9.169  3.893   1.00 9.60  ? 27  ASP A C   1 
ATOM   214  O  O   . ASP A 1 28  ? 3.499   -9.810  2.867   1.00 8.90  ? 27  ASP A O   1 
ATOM   215  C  CB  . ASP A 1 28  ? 2.097   -10.164 5.855   1.00 10.08 ? 27  ASP A CB  1 
ATOM   216  C  CG  . ASP A 1 28  ? 2.169   -11.245 6.913   1.00 12.08 ? 27  ASP A CG  1 
ATOM   217  O  OD1 . ASP A 1 28  ? 3.282   -11.664 7.320   1.00 12.82 ? 27  ASP A OD1 1 
ATOM   218  O  OD2 . ASP A 1 28  ? 1.079   -11.683 7.334   1.00 12.10 ? 27  ASP A OD2 1 
ATOM   219  N  N   . ILE A 1 29  ? 2.847   -7.904  3.888   1.00 8.98  ? 28  ILE A N   1 
ATOM   220  C  CA  . ILE A 1 29  ? 2.562   -7.183  2.655   1.00 8.35  ? 28  ILE A CA  1 
ATOM   221  C  C   . ILE A 1 29  ? 3.823   -6.921  1.823   1.00 8.71  ? 28  ILE A C   1 
ATOM   222  O  O   . ILE A 1 29  ? 3.843   -7.181  0.613   1.00 8.33  ? 28  ILE A O   1 
ATOM   223  C  CB  . ILE A 1 29  ? 1.756   -5.892  2.966   1.00 8.23  ? 28  ILE A CB  1 
ATOM   224  C  CG1 . ILE A 1 29  ? 0.336   -6.290  3.375   1.00 7.52  ? 28  ILE A CG1 1 
ATOM   225  C  CG2 . ILE A 1 29  ? 1.712   -4.940  1.758   1.00 7.98  ? 28  ILE A CG2 1 
ATOM   226  C  CD1 . ILE A 1 29  ? -0.482  -5.162  4.016   1.00 6.79  ? 28  ILE A CD1 1 
ATOM   227  N  N   . LEU A 1 30  ? 4.892   -6.444  2.461   1.00 8.39  ? 29  LEU A N   1 
ATOM   228  C  CA  . LEU A 1 30  ? 6.123   -6.170  1.709   1.00 9.03  ? 29  LEU A CA  1 
ATOM   229  C  C   . LEU A 1 30  ? 6.756   -7.456  1.204   1.00 9.56  ? 29  LEU A C   1 
ATOM   230  O  O   . LEU A 1 30  ? 7.265   -7.509  0.063   1.00 9.98  ? 29  LEU A O   1 
ATOM   231  C  CB  . LEU A 1 30  ? 7.121   -5.375  2.551   1.00 8.80  ? 29  LEU A CB  1 
ATOM   232  C  CG  . LEU A 1 30  ? 6.715   -3.916  2.809   1.00 9.79  ? 29  LEU A CG  1 
ATOM   233  C  CD1 . LEU A 1 30  ? 7.764   -3.257  3.706   1.00 11.26 ? 29  LEU A CD1 1 
ATOM   234  C  CD2 . LEU A 1 30  ? 6.503   -3.129  1.496   1.00 10.95 ? 29  LEU A CD2 1 
ATOM   235  N  N   . ILE A 1 31  ? 6.700   -8.497  2.031   1.00 9.30  ? 30  ILE A N   1 
ATOM   236  C  CA  . ILE A 1 31  ? 7.260   -9.797  1.624   1.00 10.09 ? 30  ILE A CA  1 
ATOM   237  C  C   . ILE A 1 31  ? 6.454   -10.343 0.445   1.00 9.94  ? 30  ILE A C   1 
ATOM   238  O  O   . ILE A 1 31  ? 7.022   -10.842 -0.525  1.00 9.36  ? 30  ILE A O   1 
ATOM   239  C  CB  . ILE A 1 31  ? 7.345   -10.779 2.817   1.00 10.47 ? 30  ILE A CB  1 
ATOM   240  C  CG1 . ILE A 1 31  ? 8.434   -10.288 3.791   1.00 10.52 ? 30  ILE A CG1 1 
ATOM   241  C  CG2 . ILE A 1 31  ? 7.597   -12.217 2.337   1.00 10.71 ? 30  ILE A CG2 1 
ATOM   242  C  CD1 . ILE A 1 31  ? 8.539   -11.092 5.084   1.00 11.26 ? 30  ILE A CD1 1 
ATOM   243  N  N   . ARG A 1 32  ? 5.127   -10.186 0.493   1.00 9.60  ? 31  ARG A N   1 
ATOM   244  C  CA  . ARG A 1 32  ? 4.279   -10.669 -0.592  1.00 10.34 ? 31  ARG A CA  1 
ATOM   245  C  C   . ARG A 1 32  ? 4.601   -9.909  -1.874  1.00 10.70 ? 31  ARG A C   1 
ATOM   246  O  O   . ARG A 1 32  ? 4.666   -10.511 -2.954  1.00 10.62 ? 31  ARG A O   1 
ATOM   247  C  CB  . ARG A 1 32  ? 2.786   -10.530 -0.234  1.00 10.49 ? 31  ARG A CB  1 
ATOM   248  C  CG  . ARG A 1 32  ? 1.808   -10.848 -1.380  1.00 12.03 ? 31  ARG A CG  1 
ATOM   249  C  CD  . ARG A 1 32  ? 1.808   -12.341 -1.689  1.00 18.56 ? 31  ARG A CD  1 
ATOM   250  N  NE  . ARG A 1 32  ? 0.924   -12.637 -2.824  1.00 23.06 ? 31  ARG A NE  1 
ATOM   251  C  CZ  . ARG A 1 32  ? 0.717   -13.853 -3.320  1.00 24.98 ? 31  ARG A CZ  1 
ATOM   252  N  NH1 . ARG A 1 32  ? -0.105  -14.004 -4.350  1.00 26.18 ? 31  ARG A NH1 1 
ATOM   253  N  NH2 . ARG A 1 32  ? 1.328   -14.914 -2.800  1.00 25.77 ? 31  ARG A NH2 1 
ATOM   254  N  N   . LEU A 1 33  ? 4.800   -8.595  -1.748  1.00 10.42 ? 32  LEU A N   1 
ATOM   255  C  CA  . LEU A 1 33  ? 5.175   -7.750  -2.896  1.00 11.11 ? 32  LEU A CA  1 
ATOM   256  C  C   . LEU A 1 33  ? 6.472   -8.250  -3.540  1.00 11.79 ? 32  LEU A C   1 
ATOM   257  O  O   . LEU A 1 33  ? 6.541   -8.439  -4.769  1.00 11.99 ? 32  LEU A O   1 
ATOM   258  C  CB  . LEU A 1 33  ? 5.380   -6.305  -2.442  1.00 11.29 ? 32  LEU A CB  1 
ATOM   259  C  CG  . LEU A 1 33  ? 5.828   -5.299  -3.517  1.00 9.86  ? 32  LEU A CG  1 
ATOM   260  C  CD1 . LEU A 1 33  ? 4.816   -5.227  -4.653  1.00 10.72 ? 32  LEU A CD1 1 
ATOM   261  C  CD2 . LEU A 1 33  ? 6.028   -3.913  -2.862  1.00 10.50 ? 32  LEU A CD2 1 
ATOM   262  N  N   . PHE A 1 34  ? 7.490   -8.426  -2.702  1.00 12.14 ? 33  PHE A N   1 
ATOM   263  C  CA  . PHE A 1 34  ? 8.821   -8.828  -3.162  1.00 12.92 ? 33  PHE A CA  1 
ATOM   264  C  C   . PHE A 1 34  ? 8.849   -10.224 -3.759  1.00 14.10 ? 33  PHE A C   1 
ATOM   265  O  O   . PHE A 1 34  ? 9.648   -10.505 -4.670  1.00 14.69 ? 33  PHE A O   1 
ATOM   266  C  CB  . PHE A 1 34  ? 9.833   -8.734  -2.031  1.00 12.81 ? 33  PHE A CB  1 
ATOM   267  C  CG  . PHE A 1 34  ? 10.025  -7.335  -1.501  1.00 11.43 ? 33  PHE A CG  1 
ATOM   268  C  CD1 . PHE A 1 34  ? 9.808   -6.209  -2.318  1.00 11.82 ? 33  PHE A CD1 1 
ATOM   269  C  CD2 . PHE A 1 34  ? 10.445  -7.139  -0.181  1.00 12.36 ? 33  PHE A CD2 1 
ATOM   270  C  CE1 . PHE A 1 34  ? 10.004  -4.922  -1.816  1.00 13.33 ? 33  PHE A CE1 1 
ATOM   271  C  CE2 . PHE A 1 34  ? 10.639  -5.848  0.330   1.00 12.27 ? 33  PHE A CE2 1 
ATOM   272  C  CZ  . PHE A 1 34  ? 10.406  -4.742  -0.489  1.00 12.04 ? 33  PHE A CZ  1 
ATOM   273  N  N   . LYS A 1 35  ? 8.014   -11.109 -3.229  1.00 14.26 ? 34  LYS A N   1 
ATOM   274  C  CA  . LYS A 1 35  ? 7.951   -12.473 -3.761  1.00 15.30 ? 34  LYS A CA  1 
ATOM   275  C  C   . LYS A 1 35  ? 7.173   -12.541 -5.066  1.00 15.16 ? 34  LYS A C   1 
ATOM   276  O  O   . LYS A 1 35  ? 7.598   -13.222 -6.007  1.00 15.72 ? 34  LYS A O   1 
ATOM   277  C  CB  . LYS A 1 35  ? 7.371   -13.423 -2.719  1.00 15.38 ? 34  LYS A CB  1 
ATOM   278  C  CG  . LYS A 1 35  ? 8.351   -13.733 -1.592  1.00 17.11 ? 34  LYS A CG  1 
ATOM   279  C  CD  . LYS A 1 35  ? 7.643   -14.395 -0.409  0.50 17.76 ? 34  LYS A CD  1 
ATOM   280  C  CE  . LYS A 1 35  ? 6.767   -15.574 -0.820  0.50 18.21 ? 34  LYS A CE  1 
ATOM   281  N  NZ  . LYS A 1 35  ? 5.905   -16.013 0.307   0.50 17.83 ? 34  LYS A NZ  1 
ATOM   282  N  N   . SER A 1 36  ? 6.055   -11.811 -5.145  1.00 15.32 ? 35  SER A N   1 
ATOM   283  C  CA  . SER A 1 36  ? 5.184   -11.855 -6.321  1.00 15.16 ? 35  SER A CA  1 
ATOM   284  C  C   . SER A 1 36  ? 5.748   -11.078 -7.511  1.00 15.53 ? 35  SER A C   1 
ATOM   285  O  O   . SER A 1 36  ? 5.495   -11.441 -8.679  1.00 15.67 ? 35  SER A O   1 
ATOM   286  C  CB  . SER A 1 36  ? 3.775   -11.358 -5.976  1.00 15.56 ? 35  SER A CB  1 
ATOM   287  O  OG  . SER A 1 36  ? 3.142   -12.275 -5.091  1.00 17.60 ? 35  SER A OG  1 
ATOM   288  N  N   . HIS A 1 37  ? 6.500   -10.017 -7.206  1.00 15.03 ? 36  HIS A N   1 
ATOM   289  C  CA  . HIS A 1 37  ? 7.056   -9.116  -8.217  1.00 15.04 ? 36  HIS A CA  1 
ATOM   290  C  C   . HIS A 1 37  ? 8.447   -8.727  -7.767  1.00 15.06 ? 36  HIS A C   1 
ATOM   291  O  O   . HIS A 1 37  ? 8.678   -7.622  -7.278  1.00 14.91 ? 36  HIS A O   1 
ATOM   292  C  CB  . HIS A 1 37  ? 6.141   -7.887  -8.408  1.00 14.47 ? 36  HIS A CB  1 
ATOM   293  C  CG  . HIS A 1 37  ? 4.704   -8.237  -8.661  1.00 15.80 ? 36  HIS A CG  1 
ATOM   294  N  ND1 . HIS A 1 37  ? 4.224   -8.550  -9.914  1.00 17.28 ? 36  HIS A ND1 1 
ATOM   295  C  CD2 . HIS A 1 37  ? 3.650   -8.341  -7.819  1.00 16.75 ? 36  HIS A CD2 1 
ATOM   296  C  CE1 . HIS A 1 37  ? 2.935   -8.829  -9.834  1.00 18.08 ? 36  HIS A CE1 1 
ATOM   297  N  NE2 . HIS A 1 37  ? 2.558   -8.696  -8.575  1.00 17.70 ? 36  HIS A NE2 1 
ATOM   298  N  N   . PRO A 1 38  ? 9.406   -9.655  -7.923  1.00 14.94 ? 37  PRO A N   1 
ATOM   299  C  CA  . PRO A 1 38  ? 10.771  -9.487  -7.455  1.00 15.15 ? 37  PRO A CA  1 
ATOM   300  C  C   . PRO A 1 38  ? 11.435  -8.188  -7.936  1.00 14.79 ? 37  PRO A C   1 
ATOM   301  O  O   . PRO A 1 38  ? 12.283  -7.620  -7.226  1.00 15.58 ? 37  PRO A O   1 
ATOM   302  C  CB  . PRO A 1 38  ? 11.487  -10.713 -8.041  1.00 15.59 ? 37  PRO A CB  1 
ATOM   303  C  CG  . PRO A 1 38  ? 10.418  -11.735 -8.203  1.00 15.59 ? 37  PRO A CG  1 
ATOM   304  C  CD  . PRO A 1 38  ? 9.197   -10.958 -8.583  1.00 15.25 ? 37  PRO A CD  1 
ATOM   305  N  N   . GLU A 1 39  ? 11.036  -7.707  -9.116  1.00 15.23 ? 38  GLU A N   1 
ATOM   306  C  CA  . GLU A 1 39  ? 11.594  -6.456  -9.661  1.00 15.59 ? 38  GLU A CA  1 
ATOM   307  C  C   . GLU A 1 39  ? 11.377  -5.261  -8.722  1.00 14.98 ? 38  GLU A C   1 
ATOM   308  O  O   . GLU A 1 39  ? 12.183  -4.316  -8.687  1.00 15.11 ? 38  GLU A O   1 
ATOM   309  C  CB  . GLU A 1 39  ? 11.052  -6.168  -11.077 1.00 16.04 ? 38  GLU A CB  1 
ATOM   310  C  CG  . GLU A 1 39  ? 9.553   -5.844  -11.168 1.00 17.97 ? 38  GLU A CG  1 
ATOM   311  C  CD  . GLU A 1 39  ? 8.663   -7.066  -11.404 1.00 19.54 ? 38  GLU A CD  1 
ATOM   312  O  OE1 . GLU A 1 39  ? 8.984   -8.182  -10.923 1.00 19.01 ? 38  GLU A OE1 1 
ATOM   313  O  OE2 . GLU A 1 39  ? 7.622   -6.900  -12.080 1.00 22.00 ? 38  GLU A OE2 1 
ATOM   314  N  N   . THR A 1 40  ? 10.296  -5.307  -7.946  1.00 14.18 ? 39  THR A N   1 
ATOM   315  C  CA  . THR A 1 40  ? 9.996   -4.209  -7.029  1.00 13.42 ? 39  THR A CA  1 
ATOM   316  C  C   . THR A 1 40  ? 11.060  -4.060  -5.939  1.00 13.23 ? 39  THR A C   1 
ATOM   317  O  O   . THR A 1 40  ? 11.327  -2.957  -5.474  1.00 13.02 ? 39  THR A O   1 
ATOM   318  C  CB  . THR A 1 40  ? 8.597   -4.353  -6.385  1.00 13.35 ? 39  THR A CB  1 
ATOM   319  O  OG1 . THR A 1 40  ? 8.555   -5.559  -5.608  1.00 12.66 ? 39  THR A OG1 1 
ATOM   320  C  CG2 . THR A 1 40  ? 7.501   -4.385  -7.461  1.00 13.84 ? 39  THR A CG2 1 
ATOM   321  N  N   . LEU A 1 41  ? 11.671  -5.172  -5.535  1.00 12.82 ? 40  LEU A N   1 
ATOM   322  C  CA  . LEU A 1 41  ? 12.675  -5.130  -4.484  1.00 12.85 ? 40  LEU A CA  1 
ATOM   323  C  C   . LEU A 1 41  ? 13.895  -4.316  -4.927  1.00 12.66 ? 40  LEU A C   1 
ATOM   324  O  O   . LEU A 1 41  ? 14.551  -3.681  -4.106  1.00 11.37 ? 40  LEU A O   1 
ATOM   325  C  CB  . LEU A 1 41  ? 13.098  -6.547  -4.086  1.00 12.58 ? 40  LEU A CB  1 
ATOM   326  C  CG  . LEU A 1 41  ? 14.195  -6.701  -3.023  1.00 13.29 ? 40  LEU A CG  1 
ATOM   327  C  CD1 . LEU A 1 41  ? 13.937  -5.943  -1.691  1.00 11.66 ? 40  LEU A CD1 1 
ATOM   328  C  CD2 . LEU A 1 41  ? 14.446  -8.179  -2.753  1.00 13.87 ? 40  LEU A CD2 1 
ATOM   329  N  N   . GLU A 1 42  ? 14.166  -4.346  -6.233  1.00 13.48 ? 41  GLU A N   1 
ATOM   330  C  CA  . GLU A 1 42  ? 15.306  -3.652  -6.821  1.00 14.11 ? 41  GLU A CA  1 
ATOM   331  C  C   . GLU A 1 42  ? 15.228  -2.137  -6.677  1.00 14.63 ? 41  GLU A C   1 
ATOM   332  O  O   . GLU A 1 42  ? 16.250  -1.441  -6.779  1.00 15.19 ? 41  GLU A O   1 
ATOM   333  C  CB  . GLU A 1 42  ? 15.474  -4.057  -8.285  1.00 14.67 ? 41  GLU A CB  1 
ATOM   334  C  CG  . GLU A 1 42  ? 15.744  -5.571  -8.465  1.00 17.02 ? 41  GLU A CG  1 
ATOM   335  C  CD  . GLU A 1 42  ? 16.869  -6.073  -7.563  0.50 17.83 ? 41  GLU A CD  1 
ATOM   336  O  OE1 . GLU A 1 42  ? 17.969  -5.475  -7.593  0.50 18.46 ? 41  GLU A OE1 1 
ATOM   337  O  OE2 . GLU A 1 42  ? 16.652  -7.059  -6.819  0.50 20.02 ? 41  GLU A OE2 1 
ATOM   338  N  N   . LYS A 1 43  ? 14.026  -1.623  -6.413  1.00 13.64 ? 42  LYS A N   1 
ATOM   339  C  CA  . LYS A 1 43  ? 13.858  -0.196  -6.168  1.00 13.64 ? 42  LYS A CA  1 
ATOM   340  C  C   . LYS A 1 43  ? 14.331  0.209   -4.788  1.00 13.62 ? 42  LYS A C   1 
ATOM   341  O  O   . LYS A 1 43  ? 14.574  1.377   -4.529  1.00 14.42 ? 42  LYS A O   1 
ATOM   342  C  CB  . LYS A 1 43  ? 12.389  0.218   -6.360  1.00 13.38 ? 42  LYS A CB  1 
ATOM   343  C  CG  . LYS A 1 43  ? 11.926  0.159   -7.804  1.00 13.29 ? 42  LYS A CG  1 
ATOM   344  C  CD  . LYS A 1 43  ? 12.469  1.362   -8.574  1.00 14.93 ? 42  LYS A CD  1 
ATOM   345  C  CE  . LYS A 1 43  ? 12.125  1.272   -10.048 1.00 16.74 ? 42  LYS A CE  1 
ATOM   346  N  NZ  . LYS A 1 43  ? 12.594  2.507   -10.762 1.00 17.55 ? 42  LYS A NZ  1 
ATOM   347  N  N   . PHE A 1 44  ? 14.457  -0.761  -3.889  1.00 13.55 ? 43  PHE A N   1 
ATOM   348  C  CA  . PHE A 1 44  ? 14.889  -0.476  -2.526  1.00 13.87 ? 43  PHE A CA  1 
ATOM   349  C  C   . PHE A 1 44  ? 16.379  -0.750  -2.336  1.00 14.92 ? 43  PHE A C   1 
ATOM   350  O  O   . PHE A 1 44  ? 16.764  -1.875  -2.017  1.00 14.10 ? 43  PHE A O   1 
ATOM   351  C  CB  . PHE A 1 44  ? 14.121  -1.353  -1.531  1.00 13.49 ? 43  PHE A CB  1 
ATOM   352  C  CG  . PHE A 1 44  ? 12.669  -0.988  -1.386  1.00 12.68 ? 43  PHE A CG  1 
ATOM   353  C  CD1 . PHE A 1 44  ? 11.717  -1.558  -2.217  1.00 12.08 ? 43  PHE A CD1 1 
ATOM   354  C  CD2 . PHE A 1 44  ? 12.258  -0.112  -0.386  1.00 13.29 ? 43  PHE A CD2 1 
ATOM   355  C  CE1 . PHE A 1 44  ? 10.365  -1.236  -2.084  1.00 12.01 ? 43  PHE A CE1 1 
ATOM   356  C  CE2 . PHE A 1 44  ? 10.886  0.211   -0.246  1.00 13.38 ? 43  PHE A CE2 1 
ATOM   357  C  CZ  . PHE A 1 44  ? 9.957   -0.365  -1.099  1.00 12.47 ? 43  PHE A CZ  1 
ATOM   358  N  N   . ASP A 1 45  ? 17.209  0.281   -2.488  1.00 15.48 ? 44  ASP A N   1 
ATOM   359  C  CA  . ASP A 1 45  ? 18.644  0.132   -2.210  1.00 16.23 ? 44  ASP A CA  1 
ATOM   360  C  C   . ASP A 1 45  ? 18.888  -0.331  -0.760  1.00 16.54 ? 44  ASP A C   1 
ATOM   361  O  O   . ASP A 1 45  ? 19.847  -1.045  -0.459  1.00 16.08 ? 44  ASP A O   1 
ATOM   362  C  CB  . ASP A 1 45  ? 19.371  1.446   -2.525  1.00 16.91 ? 44  ASP A CB  1 
ATOM   363  C  CG  . ASP A 1 45  ? 19.573  1.659   -4.027  0.50 16.88 ? 44  ASP A CG  1 
ATOM   364  O  OD1 . ASP A 1 45  ? 19.144  0.806   -4.840  0.50 17.12 ? 44  ASP A OD1 1 
ATOM   365  O  OD2 . ASP A 1 45  ? 20.168  2.691   -4.399  0.50 19.28 ? 44  ASP A OD2 1 
ATOM   366  N  N   . ARG A 1 46  ? 17.976  0.063   0.119   1.00 15.70 ? 45  ARG A N   1 
ATOM   367  C  CA  . ARG A 1 46  ? 17.981  -0.303  1.529   1.00 16.05 ? 45  ARG A CA  1 
ATOM   368  C  C   . ARG A 1 46  ? 17.799  -1.826  1.764   1.00 14.92 ? 45  ARG A C   1 
ATOM   369  O  O   . ARG A 1 46  ? 18.326  -2.381  2.747   1.00 15.24 ? 45  ARG A O   1 
ATOM   370  C  CB  . ARG A 1 46  ? 16.836  0.481   2.190   1.00 16.71 ? 45  ARG A CB  1 
ATOM   371  C  CG  . ARG A 1 46  ? 16.782  0.461   3.693   1.00 18.73 ? 45  ARG A CG  1 
ATOM   372  C  CD  . ARG A 1 46  ? 15.894  1.604   4.193   1.00 20.73 ? 45  ARG A CD  1 
ATOM   373  N  NE  . ARG A 1 46  ? 15.337  1.317   5.506   1.00 22.79 ? 45  ARG A NE  1 
ATOM   374  C  CZ  . ARG A 1 46  ? 14.248  1.887   6.005   1.00 23.24 ? 45  ARG A CZ  1 
ATOM   375  N  NH1 . ARG A 1 46  ? 13.595  2.793   5.294   1.00 23.32 ? 45  ARG A NH1 1 
ATOM   376  N  NH2 . ARG A 1 46  ? 13.824  1.555   7.231   1.00 24.65 ? 45  ARG A NH2 1 
ATOM   377  N  N   . PHE A 1 47  ? 17.057  -2.484  0.879   1.00 13.95 ? 46  PHE A N   1 
ATOM   378  C  CA  . PHE A 1 47  ? 16.614  -3.862  1.130   1.00 13.41 ? 46  PHE A CA  1 
ATOM   379  C  C   . PHE A 1 47  ? 16.976  -4.874  0.063   1.00 13.61 ? 46  PHE A C   1 
ATOM   380  O  O   . PHE A 1 47  ? 16.776  -6.061  0.277   1.00 13.92 ? 46  PHE A O   1 
ATOM   381  C  CB  . PHE A 1 47  ? 15.092  -3.916  1.370   1.00 13.94 ? 46  PHE A CB  1 
ATOM   382  C  CG  . PHE A 1 47  ? 14.627  -3.022  2.484   1.00 13.38 ? 46  PHE A CG  1 
ATOM   383  C  CD1 . PHE A 1 47  ? 15.140  -3.168  3.769   1.00 14.33 ? 46  PHE A CD1 1 
ATOM   384  C  CD2 . PHE A 1 47  ? 13.669  -2.034  2.243   1.00 14.51 ? 46  PHE A CD2 1 
ATOM   385  C  CE1 . PHE A 1 47  ? 14.730  -2.335  4.803   1.00 14.65 ? 46  PHE A CE1 1 
ATOM   386  C  CE2 . PHE A 1 47  ? 13.254  -1.193  3.263   1.00 14.84 ? 46  PHE A CE2 1 
ATOM   387  C  CZ  . PHE A 1 47  ? 13.775  -1.342  4.551   1.00 15.44 ? 46  PHE A CZ  1 
ATOM   388  N  N   . LYS A 1 48  ? 17.508  -4.424  -1.072  1.00 13.22 ? 47  LYS A N   1 
ATOM   389  C  CA  . LYS A 1 48  ? 17.664  -5.302  -2.232  1.00 14.14 ? 47  LYS A CA  1 
ATOM   390  C  C   . LYS A 1 48  ? 18.688  -6.422  -2.053  1.00 13.91 ? 47  LYS A C   1 
ATOM   391  O  O   . LYS A 1 48  ? 18.734  -7.348  -2.858  1.00 15.22 ? 47  LYS A O   1 
ATOM   392  C  CB  . LYS A 1 48  ? 17.966  -4.508  -3.510  1.00 14.17 ? 47  LYS A CB  1 
ATOM   393  C  CG  . LYS A 1 48  ? 19.251  -3.741  -3.516  1.00 16.19 ? 47  LYS A CG  1 
ATOM   394  C  CD  . LYS A 1 48  ? 19.354  -3.036  -4.866  1.00 19.19 ? 47  LYS A CD  1 
ATOM   395  C  CE  . LYS A 1 48  ? 20.673  -2.338  -5.046  1.00 22.08 ? 47  LYS A CE  1 
ATOM   396  N  NZ  . LYS A 1 48  ? 20.605  -1.495  -6.289  1.00 22.78 ? 47  LYS A NZ  1 
ATOM   397  N  N   . HIS A 1 49  ? 19.474  -6.345  -0.991  1.00 13.83 ? 48  HIS A N   1 
ATOM   398  C  CA  . HIS A 1 49  ? 20.418  -7.423  -0.668  1.00 13.31 ? 48  HIS A CA  1 
ATOM   399  C  C   . HIS A 1 49  ? 19.719  -8.646  -0.065  1.00 13.05 ? 48  HIS A C   1 
ATOM   400  O  O   . HIS A 1 49  ? 20.300  -9.735  -0.012  1.00 12.84 ? 48  HIS A O   1 
ATOM   401  C  CB  . HIS A 1 49  ? 21.481  -6.933  0.308   1.00 13.92 ? 48  HIS A CB  1 
ATOM   402  C  CG  . HIS A 1 49  ? 20.938  -6.574  1.657   1.00 15.10 ? 48  HIS A CG  1 
ATOM   403  N  ND1 . HIS A 1 49  ? 20.174  -5.444  1.872   1.00 15.31 ? 48  HIS A ND1 1 
ATOM   404  C  CD2 . HIS A 1 49  ? 21.021  -7.206  2.852   1.00 16.09 ? 48  HIS A CD2 1 
ATOM   405  C  CE1 . HIS A 1 49  ? 19.829  -5.385  3.147   1.00 14.29 ? 48  HIS A CE1 1 
ATOM   406  N  NE2 . HIS A 1 49  ? 20.326  -6.443  3.762   1.00 16.44 ? 48  HIS A NE2 1 
ATOM   407  N  N   . LEU A 1 50  ? 18.487  -8.472  0.412   1.00 11.92 ? 49  LEU A N   1 
ATOM   408  C  CA  . LEU A 1 50  ? 17.786  -9.566  1.103   1.00 11.73 ? 49  LEU A CA  1 
ATOM   409  C  C   . LEU A 1 50  ? 17.452  -10.677 0.106   1.00 11.52 ? 49  LEU A C   1 
ATOM   410  O  O   . LEU A 1 50  ? 16.850  -10.436 -0.953  1.00 12.06 ? 49  LEU A O   1 
ATOM   411  C  CB  . LEU A 1 50  ? 16.520  -9.051  1.807   1.00 11.66 ? 49  LEU A CB  1 
ATOM   412  C  CG  . LEU A 1 50  ? 16.735  -8.023  2.921   1.00 12.42 ? 49  LEU A CG  1 
ATOM   413  C  CD1 . LEU A 1 50  ? 15.419  -7.316  3.216   1.00 12.01 ? 49  LEU A CD1 1 
ATOM   414  C  CD2 . LEU A 1 50  ? 17.316  -8.663  4.191   1.00 13.76 ? 49  LEU A CD2 1 
ATOM   415  N  N   . LYS A 1 51  ? 17.894  -11.896 0.418   1.00 11.12 ? 50  LYS A N   1 
ATOM   416  C  CA  . LYS A 1 51  ? 17.877  -12.990 -0.545  1.00 10.88 ? 50  LYS A CA  1 
ATOM   417  C  C   . LYS A 1 51  ? 16.667  -13.921 -0.419  1.00 11.60 ? 50  LYS A C   1 
ATOM   418  O  O   . LYS A 1 51  ? 16.265  -14.568 -1.390  1.00 13.14 ? 50  LYS A O   1 
ATOM   419  C  CB  . LYS A 1 51  ? 19.146  -13.836 -0.376  1.00 11.16 ? 50  LYS A CB  1 
ATOM   420  C  CG  . LYS A 1 51  ? 20.414  -13.161 -0.840  1.00 10.09 ? 50  LYS A CG  1 
ATOM   421  C  CD  . LYS A 1 51  ? 21.568  -14.182 -0.773  1.00 11.05 ? 50  LYS A CD  1 
ATOM   422  C  CE  . LYS A 1 51  ? 22.882  -13.507 -0.989  1.00 12.28 ? 50  LYS A CE  1 
ATOM   423  N  NZ  . LYS A 1 51  ? 23.017  -13.063 -2.411  1.00 13.53 ? 50  LYS A NZ  1 
ATOM   424  N  N   . THR A 1 52  ? 16.122  -14.015 0.786   1.00 11.38 ? 51  THR A N   1 
ATOM   425  C  CA  . THR A 1 52  ? 15.097  -15.014 1.100   1.00 11.73 ? 51  THR A CA  1 
ATOM   426  C  C   . THR A 1 52  ? 14.001  -14.422 1.974   1.00 11.86 ? 51  THR A C   1 
ATOM   427  O  O   . THR A 1 52  ? 14.220  -13.407 2.632   1.00 11.40 ? 51  THR A O   1 
ATOM   428  C  CB  . THR A 1 52  ? 15.704  -16.198 1.893   1.00 12.07 ? 51  THR A CB  1 
ATOM   429  O  OG1 . THR A 1 52  ? 16.188  -15.735 3.155   1.00 11.82 ? 51  THR A OG1 1 
ATOM   430  C  CG2 . THR A 1 52  ? 16.837  -16.882 1.107   1.00 12.83 ? 51  THR A CG2 1 
ATOM   431  N  N   . GLU A 1 53  ? 12.835  -15.078 2.009   1.00 12.16 ? 52  GLU A N   1 
ATOM   432  C  CA  . GLU A 1 53  ? 11.770  -14.673 2.931   1.00 12.57 ? 52  GLU A CA  1 
ATOM   433  C  C   . GLU A 1 53  ? 12.241  -14.685 4.393   1.00 11.96 ? 52  GLU A C   1 
ATOM   434  O  O   . GLU A 1 53  ? 11.900  -13.786 5.163   1.00 11.79 ? 52  GLU A O   1 
ATOM   435  C  CB  . GLU A 1 53  ? 10.529  -15.558 2.727   1.00 12.98 ? 52  GLU A CB  1 
ATOM   436  C  CG  . GLU A 1 53  ? 9.418   -15.313 3.725   1.00 14.64 ? 52  GLU A CG  1 
ATOM   437  C  CD  . GLU A 1 53  ? 8.114   -15.991 3.327   0.50 12.98 ? 52  GLU A CD  1 
ATOM   438  O  OE1 . GLU A 1 53  ? 8.132   -16.845 2.418   0.50 14.16 ? 52  GLU A OE1 1 
ATOM   439  O  OE2 . GLU A 1 53  ? 7.073   -15.657 3.923   0.50 12.63 ? 52  GLU A OE2 1 
ATOM   440  N  N   . ALA A 1 54  ? 13.049  -15.682 4.777   1.00 11.17 ? 53  ALA A N   1 
ATOM   441  C  CA  . ALA A 1 54  ? 13.597  -15.722 6.132   1.00 11.23 ? 53  ALA A CA  1 
ATOM   442  C  C   . ALA A 1 54  ? 14.377  -14.467 6.475   1.00 11.39 ? 53  ALA A C   1 
ATOM   443  O  O   . ALA A 1 54  ? 14.227  -13.924 7.568   1.00 11.53 ? 53  ALA A O   1 
ATOM   444  C  CB  . ALA A 1 54  ? 14.486  -16.971 6.332   1.00 11.57 ? 53  ALA A CB  1 
ATOM   445  N  N   . GLU A 1 55  ? 15.208  -14.004 5.535   1.00 10.75 ? 54  GLU A N   1 
ATOM   446  C  CA  . GLU A 1 55  ? 15.999  -12.801 5.747   1.00 11.01 ? 54  GLU A CA  1 
ATOM   447  C  C   . GLU A 1 55  ? 15.098  -11.575 5.850   1.00 11.14 ? 54  GLU A C   1 
ATOM   448  O  O   . GLU A 1 55  ? 15.302  -10.701 6.694   1.00 11.45 ? 54  GLU A O   1 
ATOM   449  C  CB  . GLU A 1 55  ? 17.035  -12.633 4.638   1.00 10.87 ? 54  GLU A CB  1 
ATOM   450  C  CG  . GLU A 1 55  ? 18.178  -13.624 4.790   1.00 11.59 ? 54  GLU A CG  1 
ATOM   451  C  CD  . GLU A 1 55  ? 19.297  -13.414 3.801   1.00 13.93 ? 54  GLU A CD  1 
ATOM   452  O  OE1 . GLU A 1 55  ? 19.161  -12.549 2.904   1.00 14.33 ? 54  GLU A OE1 1 
ATOM   453  O  OE2 . GLU A 1 55  ? 20.324  -14.116 3.942   1.00 11.54 ? 54  GLU A OE2 1 
ATOM   454  N  N   . MET A 1 56  ? 14.073  -11.545 5.012   1.00 11.74 ? 55  MET A N   1 
ATOM   455  C  CA  . MET A 1 56  ? 13.122  -10.434 5.050   1.00 12.29 ? 55  MET A CA  1 
ATOM   456  C  C   . MET A 1 56  ? 12.392  -10.384 6.389   1.00 12.57 ? 55  MET A C   1 
ATOM   457  O  O   . MET A 1 56  ? 12.241  -9.320  6.988   1.00 13.69 ? 55  MET A O   1 
ATOM   458  C  CB  . MET A 1 56  ? 12.130  -10.554 3.908   1.00 11.99 ? 55  MET A CB  1 
ATOM   459  C  CG  . MET A 1 56  ? 12.754  -10.275 2.555   1.00 12.63 ? 55  MET A CG  1 
ATOM   460  S  SD  . MET A 1 56  ? 11.647  -10.748 1.242   1.00 13.52 ? 55  MET A SD  1 
ATOM   461  C  CE  . MET A 1 56  ? 12.763  -10.554 -0.150  1.00 15.11 ? 55  MET A CE  1 
ATOM   462  N  N   . LYS A 1 57  ? 11.945  -11.543 6.854   1.00 13.49 ? 56  LYS A N   1 
ATOM   463  C  CA  . LYS A 1 57  ? 11.212  -11.642 8.124   1.00 14.54 ? 56  LYS A CA  1 
ATOM   464  C  C   . LYS A 1 57  ? 12.050  -11.223 9.322   1.00 15.01 ? 56  LYS A C   1 
ATOM   465  O  O   . LYS A 1 57  ? 11.523  -10.679 10.301  1.00 15.70 ? 56  LYS A O   1 
ATOM   466  C  CB  . LYS A 1 57  ? 10.702  -13.067 8.338   1.00 15.14 ? 56  LYS A CB  1 
ATOM   467  C  CG  . LYS A 1 57  ? 9.469   -13.431 7.543   1.00 17.32 ? 56  LYS A CG  1 
ATOM   468  C  CD  . LYS A 1 57  ? 8.961   -14.803 7.969   1.00 21.42 ? 56  LYS A CD  1 
ATOM   469  C  CE  . LYS A 1 57  ? 7.751   -15.234 7.170   1.00 22.56 ? 56  LYS A CE  1 
ATOM   470  N  NZ  . LYS A 1 57  ? 7.659   -16.721 7.135   1.00 25.90 ? 56  LYS A NZ  1 
ATOM   471  N  N   . ALA A 1 58  ? 13.357  -11.467 9.231   1.00 14.54 ? 57  ALA A N   1 
ATOM   472  C  CA  . ALA A 1 58  ? 14.290  -11.175 10.310  1.00 14.62 ? 57  ALA A CA  1 
ATOM   473  C  C   . ALA A 1 58  ? 14.793  -9.732  10.312  1.00 14.70 ? 57  ALA A C   1 
ATOM   474  O  O   . ALA A 1 58  ? 15.446  -9.295  11.275  1.00 15.08 ? 57  ALA A O   1 
ATOM   475  C  CB  . ALA A 1 58  ? 15.475  -12.155 10.244  1.00 14.90 ? 57  ALA A CB  1 
ATOM   476  N  N   . SER A 1 59  ? 14.494  -8.983  9.245   1.00 13.97 ? 58  SER A N   1 
ATOM   477  C  CA  . SER A 1 59  ? 15.011  -7.629  9.093   1.00 13.73 ? 58  SER A CA  1 
ATOM   478  C  C   . SER A 1 59  ? 14.189  -6.642  9.904   1.00 13.45 ? 58  SER A C   1 
ATOM   479  O  O   . SER A 1 59  ? 13.058  -6.327  9.552   1.00 13.06 ? 58  SER A O   1 
ATOM   480  C  CB  . SER A 1 59  ? 15.021  -7.182  7.629   1.00 13.46 ? 58  SER A CB  1 
ATOM   481  O  OG  . SER A 1 59  ? 15.249  -5.773  7.555   1.00 12.94 ? 58  SER A OG  1 
ATOM   482  N  N   . GLU A 1 60  ? 14.766  -6.159  10.992  1.00 13.72 ? 59  GLU A N   1 
ATOM   483  C  CA  . GLU A 1 60  ? 14.105  -5.149  11.807  1.00 13.50 ? 59  GLU A CA  1 
ATOM   484  C  C   . GLU A 1 60  ? 13.854  -3.872  10.998  1.00 13.14 ? 59  GLU A C   1 
ATOM   485  O  O   . GLU A 1 60  ? 12.811  -3.216  11.143  1.00 12.37 ? 59  GLU A O   1 
ATOM   486  C  CB  . GLU A 1 60  ? 14.943  -4.868  13.052  1.00 14.84 ? 59  GLU A CB  1 
ATOM   487  C  CG  . GLU A 1 60  ? 14.932  -6.038  14.054  1.00 16.94 ? 59  GLU A CG  1 
ATOM   488  C  CD  . GLU A 1 60  ? 13.526  -6.396  14.523  0.50 19.19 ? 59  GLU A CD  1 
ATOM   489  O  OE1 . GLU A 1 60  ? 13.164  -7.590  14.463  0.50 21.90 ? 59  GLU A OE1 1 
ATOM   490  O  OE2 . GLU A 1 60  ? 12.766  -5.483  14.919  0.50 19.51 ? 59  GLU A OE2 1 
ATOM   491  N  N   . ASP A 1 61  ? 14.805  -3.532  10.134  1.00 12.86 ? 60  ASP A N   1 
ATOM   492  C  CA  . ASP A 1 61  ? 14.684  -2.350  9.292   1.00 12.20 ? 60  ASP A CA  1 
ATOM   493  C  C   . ASP A 1 61  ? 13.514  -2.470  8.314   1.00 11.92 ? 60  ASP A C   1 
ATOM   494  O  O   . ASP A 1 61  ? 12.775  -1.498  8.101   1.00 11.41 ? 60  ASP A O   1 
ATOM   495  C  CB  . ASP A 1 61  ? 15.994  -2.133  8.535   1.00 13.22 ? 60  ASP A CB  1 
ATOM   496  C  CG  . ASP A 1 61  ? 16.118  -0.758  7.961   0.50 11.66 ? 60  ASP A CG  1 
ATOM   497  O  OD1 . ASP A 1 61  ? 15.779  0.211   8.658   0.50 12.76 ? 60  ASP A OD1 1 
ATOM   498  O  OD2 . ASP A 1 61  ? 16.584  -0.656  6.807   0.50 13.02 ? 60  ASP A OD2 1 
ATOM   499  N  N   . LEU A 1 62  ? 13.339  -3.647  7.708   1.00 11.02 ? 61  LEU A N   1 
ATOM   500  C  CA  . LEU A 1 62  ? 12.183  -3.853  6.815   1.00 10.50 ? 61  LEU A CA  1 
ATOM   501  C  C   . LEU A 1 62  ? 10.884  -3.729  7.601   1.00 9.84  ? 61  LEU A C   1 
ATOM   502  O  O   . LEU A 1 62  ? 9.915   -3.156  7.101   1.00 9.45  ? 61  LEU A O   1 
ATOM   503  C  CB  . LEU A 1 62  ? 12.229  -5.212  6.126   1.00 10.41 ? 61  LEU A CB  1 
ATOM   504  C  CG  . LEU A 1 62  ? 11.183  -5.487  5.033   1.00 10.88 ? 61  LEU A CG  1 
ATOM   505  C  CD1 . LEU A 1 62  ? 11.278  -4.454  3.921   1.00 10.44 ? 61  LEU A CD1 1 
ATOM   506  C  CD2 . LEU A 1 62  ? 11.376  -6.855  4.448   1.00 10.71 ? 61  LEU A CD2 1 
ATOM   507  N  N   . LYS A 1 63  ? 10.860  -4.284  8.816   1.00 9.15  ? 62  LYS A N   1 
ATOM   508  C  CA  . LYS A 1 63  ? 9.663   -4.175  9.662   1.00 9.43  ? 62  LYS A CA  1 
ATOM   509  C  C   . LYS A 1 63  ? 9.321   -2.709  9.951   1.00 9.07  ? 62  LYS A C   1 
ATOM   510  O  O   . LYS A 1 63  ? 8.151   -2.301  9.823   1.00 9.32  ? 62  LYS A O   1 
ATOM   511  C  CB  . LYS A 1 63  ? 9.856   -4.931  10.969  1.00 10.15 ? 62  LYS A CB  1 
ATOM   512  C  CG  . LYS A 1 63  ? 8.592   -4.967  11.787  1.00 12.71 ? 62  LYS A CG  1 
ATOM   513  C  CD  . LYS A 1 63  ? 8.845   -5.340  13.225  1.00 20.73 ? 62  LYS A CD  1 
ATOM   514  C  CE  . LYS A 1 63  ? 9.201   -6.779  13.355  1.00 25.22 ? 62  LYS A CE  1 
ATOM   515  N  NZ  . LYS A 1 63  ? 10.613  -6.915  13.770  1.00 29.87 ? 62  LYS A NZ  1 
ATOM   516  N  N   . LYS A 1 64  ? 10.341  -1.921  10.315  1.00 9.25  ? 63  LYS A N   1 
ATOM   517  C  CA  . LYS A 1 64  ? 10.184  -0.479  10.527  1.00 9.27  ? 63  LYS A CA  1 
ATOM   518  C  C   . LYS A 1 64  ? 9.560   0.200   9.307   1.00 8.93  ? 63  LYS A C   1 
ATOM   519  O  O   . LYS A 1 64  ? 8.633   1.021   9.437   1.00 9.16  ? 63  LYS A O   1 
ATOM   520  C  CB  . LYS A 1 64  ? 11.535  0.179   10.876  1.00 10.02 ? 63  LYS A CB  1 
ATOM   521  N  N   . HIS A 1 65  ? 10.055  -0.139  8.122   1.00 8.63  ? 64  HIS A N   1 
ATOM   522  C  CA  . HIS A 1 65  ? 9.542   0.491   6.908   1.00 8.79  ? 64  HIS A CA  1 
ATOM   523  C  C   . HIS A 1 65  ? 8.102   0.082   6.643   1.00 8.28  ? 64  HIS A C   1 
ATOM   524  O  O   . HIS A 1 65  ? 7.286   0.916   6.227   1.00 8.45  ? 64  HIS A O   1 
ATOM   525  C  CB  . HIS A 1 65  ? 10.407  0.199   5.684   1.00 9.56  ? 64  HIS A CB  1 
ATOM   526  C  CG  . HIS A 1 65  ? 10.000  0.990   4.477   1.00 9.60  ? 64  HIS A CG  1 
ATOM   527  N  ND1 . HIS A 1 65  ? 10.056  2.369   4.441   1.00 10.46 ? 64  HIS A ND1 1 
ATOM   528  C  CD2 . HIS A 1 65  ? 9.521   0.597   3.274   1.00 10.60 ? 64  HIS A CD2 1 
ATOM   529  C  CE1 . HIS A 1 65  ? 9.620   2.790   3.264   1.00 9.40  ? 64  HIS A CE1 1 
ATOM   530  N  NE2 . HIS A 1 65  ? 9.304   1.735   2.534   1.00 10.19 ? 64  HIS A NE2 1 
ATOM   531  N  N   . GLY A 1 66  ? 7.778   -1.184  6.892   1.00 8.10  ? 65  GLY A N   1 
ATOM   532  C  CA  . GLY A 1 66  ? 6.406   -1.648  6.692   1.00 7.88  ? 65  GLY A CA  1 
ATOM   533  C  C   . GLY A 1 66  ? 5.447   -0.847  7.549   1.00 7.87  ? 65  GLY A C   1 
ATOM   534  O  O   . GLY A 1 66  ? 4.359   -0.479  7.102   1.00 7.77  ? 65  GLY A O   1 
ATOM   535  N  N   . VAL A 1 67  ? 5.865   -0.537  8.775   1.00 7.73  ? 66  VAL A N   1 
ATOM   536  C  CA  . VAL A 1 67  ? 5.026   0.260   9.680   1.00 7.56  ? 66  VAL A CA  1 
ATOM   537  C  C   . VAL A 1 67  ? 4.831   1.674   9.113   1.00 7.65  ? 66  VAL A C   1 
ATOM   538  O  O   . VAL A 1 67  ? 3.723   2.214   9.105   1.00 7.55  ? 66  VAL A O   1 
ATOM   539  C  CB  . VAL A 1 67  ? 5.639   0.317   11.098  1.00 7.61  ? 66  VAL A CB  1 
ATOM   540  C  CG1 . VAL A 1 67  ? 4.912   1.356   11.972  1.00 9.08  ? 66  VAL A CG1 1 
ATOM   541  C  CG2 . VAL A 1 67  ? 5.585   -1.060  11.775  1.00 7.66  ? 66  VAL A CG2 1 
ATOM   542  N  N   . THR A 1 68  ? 5.916   2.261   8.624   1.00 7.25  ? 67  THR A N   1 
ATOM   543  C  CA  . THR A 1 68  ? 5.864   3.573   7.978   1.00 8.45  ? 67  THR A CA  1 
ATOM   544  C  C   . THR A 1 68  ? 4.906   3.613   6.788   1.00 8.18  ? 67  THR A C   1 
ATOM   545  O  O   . THR A 1 68  ? 4.052   4.495   6.691   1.00 8.33  ? 67  THR A O   1 
ATOM   546  C  CB  . THR A 1 68  ? 7.299   4.002   7.587   1.00 8.88  ? 67  THR A CB  1 
ATOM   547  O  OG1 . THR A 1 68  ? 8.037   4.223   8.800   1.00 9.51  ? 67  THR A OG1 1 
ATOM   548  C  CG2 . THR A 1 68  ? 7.273   5.293   6.731   1.00 9.81  ? 67  THR A CG2 1 
ATOM   549  N  N   . VAL A 1 69  ? 5.023   2.615   5.915   1.00 8.26  ? 68  VAL A N   1 
ATOM   550  C  CA  . VAL A 1 69  ? 4.181   2.490   4.724   1.00 7.44  ? 68  VAL A CA  1 
ATOM   551  C  C   . VAL A 1 69  ? 2.703   2.336   5.100   1.00 7.80  ? 68  VAL A C   1 
ATOM   552  O  O   . VAL A 1 69  ? 1.842   3.121   4.662   1.00 7.28  ? 68  VAL A O   1 
ATOM   553  C  CB  . VAL A 1 69  ? 4.660   1.320   3.858   1.00 7.74  ? 68  VAL A CB  1 
ATOM   554  C  CG1 . VAL A 1 69  ? 3.655   1.032   2.733   1.00 7.34  ? 68  VAL A CG1 1 
ATOM   555  C  CG2 . VAL A 1 69  ? 6.047   1.657   3.290   1.00 7.45  ? 68  VAL A CG2 1 
ATOM   556  N  N   . LEU A 1 70  ? 2.394   1.353   5.940   1.00 6.73  ? 69  LEU A N   1 
ATOM   557  C  CA  . LEU A 1 70  ? 0.975   1.151   6.299   1.00 7.52  ? 69  LEU A CA  1 
ATOM   558  C  C   . LEU A 1 70  ? 0.359   2.298   7.093   1.00 7.59  ? 69  LEU A C   1 
ATOM   559  O  O   . LEU A 1 70  ? -0.839  2.579   6.961   1.00 7.84  ? 69  LEU A O   1 
ATOM   560  C  CB  . LEU A 1 70  ? 0.762   -0.196  6.986   1.00 6.88  ? 69  LEU A CB  1 
ATOM   561  C  CG  . LEU A 1 70  ? 1.050   -1.464  6.161   1.00 7.87  ? 69  LEU A CG  1 
ATOM   562  C  CD1 . LEU A 1 70  ? 0.502   -2.676  6.918   1.00 8.40  ? 69  LEU A CD1 1 
ATOM   563  C  CD2 . LEU A 1 70  ? 0.459   -1.417  4.734   1.00 9.57  ? 69  LEU A CD2 1 
ATOM   564  N  N   . THR A 1 71  ? 1.169   2.971   7.915   1.00 7.57  ? 70  THR A N   1 
ATOM   565  C  CA  . THR A 1 71  ? 0.676   4.107   8.689   1.00 7.91  ? 70  THR A CA  1 
ATOM   566  C  C   . THR A 1 71  ? 0.342   5.282   7.761   1.00 7.86  ? 70  THR A C   1 
ATOM   567  O  O   . THR A 1 71  ? -0.699  5.928   7.915   1.00 7.44  ? 70  THR A O   1 
ATOM   568  C  CB  . THR A 1 71  ? 1.661   4.488   9.837   1.00 8.08  ? 70  THR A CB  1 
ATOM   569  O  OG1 . THR A 1 71  ? 1.812   3.350   10.712  1.00 8.49  ? 70  THR A OG1 1 
ATOM   570  C  CG2 . THR A 1 71  ? 1.128   5.672   10.653  1.00 9.37  ? 70  THR A CG2 1 
ATOM   571  N  N   . ALA A 1 72  ? 1.206   5.526   6.782   1.00 7.79  ? 71  ALA A N   1 
ATOM   572  C  CA  . ALA A 1 72  ? 0.938   6.549   5.752   1.00 7.92  ? 71  ALA A CA  1 
ATOM   573  C  C   . ALA A 1 72  ? -0.318  6.219   4.937   1.00 8.25  ? 71  ALA A C   1 
ATOM   574  O  O   . ALA A 1 72  ? -1.175  7.086   4.696   1.00 7.88  ? 71  ALA A O   1 
ATOM   575  C  CB  . ALA A 1 72  ? 2.153   6.682   4.835   1.00 7.77  ? 71  ALA A CB  1 
ATOM   576  N  N   . LEU A 1 73  ? -0.447  4.957   4.527   1.00 7.79  ? 72  LEU A N   1 
ATOM   577  C  CA  . LEU A 1 73  ? -1.641  4.535   3.801   1.00 7.57  ? 72  LEU A CA  1 
ATOM   578  C  C   . LEU A 1 73  ? -2.890  4.633   4.674   1.00 7.73  ? 72  LEU A C   1 
ATOM   579  O  O   . LEU A 1 73  ? -3.936  5.130   4.216   1.00 7.80  ? 72  LEU A O   1 
ATOM   580  C  CB  . LEU A 1 73  ? -1.467  3.116   3.240   1.00 7.31  ? 72  LEU A CB  1 
ATOM   581  C  CG  . LEU A 1 73  ? -2.669  2.598   2.434   1.00 7.61  ? 72  LEU A CG  1 
ATOM   582  C  CD1 . LEU A 1 73  ? -2.967  3.482   1.186   1.00 8.03  ? 72  LEU A CD1 1 
ATOM   583  C  CD2 . LEU A 1 73  ? -2.428  1.129   2.036   1.00 7.37  ? 72  LEU A CD2 1 
ATOM   584  N  N   . GLY A 1 74  ? -2.779  4.192   5.929   1.00 7.63  ? 73  GLY A N   1 
ATOM   585  C  CA  . GLY A 1 74  ? -3.882  4.313   6.904   1.00 7.94  ? 73  GLY A CA  1 
ATOM   586  C  C   . GLY A 1 74  ? -4.368  5.751   7.022   1.00 8.01  ? 73  GLY A C   1 
ATOM   587  O  O   . GLY A 1 74  ? -5.583  6.007   7.050   1.00 8.69  ? 73  GLY A O   1 
ATOM   588  N  N   . ALA A 1 75  ? -3.423  6.695   7.071   1.00 7.95  ? 74  ALA A N   1 
ATOM   589  C  CA  . ALA A 1 75  ? -3.765  8.116   7.202   1.00 9.19  ? 74  ALA A CA  1 
ATOM   590  C  C   . ALA A 1 75  ? -4.533  8.618   5.978   1.00 9.42  ? 74  ALA A C   1 
ATOM   591  O  O   . ALA A 1 75  ? -5.496  9.409   6.094   1.00 9.26  ? 74  ALA A O   1 
ATOM   592  C  CB  . ALA A 1 75  ? -2.517  8.940   7.420   1.00 9.63  ? 74  ALA A CB  1 
ATOM   593  N  N   . ILE A 1 76  ? -4.121  8.129   4.818   1.00 8.72  ? 75  ILE A N   1 
ATOM   594  C  CA  . ILE A 1 76  ? -4.783  8.441   3.554   1.00 8.60  ? 75  ILE A CA  1 
ATOM   595  C  C   . ILE A 1 76  ? -6.207  7.862   3.559   1.00 8.57  ? 75  ILE A C   1 
ATOM   596  O  O   . ILE A 1 76  ? -7.177  8.567   3.262   1.00 8.81  ? 75  ILE A O   1 
ATOM   597  C  CB  . ILE A 1 76  ? -3.947  7.928   2.361   1.00 8.84  ? 75  ILE A CB  1 
ATOM   598  C  CG1 . ILE A 1 76  ? -2.744  8.871   2.128   1.00 8.69  ? 75  ILE A CG1 1 
ATOM   599  C  CG2 . ILE A 1 76  ? -4.804  7.810   1.094   1.00 8.39  ? 75  ILE A CG2 1 
ATOM   600  C  CD1 . ILE A 1 76  ? -1.549  8.202   1.420   1.00 10.33 ? 75  ILE A CD1 1 
ATOM   601  N  N   . LEU A 1 77  ? -6.342  6.597   3.945   1.00 8.46  ? 76  LEU A N   1 
ATOM   602  C  CA  . LEU A 1 77  ? -7.664  5.960   3.921   1.00 8.15  ? 76  LEU A CA  1 
ATOM   603  C  C   . LEU A 1 77  ? -8.631  6.647   4.892   1.00 8.27  ? 76  LEU A C   1 
ATOM   604  O  O   . LEU A 1 77  ? -9.802  6.834   4.582   1.00 8.77  ? 76  LEU A O   1 
ATOM   605  C  CB  . LEU A 1 77  ? -7.521  4.473   4.256   1.00 8.18  ? 76  LEU A CB  1 
ATOM   606  C  CG  . LEU A 1 77  ? -6.751  3.652   3.225   1.00 8.66  ? 76  LEU A CG  1 
ATOM   607  C  CD1 . LEU A 1 77  ? -6.540  2.204   3.756   1.00 7.93  ? 76  LEU A CD1 1 
ATOM   608  C  CD2 . LEU A 1 77  ? -7.463  3.633   1.874   1.00 10.19 ? 76  LEU A CD2 1 
ATOM   609  N  N   . LYS A 1 78  ? -8.132  7.046   6.058   1.00 8.34  ? 77  LYS A N   1 
ATOM   610  C  CA  . LYS A 1 78  ? -8.973  7.719   7.051   1.00 8.34  ? 77  LYS A CA  1 
ATOM   611  C  C   . LYS A 1 78  ? -9.495  9.077   6.577   1.00 8.98  ? 77  LYS A C   1 
ATOM   612  O  O   . LYS A 1 78  ? -10.490 9.597   7.131   1.00 9.24  ? 77  LYS A O   1 
ATOM   613  C  CB  . LYS A 1 78  ? -8.206  7.848   8.360   1.00 9.07  ? 77  LYS A CB  1 
ATOM   614  C  CG  . LYS A 1 78  ? -8.063  6.507   9.051   1.00 7.74  ? 77  LYS A CG  1 
ATOM   615  C  CD  . LYS A 1 78  ? -7.032  6.583   10.166  1.00 8.98  ? 77  LYS A CD  1 
ATOM   616  C  CE  . LYS A 1 78  ? -6.693  5.182   10.665  1.00 10.07 ? 77  LYS A CE  1 
ATOM   617  N  NZ  . LYS A 1 78  ? -5.930  5.250   11.969  1.00 10.26 ? 77  LYS A NZ  1 
ATOM   618  N  N   . LYS A 1 79  ? -8.839  9.655   5.564   1.00 9.27  ? 78  LYS A N   1 
ATOM   619  C  CA  . LYS A 1 79  ? -9.343  10.894  4.934   1.00 10.10 ? 78  LYS A CA  1 
ATOM   620  C  C   . LYS A 1 79  ? -10.554 10.681  4.025   1.00 10.12 ? 78  LYS A C   1 
ATOM   621  O  O   . LYS A 1 79  ? -11.238 11.655  3.642   1.00 9.61  ? 78  LYS A O   1 
ATOM   622  C  CB  . LYS A 1 79  ? -8.231  11.650  4.178   1.00 10.62 ? 78  LYS A CB  1 
ATOM   623  C  CG  . LYS A 1 79  ? -7.190  12.306  5.112   1.00 12.23 ? 78  LYS A CG  1 
ATOM   624  C  CD  . LYS A 1 79  ? -7.898  13.313  6.051   1.00 16.91 ? 78  LYS A CD  1 
ATOM   625  C  CE  . LYS A 1 79  ? -6.950  14.309  6.700   1.00 22.32 ? 78  LYS A CE  1 
ATOM   626  N  NZ  . LYS A 1 79  ? -6.498  15.288  5.665   1.00 25.43 ? 78  LYS A NZ  1 
ATOM   627  N  N   . LYS A 1 80  ? -10.816 9.414   3.691   1.00 9.76  ? 79  LYS A N   1 
ATOM   628  C  CA  . LYS A 1 80  ? -11.973 9.029   2.888   1.00 9.65  ? 79  LYS A CA  1 
ATOM   629  C  C   . LYS A 1 80  ? -12.056 9.868   1.602   1.00 9.64  ? 79  LYS A C   1 
ATOM   630  O  O   . LYS A 1 80  ? -13.119 10.401  1.251   1.00 9.38  ? 79  LYS A O   1 
ATOM   631  C  CB  . LYS A 1 80  ? -13.272 9.139   3.711   1.00 9.60  ? 79  LYS A CB  1 
ATOM   632  C  CG  . LYS A 1 80  ? -13.247 8.362   5.047   1.00 8.98  ? 79  LYS A CG  1 
ATOM   633  C  CD  . LYS A 1 80  ? -14.649 8.218   5.625   1.00 12.28 ? 79  LYS A CD  1 
ATOM   634  C  CE  . LYS A 1 80  ? -15.268 9.529   6.028   1.00 15.97 ? 79  LYS A CE  1 
ATOM   635  N  NZ  . LYS A 1 80  ? -16.443 9.242   6.943   1.00 18.14 ? 79  LYS A NZ  1 
ATOM   636  N  N   . GLY A 1 81  ? -10.926 9.964   0.902   1.00 8.64  ? 80  GLY A N   1 
ATOM   637  C  CA  . GLY A 1 81  ? -10.862 10.648  -0.385  1.00 9.56  ? 80  GLY A CA  1 
ATOM   638  C  C   . GLY A 1 81  ? -10.349 12.076  -0.296  1.00 8.91  ? 80  GLY A C   1 
ATOM   639  O  O   . GLY A 1 81  ? -9.916  12.642  -1.305  1.00 9.82  ? 80  GLY A O   1 
ATOM   640  N  N   . HIS A 1 82  ? -10.378 12.653  0.902   1.00 9.29  ? 81  HIS A N   1 
ATOM   641  C  CA  . HIS A 1 82  ? -9.930  14.027  1.101   1.00 9.83  ? 81  HIS A CA  1 
ATOM   642  C  C   . HIS A 1 82  ? -8.444  14.058  1.454   1.00 10.00 ? 81  HIS A C   1 
ATOM   643  O  O   . HIS A 1 82  ? -8.052  14.588  2.511   1.00 10.02 ? 81  HIS A O   1 
ATOM   644  C  CB  . HIS A 1 82  ? -10.743 14.671  2.215   1.00 10.52 ? 81  HIS A CB  1 
ATOM   645  C  CG  . HIS A 1 82  ? -12.170 14.935  1.848   1.00 11.09 ? 81  HIS A CG  1 
ATOM   646  N  ND1 . HIS A 1 82  ? -13.191 14.045  2.118   1.00 13.14 ? 81  HIS A ND1 1 
ATOM   647  C  CD2 . HIS A 1 82  ? -12.746 15.999  1.243   1.00 10.02 ? 81  HIS A CD2 1 
ATOM   648  C  CE1 . HIS A 1 82  ? -14.335 14.556  1.695   1.00 10.39 ? 81  HIS A CE1 1 
ATOM   649  N  NE2 . HIS A 1 82  ? -14.092 15.743  1.168   1.00 15.14 ? 81  HIS A NE2 1 
ATOM   650  N  N   . HIS A 1 83  ? -7.627  13.522  0.554   1.00 10.02 ? 82  HIS A N   1 
ATOM   651  C  CA  . HIS A 1 83  ? -6.236  13.165  0.885   1.00 10.72 ? 82  HIS A CA  1 
ATOM   652  C  C   . HIS A 1 83  ? -5.198  13.960  0.094   1.00 12.11 ? 82  HIS A C   1 
ATOM   653  O  O   . HIS A 1 83  ? -4.033  13.545  -0.024  1.00 11.18 ? 82  HIS A O   1 
ATOM   654  C  CB  . HIS A 1 83  ? -6.019  11.660  0.672   1.00 10.42 ? 82  HIS A CB  1 
ATOM   655  C  CG  . HIS A 1 83  ? -6.458  11.170  -0.672  1.00 9.69  ? 82  HIS A CG  1 
ATOM   656  N  ND1 . HIS A 1 83  ? -7.149  9.990   -0.840  1.00 9.82  ? 82  HIS A ND1 1 
ATOM   657  C  CD2 . HIS A 1 83  ? -6.315  11.702  -1.910  1.00 11.30 ? 82  HIS A CD2 1 
ATOM   658  C  CE1 . HIS A 1 83  ? -7.409  9.812   -2.125  1.00 9.72  ? 82  HIS A CE1 1 
ATOM   659  N  NE2 . HIS A 1 83  ? -6.910  10.836  -2.798  1.00 8.87  ? 82  HIS A NE2 1 
ATOM   660  N  N   . GLU A 1 84  ? -5.616  15.103  -0.440  1.00 13.01 ? 83  GLU A N   1 
ATOM   661  C  CA  . GLU A 1 84  ? -4.708  15.954  -1.201  1.00 14.29 ? 83  GLU A CA  1 
ATOM   662  C  C   . GLU A 1 84  ? -3.413  16.265  -0.447  1.00 14.32 ? 83  GLU A C   1 
ATOM   663  O  O   . GLU A 1 84  ? -2.318  16.155  -1.021  1.00 14.87 ? 83  GLU A O   1 
ATOM   664  C  CB  . GLU A 1 84  ? -5.404  17.252  -1.615  1.00 15.09 ? 83  GLU A CB  1 
ATOM   665  C  CG  . GLU A 1 84  ? -4.446  18.293  -2.223  1.00 18.35 ? 83  GLU A CG  1 
ATOM   666  C  CD  . GLU A 1 84  ? -3.933  17.937  -3.616  0.50 19.88 ? 83  GLU A CD  1 
ATOM   667  O  OE1 . GLU A 1 84  ? -4.252  16.846  -4.140  0.50 20.72 ? 83  GLU A OE1 1 
ATOM   668  O  OE2 . GLU A 1 84  ? -3.201  18.768  -4.198  0.50 20.97 ? 83  GLU A OE2 1 
ATOM   669  N  N   . ALA A 1 85  ? -3.535  16.651  0.824   1.00 13.82 ? 84  ALA A N   1 
ATOM   670  C  CA  . ALA A 1 85  ? -2.365  17.053  1.631   1.00 14.14 ? 84  ALA A CA  1 
ATOM   671  C  C   . ALA A 1 85  ? -1.398  15.895  1.778   1.00 14.12 ? 84  ALA A C   1 
ATOM   672  O  O   . ALA A 1 85  ? -0.181  16.072  1.673   1.00 14.72 ? 84  ALA A O   1 
ATOM   673  C  CB  . ALA A 1 85  ? -2.787  17.532  2.983   1.00 14.37 ? 84  ALA A CB  1 
ATOM   674  N  N   . GLU A 1 86  ? -1.953  14.714  2.027   1.00 13.07 ? 85  GLU A N   1 
ATOM   675  C  CA  . GLU A 1 86  ? -1.155  13.503  2.251   1.00 12.30 ? 85  GLU A CA  1 
ATOM   676  C  C   . GLU A 1 86  ? -0.492  13.014  0.971   1.00 12.27 ? 85  GLU A C   1 
ATOM   677  O  O   . GLU A 1 86  ? 0.624   12.456  0.997   1.00 11.03 ? 85  GLU A O   1 
ATOM   678  C  CB  . GLU A 1 86  ? -2.060  12.396  2.828   1.00 12.75 ? 85  GLU A CB  1 
ATOM   679  C  CG  . GLU A 1 86  ? -2.531  12.633  4.265   1.00 12.91 ? 85  GLU A CG  1 
ATOM   680  C  CD  . GLU A 1 86  ? -3.636  13.679  4.397   1.00 14.82 ? 85  GLU A CD  1 
ATOM   681  O  OE1 . GLU A 1 86  ? -4.298  14.034  3.399   1.00 13.04 ? 85  GLU A OE1 1 
ATOM   682  O  OE2 . GLU A 1 86  ? -3.849  14.160  5.524   1.00 17.30 ? 85  GLU A OE2 1 
ATOM   683  N  N   . LEU A 1 87  ? -1.183  13.173  -0.149  1.00 11.99 ? 86  LEU A N   1 
ATOM   684  C  CA  . LEU A 1 87  ? -0.658  12.666  -1.412  1.00 12.97 ? 86  LEU A CA  1 
ATOM   685  C  C   . LEU A 1 87  ? 0.465   13.520  -1.979  1.00 12.19 ? 86  LEU A C   1 
ATOM   686  O  O   . LEU A 1 87  ? 1.307   13.004  -2.701  1.00 12.02 ? 86  LEU A O   1 
ATOM   687  C  CB  . LEU A 1 87  ? -1.764  12.508  -2.456  1.00 14.14 ? 86  LEU A CB  1 
ATOM   688  C  CG  . LEU A 1 87  ? -2.281  11.093  -2.716  1.00 16.44 ? 86  LEU A CG  1 
ATOM   689  C  CD1 . LEU A 1 87  ? -2.548  10.278  -1.468  1.00 17.36 ? 86  LEU A CD1 1 
ATOM   690  C  CD2 . LEU A 1 87  ? -3.489  11.152  -3.637  1.00 13.77 ? 86  LEU A CD2 1 
ATOM   691  N  N   . LYS A 1 88  ? 0.466   14.821  -1.689  1.00 12.07 ? 87  LYS A N   1 
ATOM   692  C  CA  . LYS A 1 88  ? 1.531   15.688  -2.215  1.00 12.24 ? 87  LYS A CA  1 
ATOM   693  C  C   . LYS A 1 88  ? 2.966   15.202  -1.923  1.00 11.51 ? 87  LYS A C   1 
ATOM   694  O  O   . LYS A 1 88  ? 3.728   14.977  -2.868  1.00 11.62 ? 87  LYS A O   1 
ATOM   695  C  CB  . LYS A 1 88  ? 1.335   17.152  -1.792  1.00 12.89 ? 87  LYS A CB  1 
ATOM   696  C  CG  . LYS A 1 88  ? 0.269   17.848  -2.597  1.00 15.51 ? 87  LYS A CG  1 
ATOM   697  C  CD  . LYS A 1 88  ? -0.081  19.220  -2.008  1.00 20.50 ? 87  LYS A CD  1 
ATOM   698  C  CE  . LYS A 1 88  ? 1.110   20.129  -1.893  1.00 23.93 ? 87  LYS A CE  1 
ATOM   699  N  NZ  . LYS A 1 88  ? 0.712   21.445  -1.277  1.00 25.22 ? 87  LYS A NZ  1 
ATOM   700  N  N   . PRO A 1 89  ? 3.352   15.051  -0.633  1.00 10.82 ? 88  PRO A N   1 
ATOM   701  C  CA  . PRO A 1 89  ? 4.735   14.600  -0.386  1.00 10.14 ? 88  PRO A CA  1 
ATOM   702  C  C   . PRO A 1 89  ? 5.032   13.185  -0.874  1.00 9.66  ? 88  PRO A C   1 
ATOM   703  O  O   . PRO A 1 89  ? 6.159   12.900  -1.299  1.00 9.54  ? 88  PRO A O   1 
ATOM   704  C  CB  . PRO A 1 89  ? 4.879   14.703  1.143   1.00 10.66 ? 88  PRO A CB  1 
ATOM   705  C  CG  . PRO A 1 89  ? 3.443   14.622  1.668   1.00 11.35 ? 88  PRO A CG  1 
ATOM   706  C  CD  . PRO A 1 89  ? 2.644   15.351  0.629   1.00 11.49 ? 88  PRO A CD  1 
ATOM   707  N  N   . LEU A 1 90  ? 4.027   12.313  -0.810  1.00 9.48  ? 89  LEU A N   1 
ATOM   708  C  CA  . LEU A 1 90  ? 4.190   10.919  -1.227  1.00 8.79  ? 89  LEU A CA  1 
ATOM   709  C  C   . LEU A 1 90  ? 4.413   10.822  -2.737  1.00 8.98  ? 89  LEU A C   1 
ATOM   710  O  O   . LEU A 1 90  ? 5.322   10.131  -3.193  1.00 9.84  ? 89  LEU A O   1 
ATOM   711  C  CB  . LEU A 1 90  ? 2.966   10.111  -0.813  1.00 9.16  ? 89  LEU A CB  1 
ATOM   712  C  CG  . LEU A 1 90  ? 3.149   8.603   -0.940  1.00 10.73 ? 89  LEU A CG  1 
ATOM   713  C  CD1 . LEU A 1 90  ? 4.204   8.099   0.046   1.00 13.20 ? 89  LEU A CD1 1 
ATOM   714  C  CD2 . LEU A 1 90  ? 1.810   7.906   -0.710  1.00 11.30 ? 89  LEU A CD2 1 
ATOM   715  N  N   . ALA A 1 91  ? 3.581   11.528  -3.504  1.00 9.29  ? 90  ALA A N   1 
ATOM   716  C  CA  . ALA A 1 91  ? 3.745   11.582  -4.948  1.00 9.42  ? 90  ALA A CA  1 
ATOM   717  C  C   . ALA A 1 91  ? 5.100   12.180  -5.296  1.00 9.61  ? 90  ALA A C   1 
ATOM   718  O  O   . ALA A 1 91  ? 5.811   11.655  -6.157  1.00 9.84  ? 90  ALA A O   1 
ATOM   719  C  CB  . ALA A 1 91  ? 2.630   12.392  -5.595  1.00 9.47  ? 90  ALA A CB  1 
ATOM   720  N  N   . GLN A 1 92  ? 5.492   13.255  -4.613  1.00 9.44  ? 91  GLN A N   1 
ATOM   721  C  CA  . GLN A 1 92  ? 6.749   13.895  -4.999  1.00 9.25  ? 91  GLN A CA  1 
ATOM   722  C  C   . GLN A 1 92  ? 7.934   12.963  -4.762  1.00 9.25  ? 91  GLN A C   1 
ATOM   723  O  O   . GLN A 1 92  ? 8.786   12.794  -5.636  1.00 8.90  ? 91  GLN A O   1 
ATOM   724  C  CB  . GLN A 1 92  ? 6.968   15.244  -4.315  1.00 9.36  ? 91  GLN A CB  1 
ATOM   725  C  CG  . GLN A 1 92  ? 8.242   15.896  -4.832  1.00 10.05 ? 91  GLN A CG  1 
ATOM   726  C  CD  . GLN A 1 92  ? 8.507   17.267  -4.262  1.00 10.52 ? 91  GLN A CD  1 
ATOM   727  O  OE1 . GLN A 1 92  ? 8.303   17.529  -3.065  1.00 12.43 ? 91  GLN A OE1 1 
ATOM   728  N  NE2 . GLN A 1 92  ? 9.022   18.148  -5.110  1.00 8.17  ? 91  GLN A NE2 1 
ATOM   729  N  N   . SER A 1 93  ? 7.993   12.346  -3.587  1.00 9.45  ? 92  SER A N   1 
ATOM   730  C  CA  . SER A 1 93  ? 9.114   11.450  -3.306  1.00 9.98  ? 92  SER A CA  1 
ATOM   731  C  C   . SER A 1 93  ? 9.115   10.209  -4.210  1.00 10.18 ? 92  SER A C   1 
ATOM   732  O  O   . SER A 1 93  ? 10.170  9.802   -4.702  1.00 10.90 ? 92  SER A O   1 
ATOM   733  C  CB  . SER A 1 93  ? 9.142   11.049  -1.831  1.00 10.34 ? 92  SER A CB  1 
ATOM   734  O  OG  . SER A 1 93  ? 8.080   10.151  -1.509  1.00 10.70 ? 92  SER A OG  1 
ATOM   735  N  N   . HIS A 1 94  ? 7.941   9.612   -4.428  1.00 9.73  ? 93  HIS A N   1 
ATOM   736  C  CA  . HIS A 1 94  ? 7.846   8.368   -5.196  1.00 9.98  ? 93  HIS A CA  1 
ATOM   737  C  C   . HIS A 1 94  ? 8.028   8.579   -6.694  1.00 10.52 ? 93  HIS A C   1 
ATOM   738  O  O   . HIS A 1 94  ? 8.582   7.715   -7.364  1.00 11.58 ? 93  HIS A O   1 
ATOM   739  C  CB  . HIS A 1 94  ? 6.580   7.581   -4.840  1.00 9.85  ? 93  HIS A CB  1 
ATOM   740  C  CG  . HIS A 1 94  ? 6.673   6.915   -3.501  1.00 9.79  ? 93  HIS A CG  1 
ATOM   741  N  ND1 . HIS A 1 94  ? 6.809   7.629   -2.327  1.00 10.08 ? 93  HIS A ND1 1 
ATOM   742  C  CD2 . HIS A 1 94  ? 6.731   5.607   -3.154  1.00 8.62  ? 93  HIS A CD2 1 
ATOM   743  C  CE1 . HIS A 1 94  ? 6.936   6.787   -1.313  1.00 9.61  ? 93  HIS A CE1 1 
ATOM   744  N  NE2 . HIS A 1 94  ? 6.892   5.555   -1.790  1.00 7.77  ? 93  HIS A NE2 1 
ATOM   745  N  N   . ALA A 1 95  ? 7.631   9.750   -7.194  1.00 10.76 ? 94  ALA A N   1 
ATOM   746  C  CA  . ALA A 1 95  ? 7.897   10.116  -8.588  1.00 11.08 ? 94  ALA A CA  1 
ATOM   747  C  C   . ALA A 1 95  ? 9.371   10.469  -8.817  1.00 12.20 ? 94  ALA A C   1 
ATOM   748  O  O   . ALA A 1 95  ? 9.987   10.024  -9.789  1.00 13.43 ? 94  ALA A O   1 
ATOM   749  C  CB  . ALA A 1 95  ? 6.995   11.290  -9.021  1.00 11.11 ? 94  ALA A CB  1 
ATOM   750  N  N   . THR A 1 96  ? 9.924   11.279  -7.925  1.00 12.10 ? 95  THR A N   1 
ATOM   751  C  CA  . THR A 1 96  ? 11.162  12.000  -8.212  1.00 13.39 ? 95  THR A CA  1 
ATOM   752  C  C   . THR A 1 96  ? 12.390  11.375  -7.591  1.00 13.94 ? 95  THR A C   1 
ATOM   753  O  O   . THR A 1 96  ? 13.471  11.393  -8.195  1.00 16.02 ? 95  THR A O   1 
ATOM   754  C  CB  . THR A 1 96  ? 11.052  13.469  -7.775  1.00 13.59 ? 95  THR A CB  1 
ATOM   755  O  OG1 . THR A 1 96  ? 9.793   13.993  -8.221  1.00 14.88 ? 95  THR A OG1 1 
ATOM   756  C  CG2 . THR A 1 96  ? 12.187  14.316  -8.375  1.00 13.48 ? 95  THR A CG2 1 
ATOM   757  N  N   . LYS A 1 97  ? 12.240  10.846  -6.384  1.00 13.92 ? 96  LYS A N   1 
ATOM   758  C  CA  . LYS A 1 97  ? 13.375  10.260  -5.679  1.00 14.56 ? 96  LYS A CA  1 
ATOM   759  C  C   . LYS A 1 97  ? 13.417  8.754   -5.889  1.00 14.36 ? 96  LYS A C   1 
ATOM   760  O  O   . LYS A 1 97  ? 14.444  8.213   -6.308  1.00 15.59 ? 96  LYS A O   1 
ATOM   761  C  CB  . LYS A 1 97  ? 13.306  10.587  -4.193  1.00 14.77 ? 96  LYS A CB  1 
ATOM   762  C  CG  . LYS A 1 97  ? 14.517  10.109  -3.371  1.00 17.10 ? 96  LYS A CG  1 
ATOM   763  C  CD  . LYS A 1 97  ? 14.656  10.965  -2.097  0.50 17.56 ? 96  LYS A CD  1 
ATOM   764  C  CE  . LYS A 1 97  ? 14.297  12.434  -2.383  0.50 18.30 ? 96  LYS A CE  1 
ATOM   765  N  NZ  . LYS A 1 97  ? 14.930  13.485  -1.523  0.50 16.84 ? 96  LYS A NZ  1 
ATOM   766  N  N   . HIS A 1 98  ? 12.303  8.084   -5.608  1.00 14.04 ? 97  HIS A N   1 
ATOM   767  C  CA  . HIS A 1 98  ? 12.280  6.627   -5.631  1.00 13.71 ? 97  HIS A CA  1 
ATOM   768  C  C   . HIS A 1 98  ? 12.024  6.049   -7.022  1.00 13.82 ? 97  HIS A C   1 
ATOM   769  O  O   . HIS A 1 98  ? 12.448  4.925   -7.290  1.00 13.87 ? 97  HIS A O   1 
ATOM   770  C  CB  . HIS A 1 98  ? 11.253  6.084   -4.615  1.00 13.17 ? 97  HIS A CB  1 
ATOM   771  C  CG  . HIS A 1 98  ? 11.361  6.705   -3.259  1.00 13.18 ? 97  HIS A CG  1 
ATOM   772  N  ND1 . HIS A 1 98  ? 12.563  6.861   -2.602  1.00 13.22 ? 97  HIS A ND1 1 
ATOM   773  C  CD2 . HIS A 1 98  ? 10.409  7.195   -2.426  1.00 13.85 ? 97  HIS A CD2 1 
ATOM   774  C  CE1 . HIS A 1 98  ? 12.350  7.442   -1.431  1.00 14.52 ? 97  HIS A CE1 1 
ATOM   775  N  NE2 . HIS A 1 98  ? 11.051  7.650   -1.298  1.00 13.21 ? 97  HIS A NE2 1 
ATOM   776  N  N   . LYS A 1 99  ? 11.343  6.820   -7.884  1.00 13.44 ? 98  LYS A N   1 
ATOM   777  C  CA  . LYS A 1 99  ? 11.001  6.426   -9.268  1.00 13.60 ? 98  LYS A CA  1 
ATOM   778  C  C   . LYS A 1 99  ? 10.174  5.140   -9.309  1.00 13.71 ? 98  LYS A C   1 
ATOM   779  O  O   . LYS A 1 99  ? 10.587  4.122   -9.884  1.00 13.55 ? 98  LYS A O   1 
ATOM   780  C  CB  . LYS A 1 99  ? 12.276  6.314   -10.149 1.00 14.36 ? 98  LYS A CB  1 
ATOM   781  N  N   . ILE A 1 100 ? 8.996   5.211   -8.700  1.00 12.70 ? 99  ILE A N   1 
ATOM   782  C  CA  . ILE A 1 100 ? 8.110   4.060   -8.585  1.00 12.20 ? 99  ILE A CA  1 
ATOM   783  C  C   . ILE A 1 100 ? 7.005   4.177   -9.621  1.00 12.44 ? 99  ILE A C   1 
ATOM   784  O  O   . ILE A 1 100 ? 6.112   5.034   -9.491  1.00 12.48 ? 99  ILE A O   1 
ATOM   785  C  CB  . ILE A 1 100 ? 7.478   3.973   -7.163  1.00 11.54 ? 99  ILE A CB  1 
ATOM   786  C  CG1 . ILE A 1 100 ? 8.567   3.987   -6.070  1.00 10.72 ? 99  ILE A CG1 1 
ATOM   787  C  CG2 . ILE A 1 100 ? 6.547   2.738   -7.052  1.00 10.64 ? 99  ILE A CG2 1 
ATOM   788  C  CD1 . ILE A 1 100 ? 9.762   3.004   -6.326  1.00 11.48 ? 99  ILE A CD1 1 
ATOM   789  N  N   . PRO A 1 101 ? 7.024   3.310   -10.648 1.00 12.74 ? 100 PRO A N   1 
ATOM   790  C  CA  . PRO A 1 101 ? 5.949   3.399   -11.639 1.00 13.17 ? 100 PRO A CA  1 
ATOM   791  C  C   . PRO A 1 101 ? 4.565   3.048   -11.080 1.00 13.87 ? 100 PRO A C   1 
ATOM   792  O  O   . PRO A 1 101 ? 4.447   2.321   -10.100 1.00 12.91 ? 100 PRO A O   1 
ATOM   793  C  CB  . PRO A 1 101 ? 6.368   2.393   -12.716 1.00 13.92 ? 100 PRO A CB  1 
ATOM   794  C  CG  . PRO A 1 101 ? 7.285   1.444   -12.018 1.00 13.33 ? 100 PRO A CG  1 
ATOM   795  C  CD  . PRO A 1 101 ? 7.980   2.229   -10.946 1.00 12.75 ? 100 PRO A CD  1 
ATOM   796  N  N   . ILE A 1 102 ? 3.518   3.566   -11.711 1.00 13.96 ? 101 ILE A N   1 
ATOM   797  C  CA  . ILE A 1 102 ? 2.163   3.263   -11.253 1.00 14.33 ? 101 ILE A CA  1 
ATOM   798  C  C   . ILE A 1 102 ? 1.922   1.749   -11.181 1.00 14.12 ? 101 ILE A C   1 
ATOM   799  O  O   . ILE A 1 102 ? 1.272   1.269   -10.252 1.00 13.95 ? 101 ILE A O   1 
ATOM   800  C  CB  . ILE A 1 102 ? 1.107   3.950   -12.132 1.00 15.17 ? 101 ILE A CB  1 
ATOM   801  C  CG1 . ILE A 1 102 ? 1.239   5.486   -12.034 1.00 15.89 ? 101 ILE A CG1 1 
ATOM   802  C  CG2 . ILE A 1 102 ? -0.308  3.459   -11.785 1.00 15.87 ? 101 ILE A CG2 1 
ATOM   803  C  CD1 . ILE A 1 102 ? 1.177   6.043   -10.588 1.00 17.99 ? 101 ILE A CD1 1 
ATOM   804  N  N   . CYS A 1 103 ? 2.474   0.985   -12.122 1.00 13.77 ? 102 CYS A N   1 
ATOM   805  C  CA  A CYS A 1 103 ? 2.325   -0.485  -12.122 0.50 13.28 ? 102 CYS A CA  1 
ATOM   806  C  CA  B CYS A 1 103 ? 2.240   -0.464  -12.074 0.50 13.56 ? 102 CYS A CA  1 
ATOM   807  C  C   . CYS A 1 103 ? 2.793   -1.109  -10.832 1.00 12.94 ? 102 CYS A C   1 
ATOM   808  O  O   . CYS A 1 103 ? 2.250   -2.128  -10.383 1.00 12.73 ? 102 CYS A O   1 
ATOM   809  C  CB  A CYS A 1 103 ? 3.021   -1.134  -13.323 0.50 13.87 ? 102 CYS A CB  1 
ATOM   810  C  CB  B CYS A 1 103 ? 2.633   -1.219  -13.327 0.50 14.24 ? 102 CYS A CB  1 
ATOM   811  S  SG  A CYS A 1 103 ? 4.775   -0.912  -13.349 0.50 14.08 ? 102 CYS A SG  1 
ATOM   812  S  SG  B CYS A 1 103 ? 4.372   -1.331  -13.569 0.50 15.94 ? 102 CYS A SG  1 
ATOM   813  N  N   . TYR A 1 104 ? 3.831   -0.522  -10.229 1.00 11.90 ? 103 TYR A N   1 
ATOM   814  C  CA  . TYR A 1 104 ? 4.338   -1.051  -8.952  1.00 11.23 ? 103 TYR A CA  1 
ATOM   815  C  C   . TYR A 1 104 ? 3.384   -0.707  -7.821  1.00 10.47 ? 103 TYR A C   1 
ATOM   816  O  O   . TYR A 1 104 ? 3.260   -1.460  -6.846  1.00 10.20 ? 103 TYR A O   1 
ATOM   817  C  CB  . TYR A 1 104 ? 5.744   -0.530  -8.616  1.00 11.99 ? 103 TYR A CB  1 
ATOM   818  C  CG  . TYR A 1 104 ? 6.874   -1.120  -9.451  1.00 11.41 ? 103 TYR A CG  1 
ATOM   819  C  CD1 . TYR A 1 104 ? 6.609   -1.867  -10.602 1.00 13.41 ? 103 TYR A CD1 1 
ATOM   820  C  CD2 . TYR A 1 104 ? 8.204   -0.902  -9.094  1.00 11.89 ? 103 TYR A CD2 1 
ATOM   821  C  CE1 . TYR A 1 104 ? 7.660   -2.393  -11.382 1.00 14.15 ? 103 TYR A CE1 1 
ATOM   822  C  CE2 . TYR A 1 104 ? 9.260   -1.429  -9.855  1.00 13.23 ? 103 TYR A CE2 1 
ATOM   823  C  CZ  . TYR A 1 104 ? 8.975   -2.156  -10.997 1.00 13.58 ? 103 TYR A CZ  1 
ATOM   824  O  OH  . TYR A 1 104 ? 10.008  -2.670  -11.761 1.00 15.09 ? 103 TYR A OH  1 
ATOM   825  N  N   . LEU A 1 105 ? 2.706   0.432   -7.935  1.00 10.02 ? 104 LEU A N   1 
ATOM   826  C  CA  . LEU A 1 105 ? 1.668   0.748   -6.951  1.00 9.03  ? 104 LEU A CA  1 
ATOM   827  C  C   . LEU A 1 105 ? 0.488   -0.205  -7.116  1.00 9.38  ? 104 LEU A C   1 
ATOM   828  O  O   . LEU A 1 105 ? -0.183  -0.525  -6.142  1.00 8.79  ? 104 LEU A O   1 
ATOM   829  C  CB  . LEU A 1 105 ? 1.217   2.209   -7.060  1.00 9.39  ? 104 LEU A CB  1 
ATOM   830  C  CG  . LEU A 1 105 ? 2.318   3.265   -6.839  1.00 9.05  ? 104 LEU A CG  1 
ATOM   831  C  CD1 . LEU A 1 105 ? 1.669   4.647   -7.027  1.00 10.55 ? 104 LEU A CD1 1 
ATOM   832  C  CD2 . LEU A 1 105 ? 2.973   3.131   -5.479  1.00 9.79  ? 104 LEU A CD2 1 
ATOM   833  N  N   . GLU A 1 106 ? 0.236   -0.649  -8.347  1.00 9.65  ? 105 GLU A N   1 
ATOM   834  C  CA  . GLU A 1 106 ? -0.764  -1.693  -8.599  1.00 10.70 ? 105 GLU A CA  1 
ATOM   835  C  C   . GLU A 1 106 ? -0.321  -2.988  -7.908  1.00 9.74  ? 105 GLU A C   1 
ATOM   836  O  O   . GLU A 1 106 ? -1.126  -3.643  -7.242  1.00 10.18 ? 105 GLU A O   1 
ATOM   837  C  CB  . GLU A 1 106 ? -0.991  -1.902  -10.113 1.00 10.45 ? 105 GLU A CB  1 
ATOM   838  C  CG  . GLU A 1 106 ? -1.655  -0.686  -10.774 1.00 13.27 ? 105 GLU A CG  1 
ATOM   839  C  CD  . GLU A 1 106 ? -1.660  -0.718  -12.307 1.00 15.07 ? 105 GLU A CD  1 
ATOM   840  O  OE1 . GLU A 1 106 ? -0.999  -1.587  -12.942 1.00 18.64 ? 105 GLU A OE1 1 
ATOM   841  O  OE2 . GLU A 1 106 ? -2.349  0.156   -12.867 1.00 18.64 ? 105 GLU A OE2 1 
ATOM   842  N  N   . PHE A 1 107 ? 0.960   -3.335  -8.046  1.00 9.59  ? 106 PHE A N   1 
ATOM   843  C  CA  . PHE A 1 107 ? 1.483   -4.538  -7.388  1.00 8.75  ? 106 PHE A CA  1 
ATOM   844  C  C   . PHE A 1 107 ? 1.331   -4.508  -5.862  1.00 8.22  ? 106 PHE A C   1 
ATOM   845  O  O   . PHE A 1 107 ? 0.908   -5.502  -5.258  1.00 7.88  ? 106 PHE A O   1 
ATOM   846  C  CB  . PHE A 1 107 ? 2.948   -4.806  -7.730  1.00 8.96  ? 106 PHE A CB  1 
ATOM   847  C  CG  . PHE A 1 107 ? 3.214   -5.055  -9.206  1.00 10.12 ? 106 PHE A CG  1 
ATOM   848  C  CD1 . PHE A 1 107 ? 2.210   -5.512  -10.062 1.00 12.66 ? 106 PHE A CD1 1 
ATOM   849  C  CD2 . PHE A 1 107 ? 4.489   -4.880  -9.709  1.00 10.97 ? 106 PHE A CD2 1 
ATOM   850  C  CE1 . PHE A 1 107 ? 2.478   -5.736  -11.421 1.00 13.37 ? 106 PHE A CE1 1 
ATOM   851  C  CE2 . PHE A 1 107 ? 4.768   -5.108  -11.060 1.00 12.53 ? 106 PHE A CE2 1 
ATOM   852  C  CZ  . PHE A 1 107 ? 3.766   -5.537  -11.908 1.00 11.78 ? 106 PHE A CZ  1 
ATOM   853  N  N   . ILE A 1 108 ? 1.667   -3.387  -5.234  1.00 8.12  ? 107 ILE A N   1 
ATOM   854  C  CA  . ILE A 1 108 ? 1.536   -3.334  -3.768  1.00 8.08  ? 107 ILE A CA  1 
ATOM   855  C  C   . ILE A 1 108 ? 0.058   -3.344  -3.351  1.00 8.32  ? 107 ILE A C   1 
ATOM   856  O  O   . ILE A 1 108 ? -0.280  -3.885  -2.293  1.00 8.11  ? 107 ILE A O   1 
ATOM   857  C  CB  . ILE A 1 108 ? 2.335   -2.166  -3.123  1.00 8.04  ? 107 ILE A CB  1 
ATOM   858  C  CG1 . ILE A 1 108 ? 2.633   -2.486  -1.645  1.00 8.01  ? 107 ILE A CG1 1 
ATOM   859  C  CG2 . ILE A 1 108 ? 1.576   -0.830  -3.287  1.00 8.62  ? 107 ILE A CG2 1 
ATOM   860  C  CD1 . ILE A 1 108 ? 3.506   -1.401  -0.907  1.00 8.33  ? 107 ILE A CD1 1 
ATOM   861  N  N   . SER A 1 109 ? -0.818  -2.769  -4.178  1.00 8.98  ? 108 SER A N   1 
ATOM   862  C  CA  . SER A 1 109 ? -2.269  -2.840  -3.923  1.00 8.92  ? 108 SER A CA  1 
ATOM   863  C  C   . SER A 1 109 ? -2.727  -4.312  -3.930  1.00 9.47  ? 108 SER A C   1 
ATOM   864  O  O   . SER A 1 109 ? -3.485  -4.748  -3.062  1.00 8.87  ? 108 SER A O   1 
ATOM   865  C  CB  . SER A 1 109 ? -3.058  -2.033  -4.957  1.00 9.44  ? 108 SER A CB  1 
ATOM   866  O  OG  . SER A 1 109 ? -2.734  -0.633  -4.883  1.00 9.53  ? 108 SER A OG  1 
ATOM   867  N  N   . GLU A 1 110 ? -2.248  -5.071  -4.914  1.00 10.15 ? 109 GLU A N   1 
ATOM   868  C  CA  . GLU A 1 110 ? -2.532  -6.509  -5.007  1.00 10.43 ? 109 GLU A CA  1 
ATOM   869  C  C   . GLU A 1 110 ? -2.045  -7.251  -3.750  1.00 9.93  ? 109 GLU A C   1 
ATOM   870  O  O   . GLU A 1 110 ? -2.757  -8.125  -3.228  1.00 9.71  ? 109 GLU A O   1 
ATOM   871  C  CB  . GLU A 1 110 ? -1.872  -7.084  -6.272  1.00 10.88 ? 109 GLU A CB  1 
ATOM   872  C  CG  . GLU A 1 110 ? -2.060  -8.577  -6.498  0.50 11.72 ? 109 GLU A CG  1 
ATOM   873  C  CD  . GLU A 1 110 ? -1.248  -9.088  -7.681  0.50 12.87 ? 109 GLU A CD  1 
ATOM   874  O  OE1 . GLU A 1 110 ? 0.002   -9.046  -7.628  0.50 13.42 ? 109 GLU A OE1 1 
ATOM   875  O  OE2 . GLU A 1 110 ? -1.864  -9.530  -8.675  0.50 16.86 ? 109 GLU A OE2 1 
ATOM   876  N  N   . ALA A 1 111 ? -0.855  -6.883  -3.261  1.00 9.49  ? 110 ALA A N   1 
ATOM   877  C  CA  . ALA A 1 111 ? -0.269  -7.494  -2.050  1.00 9.05  ? 110 ALA A CA  1 
ATOM   878  C  C   . ALA A 1 111 ? -1.109  -7.200  -0.824  1.00 8.59  ? 110 ALA A C   1 
ATOM   879  O  O   . ALA A 1 111 ? -1.357  -8.083  0.005   1.00 8.32  ? 110 ALA A O   1 
ATOM   880  C  CB  . ALA A 1 111 ? 1.170   -7.024  -1.844  1.00 8.66  ? 110 ALA A CB  1 
ATOM   881  N  N   . ILE A 1 112 ? -1.571  -5.954  -0.718  1.00 8.18  ? 111 ILE A N   1 
ATOM   882  C  CA  . ILE A 1 112 ? -2.433  -5.552  0.402   1.00 7.80  ? 111 ILE A CA  1 
ATOM   883  C  C   . ILE A 1 112 ? -3.726  -6.364  0.392   1.00 8.08  ? 111 ILE A C   1 
ATOM   884  O  O   . ILE A 1 112 ? -4.154  -6.906  1.417   1.00 7.80  ? 111 ILE A O   1 
ATOM   885  C  CB  . ILE A 1 112 ? -2.755  -4.031  0.338   1.00 8.02  ? 111 ILE A CB  1 
ATOM   886  C  CG1 . ILE A 1 112 ? -1.518  -3.200  0.692   1.00 8.57  ? 111 ILE A CG1 1 
ATOM   887  C  CG2 . ILE A 1 112 ? -3.906  -3.661  1.305   1.00 8.64  ? 111 ILE A CG2 1 
ATOM   888  C  CD1 . ILE A 1 112 ? -1.636  -1.754  0.229   1.00 7.86  ? 111 ILE A CD1 1 
ATOM   889  N  N   . ILE A 1 113 ? -4.351  -6.453  -0.778  1.00 7.81  ? 112 ILE A N   1 
ATOM   890  C  CA  . ILE A 1 113 ? -5.583  -7.217  -0.911  1.00 8.09  ? 112 ILE A CA  1 
ATOM   891  C  C   . ILE A 1 113 ? -5.370  -8.687  -0.572  1.00 8.68  ? 112 ILE A C   1 
ATOM   892  O  O   . ILE A 1 113 ? -6.196  -9.286  0.121   1.00 8.64  ? 112 ILE A O   1 
ATOM   893  C  CB  . ILE A 1 113 ? -6.203  -7.003  -2.316  1.00 7.98  ? 112 ILE A CB  1 
ATOM   894  C  CG1 . ILE A 1 113 ? -6.758  -5.575  -2.408  1.00 9.00  ? 112 ILE A CG1 1 
ATOM   895  C  CG2 . ILE A 1 113 ? -7.297  -8.064  -2.617  1.00 7.91  ? 112 ILE A CG2 1 
ATOM   896  C  CD1 . ILE A 1 113 ? -7.167  -5.166  -3.809  1.00 11.50 ? 112 ILE A CD1 1 
ATOM   897  N  N   . HIS A 1 114 ? -4.261  -9.266  -1.044  1.00 8.92  ? 113 HIS A N   1 
ATOM   898  C  CA  . HIS A 1 114 ? -3.991  -10.683 -0.804  1.00 10.10 ? 113 HIS A CA  1 
ATOM   899  C  C   . HIS A 1 114 ? -3.840  -10.952 0.692   1.00 9.59  ? 113 HIS A C   1 
ATOM   900  O  O   . HIS A 1 114 ? -4.389  -11.918 1.208   1.00 9.32  ? 113 HIS A O   1 
ATOM   901  C  CB  . HIS A 1 114 ? -2.736  -11.122 -1.570  1.00 10.93 ? 113 HIS A CB  1 
ATOM   902  C  CG  . HIS A 1 114 ? -2.339  -12.543 -1.323  1.00 15.41 ? 113 HIS A CG  1 
ATOM   903  N  ND1 . HIS A 1 114 ? -2.762  -13.582 -2.123  1.00 21.08 ? 113 HIS A ND1 1 
ATOM   904  C  CD2 . HIS A 1 114 ? -1.549  -13.093 -0.374  1.00 20.01 ? 113 HIS A CD2 1 
ATOM   905  C  CE1 . HIS A 1 114 ? -2.252  -14.715 -1.676  1.00 20.52 ? 113 HIS A CE1 1 
ATOM   906  N  NE2 . HIS A 1 114 ? -1.515  -14.446 -0.612  1.00 22.80 ? 113 HIS A NE2 1 
ATOM   907  N  N   . VAL A 1 115 ? -3.081  -10.092 1.376   1.00 8.38  ? 114 VAL A N   1 
ATOM   908  C  CA  . VAL A 1 115 ? -2.809  -10.281 2.801   1.00 8.26  ? 114 VAL A CA  1 
ATOM   909  C  C   . VAL A 1 115 ? -4.084  -10.108 3.630   1.00 8.35  ? 114 VAL A C   1 
ATOM   910  O  O   . VAL A 1 115 ? -4.356  -10.893 4.564   1.00 7.92  ? 114 VAL A O   1 
ATOM   911  C  CB  . VAL A 1 115 ? -1.669  -9.353  3.275   1.00 7.63  ? 114 VAL A CB  1 
ATOM   912  C  CG1 . VAL A 1 115 ? -1.536  -9.381  4.801   1.00 8.81  ? 114 VAL A CG1 1 
ATOM   913  C  CG2 . VAL A 1 115 ? -0.334  -9.795  2.623   1.00 8.17  ? 114 VAL A CG2 1 
ATOM   914  N  N   . LEU A 1 116 ? -4.879  -9.096  3.290   1.00 7.96  ? 115 LEU A N   1 
ATOM   915  C  CA  . LEU A 1 116 ? -6.130  -8.877  4.018   1.00 8.00  ? 115 LEU A CA  1 
ATOM   916  C  C   . LEU A 1 116 ? -7.106  -10.043 3.773   1.00 8.00  ? 115 LEU A C   1 
ATOM   917  O  O   . LEU A 1 116 ? -7.789  -10.498 4.685   1.00 8.02  ? 115 LEU A O   1 
ATOM   918  C  CB  . LEU A 1 116 ? -6.762  -7.532  3.638   1.00 7.63  ? 115 LEU A CB  1 
ATOM   919  C  CG  . LEU A 1 116 ? -5.934  -6.300  4.058   1.00 10.06 ? 115 LEU A CG  1 
ATOM   920  C  CD1 . LEU A 1 116 ? -6.681  -5.009  3.728   1.00 10.42 ? 115 LEU A CD1 1 
ATOM   921  C  CD2 . LEU A 1 116 ? -5.540  -6.314  5.508   1.00 12.04 ? 115 LEU A CD2 1 
ATOM   922  N  N   . HIS A 1 117 ? -7.155  -10.534 2.535   1.00 8.10  ? 116 HIS A N   1 
ATOM   923  C  CA  . HIS A 1 117 ? -8.021  -11.683 2.219   1.00 8.01  ? 116 HIS A CA  1 
ATOM   924  C  C   . HIS A 1 117 ? -7.611  -12.922 3.034   1.00 8.28  ? 116 HIS A C   1 
ATOM   925  O  O   . HIS A 1 117 ? -8.464  -13.674 3.509   1.00 8.79  ? 116 HIS A O   1 
ATOM   926  C  CB  . HIS A 1 117 ? -7.951  -11.955 0.717   1.00 7.78  ? 116 HIS A CB  1 
ATOM   927  C  CG  . HIS A 1 117 ? -8.606  -13.234 0.303   1.00 8.80  ? 116 HIS A CG  1 
ATOM   928  N  ND1 . HIS A 1 117 ? -9.948  -13.317 0.011   1.00 12.22 ? 116 HIS A ND1 1 
ATOM   929  C  CD2 . HIS A 1 117 ? -8.109  -14.486 0.167   1.00 8.27  ? 116 HIS A CD2 1 
ATOM   930  C  CE1 . HIS A 1 117 ? -10.250 -14.563 -0.309  1.00 8.38  ? 116 HIS A CE1 1 
ATOM   931  N  NE2 . HIS A 1 117 ? -9.151  -15.290 -0.230  1.00 13.58 ? 116 HIS A NE2 1 
ATOM   932  N  N   . SER A 1 118 ? -6.304  -13.117 3.199   1.00 7.70  ? 117 SER A N   1 
ATOM   933  C  CA  . SER A 1 118 ? -5.767  -14.243 3.936   1.00 7.28  ? 117 SER A CA  1 
ATOM   934  C  C   . SER A 1 118 ? -5.996  -14.112 5.449   1.00 7.67  ? 117 SER A C   1 
ATOM   935  O  O   . SER A 1 118 ? -6.468  -15.072 6.105   1.00 8.21  ? 117 SER A O   1 
ATOM   936  C  CB  . SER A 1 118 ? -4.262  -14.413 3.632   1.00 7.70  ? 117 SER A CB  1 
ATOM   937  O  OG  . SER A 1 118 ? -3.742  -15.539 4.336   0.50 5.87  ? 117 SER A OG  1 
ATOM   938  N  N   . ARG A 1 119 ? -5.704  -12.926 5.985   1.00 6.96  ? 118 ARG A N   1 
ATOM   939  C  CA  . ARG A 1 119 ? -5.733  -12.726 7.441   1.00 6.34  ? 118 ARG A CA  1 
ATOM   940  C  C   . ARG A 1 119 ? -7.114  -12.446 8.009   1.00 6.85  ? 118 ARG A C   1 
ATOM   941  O  O   . ARG A 1 119 ? -7.377  -12.772 9.165   1.00 7.90  ? 118 ARG A O   1 
ATOM   942  C  CB  . ARG A 1 119 ? -4.794  -11.579 7.858   1.00 6.85  ? 118 ARG A CB  1 
ATOM   943  C  CG  . ARG A 1 119 ? -3.314  -11.879 7.820   1.00 9.14  ? 118 ARG A CG  1 
ATOM   944  C  CD  . ARG A 1 119 ? -2.625  -10.592 8.264   1.00 13.54 ? 118 ARG A CD  1 
ATOM   945  N  NE  . ARG A 1 119 ? -1.231  -10.731 8.655   1.00 18.74 ? 118 ARG A NE  1 
ATOM   946  C  CZ  . ARG A 1 119 ? -0.738  -10.655 9.897   1.00 15.24 ? 118 ARG A CZ  1 
ATOM   947  N  NH1 . ARG A 1 119 ? 0.558   -10.769 10.049  1.00 15.77 ? 118 ARG A NH1 1 
ATOM   948  N  NH2 . ARG A 1 119 ? -1.489  -10.483 10.986  1.00 13.73 ? 118 ARG A NH2 1 
ATOM   949  N  N   . HIS A 1 120 ? -7.966  -11.806 7.208   1.00 6.84  ? 119 HIS A N   1 
ATOM   950  C  CA  . HIS A 1 120 ? -9.203  -11.182 7.708   1.00 7.12  ? 119 HIS A CA  1 
ATOM   951  C  C   . HIS A 1 120 ? -10.472 -11.588 6.990   1.00 7.70  ? 119 HIS A C   1 
ATOM   952  O  O   . HIS A 1 120 ? -11.256 -10.721 6.569   1.00 7.91  ? 119 HIS A O   1 
ATOM   953  C  CB  . HIS A 1 120 ? -9.038  -9.657  7.745   1.00 7.51  ? 119 HIS A CB  1 
ATOM   954  C  CG  . HIS A 1 120 ? -7.994  -9.245  8.719   1.00 6.84  ? 119 HIS A CG  1 
ATOM   955  N  ND1 . HIS A 1 120 ? -8.103  -9.543  10.060  1.00 7.20  ? 119 HIS A ND1 1 
ATOM   956  C  CD2 . HIS A 1 120 ? -6.786  -8.660  8.553   1.00 6.01  ? 119 HIS A CD2 1 
ATOM   957  C  CE1 . HIS A 1 120 ? -7.017  -9.138  10.688  1.00 7.47  ? 119 HIS A CE1 1 
ATOM   958  N  NE2 . HIS A 1 120 ? -6.207  -8.590  9.799   1.00 8.67  ? 119 HIS A NE2 1 
ATOM   959  N  N   . PRO A 1 121 ? -10.723 -12.911 6.879   1.00 8.03  ? 120 PRO A N   1 
ATOM   960  C  CA  . PRO A 1 121 ? -11.967 -13.334 6.220   1.00 8.28  ? 120 PRO A CA  1 
ATOM   961  C  C   . PRO A 1 121 ? -13.232 -12.767 6.908   1.00 8.57  ? 120 PRO A C   1 
ATOM   962  O  O   . PRO A 1 121 ? -14.279 -12.595 6.247   1.00 10.21 ? 120 PRO A O   1 
ATOM   963  C  CB  . PRO A 1 121 ? -11.910 -14.875 6.304   1.00 8.05  ? 120 PRO A CB  1 
ATOM   964  C  CG  . PRO A 1 121 ? -10.958 -15.152 7.441   1.00 8.47  ? 120 PRO A CG  1 
ATOM   965  C  CD  . PRO A 1 121 ? -9.923  -14.065 7.340   1.00 8.18  ? 120 PRO A CD  1 
ATOM   966  N  N   . GLY A 1 122 ? -13.139 -12.466 8.202   1.00 8.46  ? 121 GLY A N   1 
ATOM   967  C  CA  . GLY A 1 122 ? -14.273 -11.917 8.949   1.00 7.86  ? 121 GLY A CA  1 
ATOM   968  C  C   . GLY A 1 122 ? -14.648 -10.487 8.599   1.00 8.31  ? 121 GLY A C   1 
ATOM   969  O  O   . GLY A 1 122 ? -15.782 -10.036 8.875   1.00 8.31  ? 121 GLY A O   1 
ATOM   970  N  N   . ASP A 1 123 ? -13.694 -9.758  8.020   1.00 8.49  ? 122 ASP A N   1 
ATOM   971  C  CA  . ASP A 1 123 ? -13.891 -8.347  7.647   1.00 8.68  ? 122 ASP A CA  1 
ATOM   972  C  C   . ASP A 1 123 ? -13.423 -8.046  6.229   1.00 9.25  ? 122 ASP A C   1 
ATOM   973  O  O   . ASP A 1 123 ? -13.328 -6.870  5.825   1.00 9.52  ? 122 ASP A O   1 
ATOM   974  C  CB  . ASP A 1 123 ? -13.164 -7.436  8.637   1.00 9.53  ? 122 ASP A CB  1 
ATOM   975  C  CG  . ASP A 1 123 ? -13.832 -7.434  9.982   1.00 9.06  ? 122 ASP A CG  1 
ATOM   976  O  OD1 . ASP A 1 123 ? -14.857 -6.775  10.179  1.00 10.82 ? 122 ASP A OD1 1 
ATOM   977  O  OD2 . ASP A 1 123 ? -13.293 -8.213  10.904  1.00 8.51  ? 122 ASP A OD2 1 
ATOM   978  N  N   . PHE A 1 124 ? -13.133 -9.099  5.476   1.00 8.65  ? 123 PHE A N   1 
ATOM   979  C  CA  . PHE A 1 124 ? -12.701 -8.911  4.094   1.00 8.48  ? 123 PHE A CA  1 
ATOM   980  C  C   . PHE A 1 124 ? -13.402 -9.910  3.203   1.00 9.08  ? 123 PHE A C   1 
ATOM   981  O  O   . PHE A 1 124 ? -12.761 -10.626 2.429   1.00 8.78  ? 123 PHE A O   1 
ATOM   982  C  CB  . PHE A 1 124 ? -11.190 -9.048  3.973   1.00 8.78  ? 123 PHE A CB  1 
ATOM   983  C  CG  . PHE A 1 124 ? -10.584 -8.184  2.904   1.00 7.89  ? 123 PHE A CG  1 
ATOM   984  C  CD1 . PHE A 1 124 ? -10.565 -6.795  3.046   1.00 9.10  ? 123 PHE A CD1 1 
ATOM   985  C  CD2 . PHE A 1 124 ? -10.013 -8.758  1.779   1.00 8.78  ? 123 PHE A CD2 1 
ATOM   986  C  CE1 . PHE A 1 124 ? -9.965  -5.994  2.072   1.00 9.43  ? 123 PHE A CE1 1 
ATOM   987  C  CE2 . PHE A 1 124 ? -9.413  -7.973  0.807   1.00 7.97  ? 123 PHE A CE2 1 
ATOM   988  C  CZ  . PHE A 1 124 ? -9.387  -6.577  0.956   1.00 8.98  ? 123 PHE A CZ  1 
ATOM   989  N  N   . GLY A 1 125 ? -14.728 -9.966  3.347   1.00 8.95  ? 124 GLY A N   1 
ATOM   990  C  CA  . GLY A 1 125 ? -15.558 -10.678 2.373   1.00 9.51  ? 124 GLY A CA  1 
ATOM   991  C  C   . GLY A 1 125 ? -15.599 -9.912  1.057   1.00 10.15 ? 124 GLY A C   1 
ATOM   992  O  O   . GLY A 1 125 ? -14.879 -8.928  0.868   1.00 9.61  ? 124 GLY A O   1 
ATOM   993  N  N   . ALA A 1 126 ? -16.471 -10.352 0.154   1.00 10.84 ? 125 ALA A N   1 
ATOM   994  C  CA  . ALA A 1 126 ? -16.513 -9.816  -1.216  1.00 11.04 ? 125 ALA A CA  1 
ATOM   995  C  C   . ALA A 1 126 ? -16.805 -8.315  -1.252  1.00 11.18 ? 125 ALA A C   1 
ATOM   996  O  O   . ALA A 1 126 ? -16.131 -7.562  -1.981  1.00 11.45 ? 125 ALA A O   1 
ATOM   997  C  CB  . ALA A 1 126 ? -17.535 -10.595 -2.067  1.00 10.97 ? 125 ALA A CB  1 
ATOM   998  N  N   . ASP A 1 127 ? -17.786 -7.875  -0.462  1.00 11.56 ? 126 ASP A N   1 
ATOM   999  C  CA  . ASP A 1 127 ? -18.137 -6.457  -0.435  1.00 11.61 ? 126 ASP A CA  1 
ATOM   1000 C  C   . ASP A 1 127 ? -16.980 -5.610  0.091   1.00 10.64 ? 126 ASP A C   1 
ATOM   1001 O  O   . ASP A 1 127 ? -16.637 -4.580  -0.498  1.00 9.82  ? 126 ASP A O   1 
ATOM   1002 C  CB  . ASP A 1 127 ? -19.377 -6.207  0.415   1.00 12.53 ? 126 ASP A CB  1 
ATOM   1003 C  CG  . ASP A 1 127 ? -20.657 -6.651  -0.268  1.00 15.14 ? 126 ASP A CG  1 
ATOM   1004 O  OD1 . ASP A 1 127 ? -20.629 -7.001  -1.466  1.00 17.07 ? 126 ASP A OD1 1 
ATOM   1005 O  OD2 . ASP A 1 127 ? -21.693 -6.641  0.424   1.00 21.48 ? 126 ASP A OD2 1 
ATOM   1006 N  N   . ALA A 1 128 ? -16.376 -6.050  1.190   1.00 10.22 ? 127 ALA A N   1 
ATOM   1007 C  CA  . ALA A 1 128 ? -15.237 -5.329  1.769   1.00 9.43  ? 127 ALA A CA  1 
ATOM   1008 C  C   . ALA A 1 128 ? -14.013 -5.287  0.828   1.00 9.50  ? 127 ALA A C   1 
ATOM   1009 O  O   . ALA A 1 128 ? -13.317 -4.253  0.712   1.00 8.58  ? 127 ALA A O   1 
ATOM   1010 C  CB  . ALA A 1 128 ? -14.868 -5.946  3.111   1.00 9.94  ? 127 ALA A CB  1 
ATOM   1011 N  N   . GLN A 1 129 ? -13.718 -6.416  0.177   1.00 9.03  ? 128 GLN A N   1 
ATOM   1012 C  CA  . GLN A 1 129 ? -12.611 -6.440  -0.789  1.00 9.41  ? 128 GLN A CA  1 
ATOM   1013 C  C   . GLN A 1 129 ? -12.874 -5.466  -1.937  1.00 9.67  ? 128 GLN A C   1 
ATOM   1014 O  O   . GLN A 1 129 ? -11.970 -4.734  -2.369  1.00 8.99  ? 128 GLN A O   1 
ATOM   1015 C  CB  . GLN A 1 129 ? -12.368 -7.848  -1.344  1.00 10.00 ? 128 GLN A CB  1 
ATOM   1016 C  CG  . GLN A 1 129 ? -11.178 -7.861  -2.332  1.00 9.07  ? 128 GLN A CG  1 
ATOM   1017 C  CD  . GLN A 1 129 ? -10.726 -9.262  -2.705  1.00 10.41 ? 128 GLN A CD  1 
ATOM   1018 O  OE1 . GLN A 1 129 ? -10.841 -10.198 -1.913  1.00 12.04 ? 128 GLN A OE1 1 
ATOM   1019 N  NE2 . GLN A 1 129 ? -10.191 -9.403  -3.903  1.00 11.15 ? 128 GLN A NE2 1 
ATOM   1020 N  N   . GLY A 1 130 ? -14.122 -5.442  -2.411  1.00 9.79  ? 129 GLY A N   1 
ATOM   1021 C  CA  . GLY A 1 130 ? -14.517 -4.480  -3.451  1.00 9.57  ? 129 GLY A CA  1 
ATOM   1022 C  C   . GLY A 1 130 ? -14.329 -3.026  -3.002  1.00 9.63  ? 129 GLY A C   1 
ATOM   1023 O  O   . GLY A 1 130 ? -13.816 -2.192  -3.763  1.00 9.45  ? 129 GLY A O   1 
ATOM   1024 N  N   . ALA A 1 131 ? -14.724 -2.720  -1.763  1.00 9.12  ? 130 ALA A N   1 
ATOM   1025 C  CA  . ALA A 1 131 ? -14.535 -1.366  -1.229  1.00 8.76  ? 130 ALA A CA  1 
ATOM   1026 C  C   . ALA A 1 131 ? -13.045 -1.016  -1.142  1.00 8.37  ? 130 ALA A C   1 
ATOM   1027 O  O   . ALA A 1 131 ? -12.647 0.087   -1.505  1.00 8.91  ? 130 ALA A O   1 
ATOM   1028 C  CB  . ALA A 1 131 ? -15.200 -1.210  0.147   1.00 8.23  ? 130 ALA A CB  1 
ATOM   1029 N  N   . MET A 1 132 ? -12.226 -1.943  -0.648  1.00 7.57  ? 131 MET A N   1 
ATOM   1030 C  CA  . MET A 1 132 ? -10.786 -1.698  -0.543  1.00 7.87  ? 131 MET A CA  1 
ATOM   1031 C  C   . MET A 1 132 ? -10.161 -1.523  -1.934  1.00 7.89  ? 131 MET A C   1 
ATOM   1032 O  O   . MET A 1 132 ? -9.318  -0.651  -2.134  1.00 7.84  ? 131 MET A O   1 
ATOM   1033 C  CB  . MET A 1 132 ? -10.087 -2.841  0.197   1.00 7.62  ? 131 MET A CB  1 
ATOM   1034 C  CG  . MET A 1 132 ? -8.560  -2.663  0.329   1.00 8.00  ? 131 MET A CG  1 
ATOM   1035 S  SD  . MET A 1 132 ? -8.115  -1.194  1.327   1.00 8.91  ? 131 MET A SD  1 
ATOM   1036 C  CE  . MET A 1 132 ? -8.585  -1.723  2.968   1.00 10.13 ? 131 MET A CE  1 
ATOM   1037 N  N   . ASN A 1 133 ? -10.557 -2.366  -2.885  1.00 7.88  ? 132 ASN A N   1 
ATOM   1038 C  CA  . ASN A 1 133 ? -10.091 -2.174  -4.245  1.00 8.10  ? 132 ASN A CA  1 
ATOM   1039 C  C   . ASN A 1 133 ? -10.434 -0.762  -4.748  1.00 8.40  ? 132 ASN A C   1 
ATOM   1040 O  O   . ASN A 1 133 ? -9.586  -0.096  -5.333  1.00 8.69  ? 132 ASN A O   1 
ATOM   1041 C  CB  . ASN A 1 133 ? -10.667 -3.225  -5.195  1.00 8.49  ? 132 ASN A CB  1 
ATOM   1042 C  CG  . ASN A 1 133 ? -10.263 -2.964  -6.620  1.00 10.01 ? 132 ASN A CG  1 
ATOM   1043 O  OD1 . ASN A 1 133 ? -9.076  -2.814  -6.928  1.00 11.43 ? 132 ASN A OD1 1 
ATOM   1044 N  ND2 . ASN A 1 133 ? -11.249 -2.849  -7.488  1.00 13.20 ? 132 ASN A ND2 1 
ATOM   1045 N  N   . LYS A 1 134 ? -11.664 -0.322  -4.514  1.00 9.10  ? 133 LYS A N   1 
ATOM   1046 C  CA  . LYS A 1 134 ? -12.089 1.004   -4.937  1.00 10.05 ? 133 LYS A CA  1 
ATOM   1047 C  C   . LYS A 1 134 ? -11.223 2.092   -4.257  1.00 8.84  ? 133 LYS A C   1 
ATOM   1048 O  O   . LYS A 1 134 ? -10.780 3.052   -4.918  1.00 9.16  ? 133 LYS A O   1 
ATOM   1049 C  CB  . LYS A 1 134 ? -13.574 1.191   -4.622  1.00 11.13 ? 133 LYS A CB  1 
ATOM   1050 C  CG  . LYS A 1 134 ? -14.341 2.056   -5.604  1.00 14.85 ? 133 LYS A CG  1 
ATOM   1051 C  CD  . LYS A 1 134 ? -15.846 2.113   -5.258  1.00 12.69 ? 133 LYS A CD  1 
ATOM   1052 C  CE  . LYS A 1 134 ? -16.686 1.217   -6.149  0.50 14.22 ? 133 LYS A CE  1 
ATOM   1053 N  NZ  . LYS A 1 134 ? -18.120 1.631   -6.078  0.50 14.29 ? 133 LYS A NZ  1 
ATOM   1054 N  N   . ALA A 1 135 ? -10.972 1.935   -2.956  1.00 7.83  ? 134 ALA A N   1 
ATOM   1055 C  CA  . ALA A 1 135 ? -10.148 2.912   -2.216  1.00 7.72  ? 134 ALA A CA  1 
ATOM   1056 C  C   . ALA A 1 135 ? -8.743  2.966   -2.776  1.00 7.84  ? 134 ALA A C   1 
ATOM   1057 O  O   . ALA A 1 135 ? -8.164  4.056   -2.959  1.00 7.48  ? 134 ALA A O   1 
ATOM   1058 C  CB  . ALA A 1 135 ? -10.102 2.594   -0.709  1.00 6.83  ? 134 ALA A CB  1 
ATOM   1059 N  N   . LEU A 1 136 ? -8.179  1.784   -3.037  1.00 8.02  ? 135 LEU A N   1 
ATOM   1060 C  CA  . LEU A 1 136 ? -6.819  1.721   -3.562  1.00 8.16  ? 135 LEU A CA  1 
ATOM   1061 C  C   . LEU A 1 136 ? -6.740  2.229   -5.004  1.00 8.79  ? 135 LEU A C   1 
ATOM   1062 O  O   . LEU A 1 136 ? -5.756  2.881   -5.394  1.00 8.73  ? 135 LEU A O   1 
ATOM   1063 C  CB  . LEU A 1 136 ? -6.244  0.308   -3.410  1.00 8.23  ? 135 LEU A CB  1 
ATOM   1064 C  CG  . LEU A 1 136 ? -6.044  -0.128  -1.942  1.00 8.24  ? 135 LEU A CG  1 
ATOM   1065 C  CD1 . LEU A 1 136 ? -5.598  -1.608  -1.895  1.00 10.66 ? 135 LEU A CD1 1 
ATOM   1066 C  CD2 . LEU A 1 136 ? -5.023  0.767   -1.211  1.00 9.22  ? 135 LEU A CD2 1 
ATOM   1067 N  N   . GLU A 1 137 ? -7.792  1.979   -5.790  1.00 9.20  ? 136 GLU A N   1 
ATOM   1068 C  CA  . GLU A 1 137 ? -7.868  2.516   -7.147  1.00 9.62  ? 136 GLU A CA  1 
ATOM   1069 C  C   . GLU A 1 137 ? -7.894  4.045   -7.137  1.00 9.44  ? 136 GLU A C   1 
ATOM   1070 O  O   . GLU A 1 137 ? -7.240  4.683   -7.973  1.00 10.05 ? 136 GLU A O   1 
ATOM   1071 C  CB  . GLU A 1 137 ? -9.108  2.002   -7.870  1.00 10.16 ? 136 GLU A CB  1 
ATOM   1072 C  CG  . GLU A 1 137 ? -8.974  0.580   -8.346  1.00 14.37 ? 136 GLU A CG  1 
ATOM   1073 C  CD  . GLU A 1 137 ? -9.964  0.234   -9.453  0.50 16.02 ? 136 GLU A CD  1 
ATOM   1074 O  OE1 . GLU A 1 137 ? -10.539 1.156   -10.066 0.50 18.17 ? 136 GLU A OE1 1 
ATOM   1075 O  OE2 . GLU A 1 137 ? -10.142 -0.968  -9.722  0.50 18.88 ? 136 GLU A OE2 1 
ATOM   1076 N  N   . LEU A 1 138 ? -8.660  4.612   -6.208  1.00 9.53  ? 137 LEU A N   1 
ATOM   1077 C  CA  . LEU A 1 138 ? -8.779  6.063   -6.067  1.00 9.96  ? 137 LEU A CA  1 
ATOM   1078 C  C   . LEU A 1 138 ? -7.423  6.633   -5.694  1.00 9.55  ? 137 LEU A C   1 
ATOM   1079 O  O   . LEU A 1 138 ? -6.976  7.643   -6.263  1.00 9.34  ? 137 LEU A O   1 
ATOM   1080 C  CB  . LEU A 1 138 ? -9.804  6.415   -4.990  1.00 9.42  ? 137 LEU A CB  1 
ATOM   1081 C  CG  . LEU A 1 138 ? -9.935  7.898   -4.620  1.00 11.40 ? 137 LEU A CG  1 
ATOM   1082 C  CD1 . LEU A 1 138 ? -10.417 8.707   -5.842  1.00 12.88 ? 137 LEU A CD1 1 
ATOM   1083 C  CD2 . LEU A 1 138 ? -10.867 8.077   -3.432  1.00 11.18 ? 137 LEU A CD2 1 
ATOM   1084 N  N   . PHE A 1 139 ? -6.774  5.969   -4.739  1.00 8.88  ? 138 PHE A N   1 
ATOM   1085 C  CA  . PHE A 1 139 ? -5.412  6.340   -4.330  1.00 9.06  ? 138 PHE A CA  1 
ATOM   1086 C  C   . PHE A 1 139 ? -4.466  6.387   -5.546  1.00 8.82  ? 138 PHE A C   1 
ATOM   1087 O  O   . PHE A 1 139 ? -3.804  7.402   -5.803  1.00 8.00  ? 138 PHE A O   1 
ATOM   1088 C  CB  . PHE A 1 139 ? -4.917  5.367   -3.241  1.00 8.73  ? 138 PHE A CB  1 
ATOM   1089 C  CG  . PHE A 1 139 ? -3.439  5.379   -3.047  1.00 9.72  ? 138 PHE A CG  1 
ATOM   1090 C  CD1 . PHE A 1 139 ? -2.824  6.450   -2.401  1.00 10.50 ? 138 PHE A CD1 1 
ATOM   1091 C  CD2 . PHE A 1 139 ? -2.657  4.315   -3.495  1.00 10.50 ? 138 PHE A CD2 1 
ATOM   1092 C  CE1 . PHE A 1 139 ? -1.444  6.470   -2.224  1.00 11.75 ? 138 PHE A CE1 1 
ATOM   1093 C  CE2 . PHE A 1 139 ? -1.276  4.331   -3.320  1.00 11.15 ? 138 PHE A CE2 1 
ATOM   1094 C  CZ  . PHE A 1 139 ? -0.669  5.410   -2.678  1.00 11.55 ? 138 PHE A CZ  1 
ATOM   1095 N  N   . ARG A 1 140 ? -4.414  5.299   -6.304  1.00 8.94  ? 139 ARG A N   1 
ATOM   1096 C  CA  . ARG A 1 140 ? -3.557  5.252   -7.510  1.00 8.92  ? 139 ARG A CA  1 
ATOM   1097 C  C   . ARG A 1 140 ? -3.960  6.261   -8.589  1.00 9.36  ? 139 ARG A C   1 
ATOM   1098 O  O   . ARG A 1 140 ? -3.095  6.824   -9.258  1.00 10.32 ? 139 ARG A O   1 
ATOM   1099 C  CB  . ARG A 1 140 ? -3.527  3.849   -8.098  1.00 9.03  ? 139 ARG A CB  1 
ATOM   1100 C  CG  . ARG A 1 140 ? -2.956  2.802   -7.145  1.00 9.46  ? 139 ARG A CG  1 
ATOM   1101 C  CD  . ARG A 1 140 ? -2.636  1.519   -7.892  1.00 10.48 ? 139 ARG A CD  1 
ATOM   1102 N  NE  . ARG A 1 140 ? -3.771  1.039   -8.685  1.00 8.90  ? 139 ARG A NE  1 
ATOM   1103 C  CZ  . ARG A 1 140 ? -4.734  0.230   -8.230  1.00 11.39 ? 139 ARG A CZ  1 
ATOM   1104 N  NH1 . ARG A 1 140 ? -4.733  -0.212  -6.961  1.00 10.64 ? 139 ARG A NH1 1 
ATOM   1105 N  NH2 . ARG A 1 140 ? -5.710  -0.137  -9.046  1.00 12.11 ? 139 ARG A NH2 1 
ATOM   1106 N  N   . LYS A 1 141 ? -5.261  6.485   -8.781  1.00 9.81  ? 140 LYS A N   1 
ATOM   1107 C  CA  . LYS A 1 141 ? -5.721  7.462   -9.779  1.00 10.63 ? 140 LYS A CA  1 
ATOM   1108 C  C   . LYS A 1 141 ? -5.214  8.856   -9.414  1.00 10.37 ? 140 LYS A C   1 
ATOM   1109 O  O   . LYS A 1 141 ? -4.628  9.565   -10.251 1.00 9.13  ? 140 LYS A O   1 
ATOM   1110 C  CB  . LYS A 1 141 ? -7.247  7.458   -9.857  1.00 10.87 ? 140 LYS A CB  1 
ATOM   1111 C  CG  . LYS A 1 141 ? -7.849  8.510   -10.776 1.00 15.01 ? 140 LYS A CG  1 
ATOM   1112 C  CD  . LYS A 1 141 ? -9.332  8.720   -10.424 1.00 20.66 ? 140 LYS A CD  1 
ATOM   1113 C  CE  . LYS A 1 141 ? -9.933  9.904   -11.176 1.00 24.62 ? 140 LYS A CE  1 
ATOM   1114 N  NZ  . LYS A 1 141 ? -10.334 9.508   -12.550 1.00 28.68 ? 140 LYS A NZ  1 
ATOM   1115 N  N   . ASP A 1 142 ? -5.423  9.234   -8.152  1.00 9.89  ? 141 ASP A N   1 
ATOM   1116 C  CA  . ASP A 1 142 ? -4.994  10.559  -7.697  1.00 10.62 ? 141 ASP A CA  1 
ATOM   1117 C  C   . ASP A 1 142 ? -3.462  10.716  -7.690  1.00 10.37 ? 141 ASP A C   1 
ATOM   1118 O  O   . ASP A 1 142 ? -2.946  11.777  -8.064  1.00 10.34 ? 141 ASP A O   1 
ATOM   1119 C  CB  . ASP A 1 142 ? -5.625  10.887  -6.346  1.00 11.06 ? 141 ASP A CB  1 
ATOM   1120 C  CG  . ASP A 1 142 ? -7.125  11.146  -6.449  1.00 12.36 ? 141 ASP A CG  1 
ATOM   1121 O  OD1 . ASP A 1 142 ? -7.668  11.183  -7.584  1.00 12.80 ? 141 ASP A OD1 1 
ATOM   1122 O  OD2 . ASP A 1 142 ? -7.767  11.294  -5.387  1.00 13.58 ? 141 ASP A OD2 1 
ATOM   1123 N  N   . ILE A 1 143 ? -2.744  9.664   -7.291  1.00 10.05 ? 142 ILE A N   1 
ATOM   1124 C  CA  . ILE A 1 143 ? -1.276  9.653   -7.325  1.00 11.06 ? 142 ILE A CA  1 
ATOM   1125 C  C   . ILE A 1 143 ? -0.769  9.776   -8.757  1.00 10.49 ? 142 ILE A C   1 
ATOM   1126 O  O   . ILE A 1 143 ? 0.148   10.558  -9.036  1.00 9.91  ? 142 ILE A O   1 
ATOM   1127 C  CB  . ILE A 1 143 ? -0.694  8.355   -6.667  1.00 10.85 ? 142 ILE A CB  1 
ATOM   1128 C  CG1 . ILE A 1 143 ? -0.652  8.509   -5.154  1.00 13.29 ? 142 ILE A CG1 1 
ATOM   1129 C  CG2 . ILE A 1 143 ? 0.707   8.048   -7.178  1.00 14.95 ? 142 ILE A CG2 1 
ATOM   1130 C  CD1 . ILE A 1 143 ? 0.494   9.409   -4.653  1.00 16.94 ? 142 ILE A CD1 1 
ATOM   1131 N  N   . ALA A 1 144 ? -1.377  9.020   -9.674  1.00 10.31 ? 143 ALA A N   1 
ATOM   1132 C  CA  . ALA A 1 144 ? -0.993  9.106   -11.083 1.00 10.33 ? 143 ALA A CA  1 
ATOM   1133 C  C   . ALA A 1 144 ? -1.205  10.518  -11.651 1.00 11.07 ? 143 ALA A C   1 
ATOM   1134 O  O   . ALA A 1 144 ? -0.383  10.988  -12.441 1.00 11.25 ? 143 ALA A O   1 
ATOM   1135 C  CB  . ALA A 1 144 ? -1.748  8.073   -11.910 1.00 10.66 ? 143 ALA A CB  1 
ATOM   1136 N  N   . ALA A 1 145 ? -2.294  11.180  -11.253 1.00 10.99 ? 144 ALA A N   1 
ATOM   1137 C  CA  . ALA A 1 145 ? -2.554  12.551  -11.705 1.00 11.27 ? 144 ALA A CA  1 
ATOM   1138 C  C   . ALA A 1 145 ? -1.475  13.505  -11.182 1.00 11.52 ? 144 ALA A C   1 
ATOM   1139 O  O   . ALA A 1 145 ? -1.030  14.415  -11.894 1.00 12.09 ? 144 ALA A O   1 
ATOM   1140 C  CB  . ALA A 1 145 ? -3.941  13.013  -11.276 1.00 11.36 ? 144 ALA A CB  1 
ATOM   1141 N  N   . LYS A 1 146 ? -1.056  13.291  -9.939  1.00 11.55 ? 145 LYS A N   1 
ATOM   1142 C  CA  . LYS A 1 146 ? 0.008   14.093  -9.332  1.00 12.12 ? 145 LYS A CA  1 
ATOM   1143 C  C   . LYS A 1 146 ? 1.331   13.816  -10.014 1.00 11.46 ? 145 LYS A C   1 
ATOM   1144 O  O   . LYS A 1 146 ? 2.098   14.745  -10.267 1.00 10.21 ? 145 LYS A O   1 
ATOM   1145 C  CB  . LYS A 1 146 ? 0.109   13.808  -7.832  1.00 13.16 ? 145 LYS A CB  1 
ATOM   1146 C  CG  . LYS A 1 146 ? -0.869  14.617  -7.015  1.00 17.53 ? 145 LYS A CG  1 
ATOM   1147 C  CD  . LYS A 1 146 ? -0.312  16.036  -6.849  1.00 21.66 ? 145 LYS A CD  1 
ATOM   1148 C  CE  . LYS A 1 146 ? -1.305  16.948  -6.206  1.00 22.49 ? 145 LYS A CE  1 
ATOM   1149 N  NZ  . LYS A 1 146 ? -1.097  18.324  -6.712  1.00 22.68 ? 145 LYS A NZ  1 
ATOM   1150 N  N   . TYR A 1 147 ? 1.586   12.543  -10.343 1.00 10.89 ? 146 TYR A N   1 
ATOM   1151 C  CA  . TYR A 1 147 ? 2.810   12.164  -11.050 1.00 11.98 ? 146 TYR A CA  1 
ATOM   1152 C  C   . TYR A 1 147 ? 2.925   13.003  -12.321 1.00 12.21 ? 146 TYR A C   1 
ATOM   1153 O  O   . TYR A 1 147 ? 3.984   13.554  -12.614 1.00 12.26 ? 146 TYR A O   1 
ATOM   1154 C  CB  . TYR A 1 147 ? 2.742   10.687  -11.449 1.00 11.82 ? 146 TYR A CB  1 
ATOM   1155 C  CG  . TYR A 1 147 ? 3.337   9.701   -10.449 1.00 12.84 ? 146 TYR A CG  1 
ATOM   1156 C  CD1 . TYR A 1 147 ? 3.556   10.038  -9.111  1.00 11.58 ? 146 TYR A CD1 1 
ATOM   1157 C  CD2 . TYR A 1 147 ? 3.647   8.414   -10.853 1.00 15.18 ? 146 TYR A CD2 1 
ATOM   1158 C  CE1 . TYR A 1 147 ? 4.111   9.095   -8.207  1.00 12.62 ? 146 TYR A CE1 1 
ATOM   1159 C  CE2 . TYR A 1 147 ? 4.211   7.480   -9.977  1.00 16.32 ? 146 TYR A CE2 1 
ATOM   1160 C  CZ  . TYR A 1 147 ? 4.443   7.831   -8.660  1.00 14.08 ? 146 TYR A CZ  1 
ATOM   1161 O  OH  . TYR A 1 147 ? 5.003   6.873   -7.849  1.00 14.30 ? 146 TYR A OH  1 
ATOM   1162 N  N   . LYS A 1 148 ? 1.818   13.098  -13.052 1.00 12.61 ? 147 LYS A N   1 
ATOM   1163 C  CA  . LYS A 1 148 ? 1.802   13.830  -14.326 1.00 13.05 ? 147 LYS A CA  1 
ATOM   1164 C  C   . LYS A 1 148 ? 2.088   15.322  -14.101 1.00 13.35 ? 147 LYS A C   1 
ATOM   1165 O  O   . LYS A 1 148 ? 2.874   15.914  -14.840 1.00 13.60 ? 147 LYS A O   1 
ATOM   1166 C  CB  . LYS A 1 148 ? 0.491   13.614  -15.056 1.00 13.97 ? 147 LYS A CB  1 
ATOM   1167 N  N   . GLU A 1 149 ? 1.484   15.903  -13.066 1.00 12.98 ? 148 GLU A N   1 
ATOM   1168 C  CA  . GLU A 1 149 ? 1.736   17.306  -12.690 1.00 12.85 ? 148 GLU A CA  1 
ATOM   1169 C  C   . GLU A 1 149 ? 3.206   17.551  -12.373 1.00 12.82 ? 148 GLU A C   1 
ATOM   1170 O  O   . GLU A 1 149 ? 3.753   18.620  -12.680 1.00 12.76 ? 148 GLU A O   1 
ATOM   1171 C  CB  . GLU A 1 149 ? 0.874   17.704  -11.491 1.00 13.26 ? 148 GLU A CB  1 
ATOM   1172 C  CG  . GLU A 1 149 ? -0.606  17.790  -11.836 1.00 15.43 ? 148 GLU A CG  1 
ATOM   1173 C  CD  . GLU A 1 149 ? -1.508  17.958  -10.630 1.00 21.61 ? 148 GLU A CD  1 
ATOM   1174 O  OE1 . GLU A 1 149 ? -1.021  18.089  -9.490  1.00 23.27 ? 148 GLU A OE1 1 
ATOM   1175 O  OE2 . GLU A 1 149 ? -2.740  17.967  -10.829 1.00 25.63 ? 148 GLU A OE2 1 
ATOM   1176 N  N   . LEU A 1 150 ? 3.828   16.543  -11.770 1.00 11.74 ? 149 LEU A N   1 
ATOM   1177 C  CA  . LEU A 1 150 ? 5.218   16.598  -11.291 1.00 12.47 ? 149 LEU A CA  1 
ATOM   1178 C  C   . LEU A 1 150 ? 6.248   16.311  -12.388 1.00 13.26 ? 149 LEU A C   1 
ATOM   1179 O  O   . LEU A 1 150 ? 7.459   16.465  -12.169 1.00 13.58 ? 149 LEU A O   1 
ATOM   1180 C  CB  . LEU A 1 150 ? 5.396   15.598  -10.146 1.00 12.40 ? 149 LEU A CB  1 
ATOM   1181 C  CG  . LEU A 1 150 ? 4.660   15.953  -8.851  1.00 12.40 ? 149 LEU A CG  1 
ATOM   1182 C  CD1 . LEU A 1 150 ? 4.611   14.747  -7.918  1.00 13.93 ? 149 LEU A CD1 1 
ATOM   1183 C  CD2 . LEU A 1 150 ? 5.325   17.157  -8.154  1.00 13.02 ? 149 LEU A CD2 1 
ATOM   1184 N  N   . GLY A 1 151 ? 5.761   15.878  -13.554 1.00 13.14 ? 150 GLY A N   1 
ATOM   1185 C  CA  . GLY A 1 151 ? 6.630   15.587  -14.699 1.00 14.58 ? 150 GLY A CA  1 
ATOM   1186 C  C   . GLY A 1 151 ? 7.130   14.162  -14.851 1.00 14.95 ? 150 GLY A C   1 
ATOM   1187 O  O   . GLY A 1 151 ? 8.127   13.920  -15.561 1.00 15.36 ? 150 GLY A O   1 
ATOM   1188 N  N   . TYR A 1 152 ? 6.426   13.215  -14.220 1.00 14.39 ? 151 TYR A N   1 
ATOM   1189 C  CA  . TYR A 1 152 ? 6.802   11.799  -14.242 1.00 14.28 ? 151 TYR A CA  1 
ATOM   1190 C  C   . TYR A 1 152 ? 5.682   10.990  -14.901 1.00 14.92 ? 151 TYR A C   1 
ATOM   1191 O  O   . TYR A 1 152 ? 4.533   11.074  -14.483 1.00 15.34 ? 151 TYR A O   1 
ATOM   1192 C  CB  . TYR A 1 152 ? 7.055   11.291  -12.811 1.00 14.51 ? 151 TYR A CB  1 
ATOM   1193 C  CG  . TYR A 1 152 ? 7.443   9.827   -12.675 0.70 15.08 ? 151 TYR A CG  1 
ATOM   1194 C  CD1 . TYR A 1 152 ? 8.551   9.301   -13.337 0.70 15.80 ? 151 TYR A CD1 1 
ATOM   1195 C  CD2 . TYR A 1 152 ? 6.719   8.976   -11.844 0.70 14.68 ? 151 TYR A CD2 1 
ATOM   1196 C  CE1 . TYR A 1 152 ? 8.913   7.950   -13.194 0.70 16.42 ? 151 TYR A CE1 1 
ATOM   1197 C  CE2 . TYR A 1 152 ? 7.062   7.629   -11.697 0.70 14.96 ? 151 TYR A CE2 1 
ATOM   1198 C  CZ  . TYR A 1 152 ? 8.159   7.123   -12.369 0.70 16.88 ? 151 TYR A CZ  1 
ATOM   1199 O  OH  . TYR A 1 152 ? 8.485   5.789   -12.212 0.70 16.93 ? 151 TYR A OH  1 
ATOM   1200 N  N   . GLN A 1 153 ? 6.028   10.205  -15.920 0.50 15.03 ? 152 GLN A N   1 
ATOM   1201 C  CA  . GLN A 1 153 ? 5.036   9.440   -16.677 0.50 15.66 ? 152 GLN A CA  1 
ATOM   1202 C  C   . GLN A 1 153 ? 4.377   8.347   -15.831 0.50 16.04 ? 152 GLN A C   1 
ATOM   1203 O  O   . GLN A 1 153 ? 3.206   8.015   -16.031 0.50 16.46 ? 152 GLN A O   1 
ATOM   1204 C  CB  . GLN A 1 153 ? 5.667   8.843   -17.938 0.50 15.92 ? 152 GLN A CB  1 
ATOM   1205 N  N   . GLY A 1 154 ? 5.124   7.811   -14.877 0.50 15.97 ? 153 GLY A N   1 
ATOM   1206 C  CA  . GLY A 1 154 ? 4.610   6.761   -14.008 0.50 15.70 ? 153 GLY A CA  1 
ATOM   1207 C  C   . GLY A 1 154 ? 4.591   5.419   -14.699 0.50 15.57 ? 153 GLY A C   1 
ATOM   1208 O  O   . GLY A 1 154 ? 5.222   5.247   -15.749 0.50 15.79 ? 153 GLY A O   1 
HETATM 1209 C  CHA . HEM B 2 .   ? 9.616   5.363   1.063   1.00 8.82  ? 154 HEM A CHA 1 
HETATM 1210 C  CHB . HEM B 2 .   ? 4.830   4.955   1.604   1.00 8.60  ? 154 HEM A CHB 1 
HETATM 1211 C  CHC . HEM B 2 .   ? 4.605   2.166   -2.345  1.00 8.15  ? 154 HEM A CHC 1 
HETATM 1212 C  CHD . HEM B 2 .   ? 9.409   2.446   -2.831  1.00 8.54  ? 154 HEM A CHD 1 
HETATM 1213 C  C1A . HEM B 2 .   ? 8.335   5.527   1.546   1.00 8.29  ? 154 HEM A C1A 1 
HETATM 1214 C  C2A . HEM B 2 .   ? 7.940   6.345   2.673   1.00 8.47  ? 154 HEM A C2A 1 
HETATM 1215 C  C3A . HEM B 2 .   ? 6.608   6.227   2.816   1.00 8.00  ? 154 HEM A C3A 1 
HETATM 1216 C  C4A . HEM B 2 .   ? 6.135   5.334   1.790   1.00 7.70  ? 154 HEM A C4A 1 
HETATM 1217 C  CMA . HEM B 2 .   ? 5.697   6.918   3.855   1.00 7.51  ? 154 HEM A CMA 1 
HETATM 1218 C  CAA . HEM B 2 .   ? 8.913   7.215   3.501   1.00 9.53  ? 154 HEM A CAA 1 
HETATM 1219 C  CBA . HEM B 2 .   ? 8.809   8.694   3.090   1.00 10.40 ? 154 HEM A CBA 1 
HETATM 1220 C  CGA . HEM B 2 .   ? 8.968   8.908   1.592   1.00 11.17 ? 154 HEM A CGA 1 
HETATM 1221 O  O1A . HEM B 2 .   ? 10.097  8.679   1.082   1.00 12.92 ? 154 HEM A O1A 1 
HETATM 1222 O  O2A . HEM B 2 .   ? 7.966   9.314   0.927   1.00 13.66 ? 154 HEM A O2A 1 
HETATM 1223 C  C1B . HEM B 2 .   ? 4.347   4.194   0.565   1.00 8.91  ? 154 HEM A C1B 1 
HETATM 1224 C  C2B . HEM B 2 .   ? 2.948   3.903   0.298   1.00 9.46  ? 154 HEM A C2B 1 
HETATM 1225 C  C3B . HEM B 2 .   ? 2.893   3.123   -0.787  1.00 8.10  ? 154 HEM A C3B 1 
HETATM 1226 C  C4B . HEM B 2 .   ? 4.256   2.907   -1.246  1.00 7.79  ? 154 HEM A C4B 1 
HETATM 1227 C  CMB . HEM B 2 .   ? 1.764   4.425   1.160   1.00 8.85  ? 154 HEM A CMB 1 
HETATM 1228 C  CAB . HEM B 2 .   ? 1.645   2.540   -1.484  1.00 9.00  ? 154 HEM A CAB 1 
HETATM 1229 C  CBB . HEM B 2 .   ? 0.687   1.938   -0.771  1.00 11.88 ? 154 HEM A CBB 1 
HETATM 1230 C  C1C . HEM B 2 .   ? 5.896   1.937   -2.765  1.00 8.55  ? 154 HEM A C1C 1 
HETATM 1231 C  C2C . HEM B 2 .   ? 6.297   0.948   -3.737  1.00 8.26  ? 154 HEM A C2C 1 
HETATM 1232 C  C3C . HEM B 2 .   ? 7.630   1.020   -3.862  1.00 9.41  ? 154 HEM A C3C 1 
HETATM 1233 C  C4C . HEM B 2 .   ? 8.094   2.059   -2.962  1.00 8.04  ? 154 HEM A C4C 1 
HETATM 1234 C  CMC . HEM B 2 .   ? 5.306   0.012   -4.459  1.00 9.42  ? 154 HEM A CMC 1 
HETATM 1235 C  CAC . HEM B 2 .   ? 8.593   0.195   -4.756  1.00 8.81  ? 154 HEM A CAC 1 
HETATM 1236 C  CBC . HEM B 2 .   ? 8.177   -0.732  -5.633  1.00 11.47 ? 154 HEM A CBC 1 
HETATM 1237 C  C1D . HEM B 2 .   ? 9.908   3.223   -1.824  1.00 10.38 ? 154 HEM A C1D 1 
HETATM 1238 C  C2D . HEM B 2 .   ? 11.308  3.425   -1.575  1.00 11.17 ? 154 HEM A C2D 1 
HETATM 1239 C  C3D . HEM B 2 .   ? 11.362  4.316   -0.356  1.00 10.08 ? 154 HEM A C3D 1 
HETATM 1240 C  C4D . HEM B 2 .   ? 9.993   4.573   0.012   1.00 9.89  ? 154 HEM A C4D 1 
HETATM 1241 C  CMD . HEM B 2 .   ? 12.512  2.844   -2.347  1.00 12.22 ? 154 HEM A CMD 1 
HETATM 1242 C  CAD . HEM B 2 .   ? 12.611  4.814   0.380   1.00 9.86  ? 154 HEM A CAD 1 
HETATM 1243 C  CBD . HEM B 2 .   ? 12.982  3.634   1.290   1.00 15.44 ? 154 HEM A CBD 1 
HETATM 1244 C  CGD . HEM B 2 .   ? 14.239  4.009   2.026   1.00 18.14 ? 154 HEM A CGD 1 
HETATM 1245 O  O1D . HEM B 2 .   ? 15.338  3.860   1.419   1.00 21.06 ? 154 HEM A O1D 1 
HETATM 1246 O  O2D . HEM B 2 .   ? 14.135  4.475   3.189   1.00 16.83 ? 154 HEM A O2D 1 
HETATM 1247 N  NA  . HEM B 2 .   ? 7.214   4.918   1.033   1.00 9.17  ? 154 HEM A NA  1 
HETATM 1248 N  NB  . HEM B 2 .   ? 5.112   3.582   -0.403  1.00 8.95  ? 154 HEM A NB  1 
HETATM 1249 N  NC  . HEM B 2 .   ? 7.015   2.609   -2.300  1.00 8.02  ? 154 HEM A NC  1 
HETATM 1250 N  ND  . HEM B 2 .   ? 9.156   3.920   -0.883  1.00 9.68  ? 154 HEM A ND  1 
HETATM 1251 FE FE  . HEM B 2 .   ? 7.130   3.824   -0.687  1.00 9.31  ? 154 HEM A FE  1 
HETATM 1252 S  S   . SO4 C 3 .   ? 11.467  4.466   7.459   1.00 25.54 ? 155 SO4 A S   1 
HETATM 1253 O  O1  . SO4 C 3 .   ? 11.169  5.415   6.386   1.00 30.15 ? 155 SO4 A O1  1 
HETATM 1254 O  O2  . SO4 C 3 .   ? 10.534  4.607   8.567   1.00 27.68 ? 155 SO4 A O2  1 
HETATM 1255 O  O3  . SO4 C 3 .   ? 11.437  3.123   6.908   1.00 28.57 ? 155 SO4 A O3  1 
HETATM 1256 O  O4  . SO4 C 3 .   ? 12.804  4.747   7.970   1.00 27.51 ? 155 SO4 A O4  1 
HETATM 1257 S  S   . SO4 D 3 .   ? -2.236  13.403  15.300  1.00 21.32 ? 156 SO4 A S   1 
HETATM 1258 O  O1  . SO4 D 3 .   ? -2.468  14.416  14.268  1.00 22.99 ? 156 SO4 A O1  1 
HETATM 1259 O  O2  . SO4 D 3 .   ? -3.066  12.241  14.991  1.00 24.83 ? 156 SO4 A O2  1 
HETATM 1260 O  O3  . SO4 D 3 .   ? -0.844  12.957  15.270  1.00 21.17 ? 156 SO4 A O3  1 
HETATM 1261 O  O4  . SO4 D 3 .   ? -2.590  13.954  16.595  1.00 21.85 ? 156 SO4 A O4  1 
HETATM 1262 S  S   . SO4 E 3 .   ? 12.878  -18.738 1.794   1.00 21.66 ? 157 SO4 A S   1 
HETATM 1263 O  O1  . SO4 E 3 .   ? 12.446  -17.662 0.880   1.00 19.90 ? 157 SO4 A O1  1 
HETATM 1264 O  O2  . SO4 E 3 .   ? 11.863  -19.801 1.783   1.00 22.91 ? 157 SO4 A O2  1 
HETATM 1265 O  O3  . SO4 E 3 .   ? 14.134  -19.273 1.291   1.00 19.48 ? 157 SO4 A O3  1 
HETATM 1266 O  O4  . SO4 E 3 .   ? 13.004  -18.245 3.177   1.00 17.65 ? 157 SO4 A O4  1 
HETATM 1267 C  C1  . GOL F 4 .   ? -17.864 -7.489  4.227   1.00 18.01 ? 158 GOL A C1  1 
HETATM 1268 O  O1  . GOL F 4 .   ? -17.592 -8.067  2.963   1.00 15.56 ? 158 GOL A O1  1 
HETATM 1269 C  C2  . GOL F 4 .   ? -17.737 -8.484  5.390   1.00 18.17 ? 158 GOL A C2  1 
HETATM 1270 O  O2  . GOL F 4 .   ? -16.468 -9.059  5.392   1.00 13.15 ? 158 GOL A O2  1 
HETATM 1271 C  C3  . GOL F 4 .   ? -17.890 -7.753  6.726   1.00 19.01 ? 158 GOL A C3  1 
HETATM 1272 O  O3  . GOL F 4 .   ? -17.959 -8.705  7.776   1.00 21.03 ? 158 GOL A O3  1 
HETATM 1273 C  C1  A LCY G 5 .   ? 5.415   -1.280  -14.965 0.50 17.02 ? 200 LCY A C1  1 
HETATM 1274 C  C1  B LCY G 5 .   ? 4.561   -1.976  -15.218 0.50 19.57 ? 200 LCY A C1  1 
HETATM 1275 C  C2  A LCY G 5 .   ? 6.397   -2.434  -14.881 0.50 18.60 ? 200 LCY A C2  1 
HETATM 1276 C  C2  B LCY G 5 .   ? 5.535   -3.136  -15.197 0.50 21.12 ? 200 LCY A C2  1 
HETATM 1277 C  C3  A LCY G 5 .   ? 7.733   -1.753  -15.044 0.50 19.33 ? 200 LCY A C3  1 
HETATM 1278 C  C3  B LCY G 5 .   ? 4.616   -4.331  -15.287 0.50 21.91 ? 200 LCY A C3  1 
HETATM 1279 O  O2  A LCY G 5 .   ? 8.800   -2.353  -14.914 0.50 21.07 ? 200 LCY A O2  1 
HETATM 1280 O  O2  B LCY G 5 .   ? 5.017   -5.478  -15.204 0.50 24.10 ? 200 LCY A O2  1 
HETATM 1281 N  N1  A LCY G 5 .   ? 7.577   -0.462  -15.332 0.50 18.03 ? 200 LCY A N1  1 
HETATM 1282 N  N1  B LCY G 5 .   ? 3.354   -3.960  -15.466 0.50 22.25 ? 200 LCY A N1  1 
HETATM 1283 C  C4  A LCY G 5 .   ? 6.284   -0.167  -15.457 0.50 16.89 ? 200 LCY A C4  1 
HETATM 1284 C  C4  B LCY G 5 .   ? 3.317   -2.662  -15.725 0.50 21.68 ? 200 LCY A C4  1 
HETATM 1285 O  O1  A LCY G 5 .   ? 5.821   0.864   -15.920 0.50 16.55 ? 200 LCY A O1  1 
HETATM 1286 O  O1  B LCY G 5 .   ? 2.421   -2.096  -16.342 0.50 23.87 ? 200 LCY A O1  1 
HETATM 1287 C  C5  A LCY G 5 .   ? 8.670   0.498   -15.467 0.50 18.92 ? 200 LCY A C5  1 
HETATM 1288 C  C5  B LCY G 5 .   ? 2.187   -4.839  -15.375 0.50 22.77 ? 200 LCY A C5  1 
HETATM 1289 O  O   . HOH H 6 .   ? 6.110   -3.961  8.885   1.00 9.04  ? 159 HOH A O   1 
HETATM 1290 O  O   . HOH H 6 .   ? -14.776 -4.622  6.351   1.00 10.87 ? 160 HOH A O   1 
HETATM 1291 O  O   . HOH H 6 .   ? -2.923  2.813   10.271  1.00 8.59  ? 161 HOH A O   1 
HETATM 1292 O  O   . HOH H 6 .   ? -11.270 -12.705 10.452  1.00 7.85  ? 162 HOH A O   1 
HETATM 1293 O  O   . HOH H 6 .   ? -16.159 9.633   -0.779  1.00 8.49  ? 163 HOH A O   1 
HETATM 1294 O  O   . HOH H 6 .   ? -15.896 10.557  1.793   1.00 11.59 ? 164 HOH A O   1 
HETATM 1295 O  O   . HOH H 6 .   ? -0.656  -1.415  15.144  1.00 7.60  ? 165 HOH A O   1 
HETATM 1296 O  O   . HOH H 6 .   ? -8.648  8.404   0.901   1.00 8.78  ? 166 HOH A O   1 
HETATM 1297 O  O   . HOH H 6 .   ? 2.766   -4.978  16.723  1.00 9.23  ? 167 HOH A O   1 
HETATM 1298 O  O   . HOH H 6 .   ? -4.216  -11.087 11.489  1.00 10.30 ? 168 HOH A O   1 
HETATM 1299 O  O   . HOH H 6 .   ? -0.231  9.792   4.805   1.00 9.97  ? 169 HOH A O   1 
HETATM 1300 O  O   . HOH H 6 .   ? -0.663  2.028   11.644  1.00 10.29 ? 170 HOH A O   1 
HETATM 1301 O  O   . HOH H 6 .   ? 8.215   14.424  -0.473  1.00 11.43 ? 171 HOH A O   1 
HETATM 1302 O  O   . HOH H 6 .   ? -3.830  7.272   11.579  1.00 10.13 ? 172 HOH A O   1 
HETATM 1303 O  O   . HOH H 6 .   ? -6.480  -2.334  -6.162  1.00 13.37 ? 173 HOH A O   1 
HETATM 1304 O  O   . HOH H 6 .   ? 10.821  -7.713  8.649   1.00 13.18 ? 174 HOH A O   1 
HETATM 1305 O  O   . HOH H 6 .   ? -5.753  10.823  8.336   1.00 11.00 ? 175 HOH A O   1 
HETATM 1306 O  O   . HOH H 6 .   ? -5.288  9.705   -12.910 1.00 16.30 ? 176 HOH A O   1 
HETATM 1307 O  O   . HOH H 6 .   ? -6.007  -14.818 10.547  1.00 10.06 ? 177 HOH A O   1 
HETATM 1308 O  O   . HOH H 6 .   ? 5.942   10.809  1.945   1.00 16.95 ? 178 HOH A O   1 
HETATM 1309 O  O   . HOH H 6 .   ? 21.012  -3.395  0.128   1.00 18.24 ? 179 HOH A O   1 
HETATM 1310 O  O   . HOH H 6 .   ? -12.102 13.332  5.523   1.00 15.20 ? 180 HOH A O   1 
HETATM 1311 O  O   . HOH H 6 .   ? -5.241  -14.482 -0.002  1.00 17.13 ? 181 HOH A O   1 
HETATM 1312 O  O   . HOH H 6 .   ? -3.521  2.018   -11.387 1.00 17.27 ? 182 HOH A O   1 
HETATM 1313 O  O   . HOH H 6 .   ? 23.438  -15.883 -3.463  1.00 14.21 ? 183 HOH A O   1 
HETATM 1314 O  O   . HOH H 6 .   ? 4.187   6.954   8.040   1.00 13.67 ? 184 HOH A O   1 
HETATM 1315 O  O   . HOH H 6 .   ? -23.316 4.707   1.939   1.00 14.06 ? 185 HOH A O   1 
HETATM 1316 O  O   . HOH H 6 .   ? -20.477 -0.441  5.424   1.00 16.09 ? 186 HOH A O   1 
HETATM 1317 O  O   . HOH H 6 .   ? 15.195  5.808   -3.061  1.00 20.09 ? 187 HOH A O   1 
HETATM 1318 O  O   . HOH H 6 .   ? 17.532  -6.667  11.730  1.00 20.20 ? 188 HOH A O   1 
HETATM 1319 O  O   . HOH H 6 .   ? -5.611  -16.522 8.412   1.00 11.96 ? 189 HOH A O   1 
HETATM 1320 O  O   . HOH H 6 .   ? 22.017  -10.259 -1.946  1.00 22.61 ? 190 HOH A O   1 
HETATM 1321 O  O   . HOH H 6 .   ? -10.285 11.772  -3.890  1.00 15.59 ? 191 HOH A O   1 
HETATM 1322 O  O   . HOH H 6 .   ? 15.761  1.924   -0.367  1.00 21.32 ? 192 HOH A O   1 
HETATM 1323 O  O   . HOH H 6 .   ? 13.513  -15.186 9.805   1.00 17.54 ? 193 HOH A O   1 
HETATM 1324 O  O   . HOH H 6 .   ? -0.715  -10.247 13.993  1.00 15.44 ? 194 HOH A O   1 
HETATM 1325 O  O   . HOH H 6 .   ? 7.199   17.152  -0.733  1.00 15.73 ? 195 HOH A O   1 
HETATM 1326 O  O   . HOH H 6 .   ? -8.185  16.762  -0.156  1.00 20.22 ? 196 HOH A O   1 
HETATM 1327 O  O   . HOH H 6 .   ? 12.769  -2.376  -10.441 1.00 19.36 ? 197 HOH A O   1 
HETATM 1328 O  O   . HOH H 6 .   ? 1.010   18.316  2.230   1.00 20.96 ? 198 HOH A O   1 
HETATM 1329 O  O   . HOH H 6 .   ? 5.922   -8.873  -12.180 1.00 24.22 ? 199 HOH A O   1 
HETATM 1330 O  O   . HOH H 6 .   ? 4.258   -13.921 0.689   1.00 22.82 ? 201 HOH A O   1 
HETATM 1331 O  O   . HOH H 6 .   ? 12.295  8.035   2.502   1.00 18.12 ? 202 HOH A O   1 
HETATM 1332 O  O   . HOH H 6 .   ? 1.489   -8.145  -5.314  1.00 18.94 ? 203 HOH A O   1 
HETATM 1333 O  O   . HOH H 6 .   ? -12.141 -3.407  3.028   1.00 19.34 ? 204 HOH A O   1 
HETATM 1334 O  O   . HOH H 6 .   ? -5.875  16.439  2.740   1.00 18.25 ? 205 HOH A O   1 
HETATM 1335 O  O   . HOH H 6 .   ? 5.406   -13.575 4.883   1.00 22.52 ? 206 HOH A O   1 
HETATM 1336 O  O   . HOH H 6 .   ? -7.895  -17.148 5.294   1.00 21.77 ? 207 HOH A O   1 
HETATM 1337 O  O   . HOH H 6 .   ? -10.080 2.352   10.814  1.00 24.96 ? 208 HOH A O   1 
HETATM 1338 O  O   . HOH H 6 .   ? 3.732   -12.468 2.882   1.00 18.13 ? 209 HOH A O   1 
HETATM 1339 O  O   . HOH H 6 .   ? 14.558  -8.841  -6.865  1.00 21.62 ? 210 HOH A O   1 
HETATM 1340 O  O   . HOH H 6 .   ? -2.053  -7.364  18.836  1.00 15.13 ? 211 HOH A O   1 
HETATM 1341 O  O   . HOH H 6 .   ? -11.310 -13.024 3.065   1.00 18.99 ? 212 HOH A O   1 
HETATM 1342 O  O   . HOH H 6 .   ? -17.034 -6.995  -4.670  1.00 25.36 ? 213 HOH A O   1 
HETATM 1343 O  O   . HOH H 6 .   ? 2.091   20.649  -13.436 1.00 26.92 ? 214 HOH A O   1 
HETATM 1344 O  O   . HOH H 6 .   ? -16.383 -5.189  8.387   1.00 18.36 ? 215 HOH A O   1 
HETATM 1345 O  O   . HOH H 6 .   ? -7.978  6.703   -1.587  1.00 15.69 ? 216 HOH A O   1 
HETATM 1346 O  O   . HOH H 6 .   ? 16.162  3.044   -2.960  1.00 29.59 ? 217 HOH A O   1 
HETATM 1347 O  O   . HOH H 6 .   ? -11.982 8.552   9.060   1.00 23.40 ? 218 HOH A O   1 
HETATM 1348 O  O   . HOH H 6 .   ? 3.367   1.965   -14.695 1.00 19.29 ? 219 HOH A O   1 
HETATM 1349 O  O   . HOH H 6 .   ? -8.855  16.973  4.670   1.00 26.96 ? 220 HOH A O   1 
HETATM 1350 O  O   . HOH H 6 .   ? 17.466  -5.236  6.236   1.00 23.34 ? 221 HOH A O   1 
HETATM 1351 O  O   . HOH H 6 .   ? -2.533  15.451  -13.815 1.00 21.24 ? 222 HOH A O   1 
HETATM 1352 O  O   . HOH H 6 .   ? 17.655  -10.324 7.924   1.00 20.91 ? 223 HOH A O   1 
HETATM 1353 O  O   . HOH H 6 .   ? -21.094 5.670   8.583   1.00 33.17 ? 224 HOH A O   1 
HETATM 1354 O  O   . HOH H 6 .   ? 8.261   2.974   11.483  1.00 21.59 ? 225 HOH A O   1 
HETATM 1355 O  O   . HOH H 6 .   ? 3.358   -10.092 14.114  1.00 25.66 ? 226 HOH A O   1 
HETATM 1356 O  O   . HOH H 6 .   ? -17.325 -1.352  -3.691  1.00 18.03 ? 227 HOH A O   1 
HETATM 1357 O  O   . HOH H 6 .   ? -13.713 -3.676  12.338  1.00 27.12 ? 228 HOH A O   1 
HETATM 1358 O  O   . HOH H 6 .   ? 0.665   -14.044 8.660   1.00 26.40 ? 229 HOH A O   1 
HETATM 1359 O  O   . HOH H 6 .   ? 4.226   -11.079 9.925   1.00 27.95 ? 230 HOH A O   1 
HETATM 1360 O  O   . HOH H 6 .   ? -0.494  -13.015 5.348   1.00 26.19 ? 231 HOH A O   1 
HETATM 1361 O  O   . HOH H 6 .   ? 14.089  -19.041 -1.324  1.00 27.64 ? 232 HOH A O   1 
HETATM 1362 O  O   . HOH H 6 .   ? 2.166   -11.186 12.095  1.00 26.23 ? 233 HOH A O   1 
HETATM 1363 O  O   . HOH H 6 .   ? -11.525 18.317  0.250   1.00 35.05 ? 234 HOH A O   1 
HETATM 1364 O  O   . HOH H 6 .   ? -8.010  5.474   13.881  1.00 21.30 ? 235 HOH A O   1 
HETATM 1365 O  O   . HOH H 6 .   ? 11.778  11.152  0.689   1.00 25.84 ? 236 HOH A O   1 
HETATM 1366 O  O   . HOH H 6 .   ? 8.508   -10.484 -12.122 1.00 31.38 ? 237 HOH A O   1 
HETATM 1367 O  O   . HOH H 6 .   ? 16.902  -13.660 -3.954  1.00 25.45 ? 238 HOH A O   1 
HETATM 1368 O  O   . HOH H 6 .   ? -11.678 11.947  7.882   1.00 30.05 ? 239 HOH A O   1 
HETATM 1369 O  O   . HOH H 6 .   ? -6.257  1.191   -11.558 1.00 27.39 ? 240 HOH A O   1 
HETATM 1370 O  O   . HOH H 6 .   ? 9.882   4.805   -13.807 1.00 36.06 ? 241 HOH A O   1 
HETATM 1371 O  O   . HOH H 6 .   ? -2.517  5.514   9.946   1.00 10.52 ? 242 HOH A O   1 
HETATM 1372 O  O   . HOH H 6 .   ? -4.555  9.771   10.465  1.00 14.34 ? 243 HOH A O   1 
HETATM 1373 O  O   . HOH H 6 .   ? -6.215  9.881   12.701  1.00 21.58 ? 244 HOH A O   1 
HETATM 1374 O  O   . HOH H 6 .   ? -2.333  8.117   13.856  1.00 12.21 ? 245 HOH A O   1 
HETATM 1375 O  O   . HOH H 6 .   ? -11.063 -9.856  10.288  1.00 8.46  ? 246 HOH A O   1 
HETATM 1376 O  O   . HOH H 6 .   ? -14.162 8.974   -2.538  1.00 12.63 ? 247 HOH A O   1 
HETATM 1377 O  O   . HOH H 6 .   ? -18.141 9.672   3.285   1.00 14.36 ? 248 HOH A O   1 
HETATM 1378 O  O   . HOH H 6 .   ? -19.097 -1.271  7.779   1.00 28.12 ? 249 HOH A O   1 
HETATM 1379 O  O   . HOH H 6 .   ? -8.708  2.846   12.923  1.00 23.36 ? 250 HOH A O   1 
HETATM 1380 O  O   . HOH H 6 .   ? 0.369   -10.422 -4.412  1.00 29.78 ? 251 HOH A O   1 
HETATM 1381 O  O   . HOH H 6 .   ? 18.037  -2.712  5.708   1.00 27.84 ? 252 HOH A O   1 
HETATM 1382 O  O   . HOH H 6 .   ? 21.470  -14.107 6.270   1.00 25.96 ? 253 HOH A O   1 
HETATM 1383 O  O   . HOH H 6 .   ? 12.012  5.788   4.023   1.00 19.86 ? 254 HOH A O   1 
HETATM 1384 O  O   . HOH H 6 .   ? 7.387   1.985   0.393   1.00 11.21 ? 255 HOH A O   1 
HETATM 1385 O  O   . HOH H 6 .   ? 8.276   1.313   13.679  1.00 20.71 ? 256 HOH A O   1 
HETATM 1386 O  O   . HOH H 6 .   ? 3.889   9.978   3.526   1.00 19.21 ? 257 HOH A O   1 
HETATM 1387 O  O   . HOH H 6 .   ? 1.557   11.171  3.216   1.00 18.07 ? 258 HOH A O   1 
HETATM 1388 O  O   . HOH H 6 .   ? 10.557  14.509  -1.869  1.00 18.30 ? 259 HOH A O   1 
HETATM 1389 O  O   . HOH H 6 .   ? 4.562   18.129  -0.280  1.00 20.92 ? 260 HOH A O   1 
HETATM 1390 O  O   . HOH H 6 .   ? 1.147   15.520  4.896   1.00 28.74 ? 261 HOH A O   1 
HETATM 1391 O  O   . HOH H 6 .   ? 2.402   13.246  5.048   1.00 29.10 ? 262 HOH A O   1 
HETATM 1392 O  O   . HOH H 6 .   ? 0.811   10.409  7.162   1.00 19.85 ? 263 HOH A O   1 
HETATM 1393 O  O   . HOH H 6 .   ? 4.522   9.346   6.065   1.00 27.11 ? 264 HOH A O   1 
HETATM 1394 O  O   . HOH H 6 .   ? -1.934  11.023  10.831  1.00 21.41 ? 265 HOH A O   1 
HETATM 1395 O  O   . HOH H 6 .   ? -1.118  10.478  13.351  1.00 15.06 ? 266 HOH A O   1 
HETATM 1396 O  O   . HOH H 6 .   ? 14.450  3.768   -5.877  1.00 21.14 ? 267 HOH A O   1 
HETATM 1397 O  O   . HOH H 6 .   ? -3.532  10.897  -14.633 1.00 22.95 ? 268 HOH A O   1 
HETATM 1398 O  O   . HOH H 6 .   ? -21.159 -0.441  1.373   1.00 30.62 ? 269 HOH A O   1 
HETATM 1399 O  O   . HOH H 6 .   ? 11.913  -8.378  12.138  1.00 27.69 ? 270 HOH A O   1 
HETATM 1400 O  O   . HOH H 6 .   ? 17.638  -4.657  10.117  1.00 25.26 ? 271 HOH A O   1 
HETATM 1401 O  O   . HOH H 6 .   ? -8.094  11.695  9.470   1.00 23.84 ? 272 HOH A O   1 
HETATM 1402 O  O   . HOH H 6 .   ? -4.215  14.079  -7.654  1.00 17.33 ? 273 HOH A O   1 
HETATM 1403 O  O   . HOH H 6 .   ? -19.366 -7.936  -3.933  1.00 25.09 ? 274 HOH A O   1 
HETATM 1404 O  O   . HOH H 6 .   ? -7.899  -2.168  -9.152  1.00 19.62 ? 275 HOH A O   1 
HETATM 1405 O  O   . HOH H 6 .   ? -3.691  12.737  7.763   1.00 17.64 ? 276 HOH A O   1 
HETATM 1406 O  O   . HOH H 6 .   ? -18.316 -3.148  -1.957  1.00 22.15 ? 277 HOH A O   1 
HETATM 1407 O  O   . HOH H 6 .   ? -1.249  -14.156 10.537  1.00 28.16 ? 278 HOH A O   1 
HETATM 1408 O  O   . HOH H 6 .   ? -1.792  -15.078 6.158   1.00 31.10 ? 279 HOH A O   1 
HETATM 1409 O  O   . HOH H 6 .   ? -23.900 4.651   4.717   1.00 29.60 ? 280 HOH A O   1 
HETATM 1410 O  O   . HOH H 6 .   ? 9.555   -14.958 -6.122  1.00 30.70 ? 281 HOH A O   1 
HETATM 1411 O  O   . HOH H 6 .   ? 3.725   18.605  2.217   1.00 20.65 ? 282 HOH A O   1 
HETATM 1412 O  O   . HOH H 6 .   ? 7.302   12.560  3.387   1.00 23.88 ? 283 HOH A O   1 
# 
